data_1SKZ
# 
_entry.id   1SKZ 
# 
_audit_conform.dict_name       mmcif_pdbx.dic 
_audit_conform.dict_version    5.399 
_audit_conform.dict_location   http://mmcif.pdb.org/dictionaries/ascii/mmcif_pdbx.dic 
# 
loop_
_database_2.database_id 
_database_2.database_code 
_database_2.pdbx_database_accession 
_database_2.pdbx_DOI 
PDB   1SKZ         pdb_00001skz 10.2210/pdb1skz/pdb 
WWPDB D_1000176404 ?            ?                   
# 
loop_
_pdbx_audit_revision_history.ordinal 
_pdbx_audit_revision_history.data_content_type 
_pdbx_audit_revision_history.major_revision 
_pdbx_audit_revision_history.minor_revision 
_pdbx_audit_revision_history.revision_date 
1 'Structure model' 1 0 1997-10-22 
2 'Structure model' 1 1 2008-03-24 
3 'Structure model' 1 2 2011-07-13 
4 'Structure model' 1 3 2024-11-20 
# 
_pdbx_audit_revision_details.ordinal             1 
_pdbx_audit_revision_details.revision_ordinal    1 
_pdbx_audit_revision_details.data_content_type   'Structure model' 
_pdbx_audit_revision_details.provider            repository 
_pdbx_audit_revision_details.type                'Initial release' 
_pdbx_audit_revision_details.description         ? 
_pdbx_audit_revision_details.details             ? 
# 
loop_
_pdbx_audit_revision_group.ordinal 
_pdbx_audit_revision_group.revision_ordinal 
_pdbx_audit_revision_group.data_content_type 
_pdbx_audit_revision_group.group 
1 2 'Structure model' 'Version format compliance' 
2 3 'Structure model' 'Version format compliance' 
3 4 'Structure model' 'Data collection'           
4 4 'Structure model' 'Database references'       
5 4 'Structure model' 'Derived calculations'      
6 4 'Structure model' 'Structure summary'         
# 
loop_
_pdbx_audit_revision_category.ordinal 
_pdbx_audit_revision_category.revision_ordinal 
_pdbx_audit_revision_category.data_content_type 
_pdbx_audit_revision_category.category 
1 4 'Structure model' chem_comp_atom            
2 4 'Structure model' chem_comp_bond            
3 4 'Structure model' database_2                
4 4 'Structure model' diffrn_source             
5 4 'Structure model' pdbx_entry_details        
6 4 'Structure model' pdbx_modification_feature 
7 4 'Structure model' struct_site               
# 
loop_
_pdbx_audit_revision_item.ordinal 
_pdbx_audit_revision_item.revision_ordinal 
_pdbx_audit_revision_item.data_content_type 
_pdbx_audit_revision_item.item 
1 4 'Structure model' '_database_2.pdbx_DOI'                 
2 4 'Structure model' '_database_2.pdbx_database_accession'  
3 4 'Structure model' '_diffrn_source.pdbx_synchrotron_site' 
4 4 'Structure model' '_struct_site.pdbx_auth_asym_id'       
5 4 'Structure model' '_struct_site.pdbx_auth_comp_id'       
6 4 'Structure model' '_struct_site.pdbx_auth_seq_id'        
# 
_pdbx_database_status.status_code                     REL 
_pdbx_database_status.entry_id                        1SKZ 
_pdbx_database_status.recvd_initial_deposition_date   1997-04-16 
_pdbx_database_status.deposit_site                    ? 
_pdbx_database_status.process_site                    BNL 
_pdbx_database_status.status_code_sf                  REL 
_pdbx_database_status.status_code_mr                  ? 
_pdbx_database_status.SG_entry                        ? 
_pdbx_database_status.pdb_format_compatible           Y 
_pdbx_database_status.status_code_cs                  ? 
_pdbx_database_status.status_code_nmr_data            ? 
_pdbx_database_status.methods_development_category    ? 
# 
loop_
_audit_author.name 
_audit_author.pdbx_ordinal 
'Krengel, U.'    1 
'Dijkstra, B.W.' 2 
# 
loop_
_citation.id 
_citation.title 
_citation.journal_abbrev 
_citation.journal_volume 
_citation.page_first 
_citation.page_last 
_citation.year 
_citation.journal_id_ASTM 
_citation.country 
_citation.journal_id_ISSN 
_citation.journal_id_CSD 
_citation.book_publisher 
_citation.pdbx_database_id_PubMed 
_citation.pdbx_database_id_DOI 
primary 'X-ray structure of antistasin at 1.9 A resolution and its modelled complex with blood coagulation factor Xa.' 'EMBO J.' 
16  5151 5161 1997 EMJODG UK 0261-4189 0897 ? 9311976 10.1093/emboj/16.17.5151 
1       'Refined X-Ray Structure of Antistasin at 1.9 A Resolution' 'Hasylab Jahresbericht' ?   331  ?    1996 ?      GW ?         
2147 ? ?       ?                        
2       
'Crystallization and Preliminary Crystallographic Analysis of Antistasin, a Leech-Derived Inhibitor of Blood Coagulation Factor Xa' 
J.Mol.Biol.             231 1137 ?    1993 JMOBAK UK 0022-2836 0070 ? ?       ?                        
# 
loop_
_citation_author.citation_id 
_citation_author.name 
_citation_author.ordinal 
_citation_author.identifier_ORCID 
primary 'Lapatto, R.'       1  ? 
primary 'Krengel, U.'       2  ? 
primary 'Schreuder, H.A.'   3  ? 
primary 'Arkema, A.'        4  ? 
primary 'de Boer, B.'       5  ? 
primary 'Kalk, K.H.'        6  ? 
primary 'Hol, W.G.'         7  ? 
primary 'Grootenhuis, P.D.' 8  ? 
primary 'Mulders, J.W.'     9  ? 
primary 'Dijkema, R.'       10 ? 
primary 'Theunissen, H.J.'  11 ? 
primary 'Dijkstra, B.W.'    12 ? 
1       'Krengel, U.'       13 ? 
1       'Lapatto, R.'       14 ? 
1       'Dijkstra, B.W.'    15 ? 
2       'Schreuder, H.'     16 ? 
2       'Arkema, A.'        17 ? 
2       'De Boer, B.'       18 ? 
2       'Kalk, K.'          19 ? 
2       'Dijkema, R.'       20 ? 
2       'Mulders, J.'       21 ? 
2       'Theunissen, H.'    22 ? 
2       'Hol, W.'           23 ? 
# 
loop_
_entity.id 
_entity.type 
_entity.src_method 
_entity.pdbx_description 
_entity.formula_weight 
_entity.pdbx_number_of_molecules 
_entity.pdbx_ec 
_entity.pdbx_mutation 
_entity.pdbx_fragment 
_entity.details 
1 polymer     man ANTISTASIN     13375.696 1  ? 'Q1E, G2D, M35V' ? ? 
2 non-polymer syn 'CHLORIDE ION' 35.453    1  ? ?                ? ? 
3 water       nat water          18.015    88 ? ?                ? ? 
# 
_entity_name_com.entity_id   1 
_entity_name_com.name        'FACTOR XA INHIBITOR' 
# 
_entity_poly.entity_id                      1 
_entity_poly.type                           'polypeptide(L)' 
_entity_poly.nstd_linkage                   no 
_entity_poly.nstd_monomer                   no 
_entity_poly.pdbx_seq_one_letter_code       
;EDPFGPGCEEAGCPEGSACNIITDRCTCSGVRCRVHCPHGFQRSRYGCEFCKCRLEPMKATCDISECPEGMMCSRLTNKC
DCKIDINCRKTCPNGLKRDKLGCEYCECRPKRKLIPRLS
;
_entity_poly.pdbx_seq_one_letter_code_can   
;EDPFGPGCEEAGCPEGSACNIITDRCTCSGVRCRVHCPHGFQRSRYGCEFCKCRLEPMKATCDISECPEGMMCSRLTNKC
DCKIDINCRKTCPNGLKRDKLGCEYCECRPKRKLIPRLS
;
_entity_poly.pdbx_strand_id                 A 
_entity_poly.pdbx_target_identifier         ? 
# 
loop_
_pdbx_entity_nonpoly.entity_id 
_pdbx_entity_nonpoly.name 
_pdbx_entity_nonpoly.comp_id 
2 'CHLORIDE ION' CL  
3 water          HOH 
# 
loop_
_entity_poly_seq.entity_id 
_entity_poly_seq.num 
_entity_poly_seq.mon_id 
_entity_poly_seq.hetero 
1 1   GLU n 
1 2   ASP n 
1 3   PRO n 
1 4   PHE n 
1 5   GLY n 
1 6   PRO n 
1 7   GLY n 
1 8   CYS n 
1 9   GLU n 
1 10  GLU n 
1 11  ALA n 
1 12  GLY n 
1 13  CYS n 
1 14  PRO n 
1 15  GLU n 
1 16  GLY n 
1 17  SER n 
1 18  ALA n 
1 19  CYS n 
1 20  ASN n 
1 21  ILE n 
1 22  ILE n 
1 23  THR n 
1 24  ASP n 
1 25  ARG n 
1 26  CYS n 
1 27  THR n 
1 28  CYS n 
1 29  SER n 
1 30  GLY n 
1 31  VAL n 
1 32  ARG n 
1 33  CYS n 
1 34  ARG n 
1 35  VAL n 
1 36  HIS n 
1 37  CYS n 
1 38  PRO n 
1 39  HIS n 
1 40  GLY n 
1 41  PHE n 
1 42  GLN n 
1 43  ARG n 
1 44  SER n 
1 45  ARG n 
1 46  TYR n 
1 47  GLY n 
1 48  CYS n 
1 49  GLU n 
1 50  PHE n 
1 51  CYS n 
1 52  LYS n 
1 53  CYS n 
1 54  ARG n 
1 55  LEU n 
1 56  GLU n 
1 57  PRO n 
1 58  MET n 
1 59  LYS n 
1 60  ALA n 
1 61  THR n 
1 62  CYS n 
1 63  ASP n 
1 64  ILE n 
1 65  SER n 
1 66  GLU n 
1 67  CYS n 
1 68  PRO n 
1 69  GLU n 
1 70  GLY n 
1 71  MET n 
1 72  MET n 
1 73  CYS n 
1 74  SER n 
1 75  ARG n 
1 76  LEU n 
1 77  THR n 
1 78  ASN n 
1 79  LYS n 
1 80  CYS n 
1 81  ASP n 
1 82  CYS n 
1 83  LYS n 
1 84  ILE n 
1 85  ASP n 
1 86  ILE n 
1 87  ASN n 
1 88  CYS n 
1 89  ARG n 
1 90  LYS n 
1 91  THR n 
1 92  CYS n 
1 93  PRO n 
1 94  ASN n 
1 95  GLY n 
1 96  LEU n 
1 97  LYS n 
1 98  ARG n 
1 99  ASP n 
1 100 LYS n 
1 101 LEU n 
1 102 GLY n 
1 103 CYS n 
1 104 GLU n 
1 105 TYR n 
1 106 CYS n 
1 107 GLU n 
1 108 CYS n 
1 109 ARG n 
1 110 PRO n 
1 111 LYS n 
1 112 ARG n 
1 113 LYS n 
1 114 LEU n 
1 115 ILE n 
1 116 PRO n 
1 117 ARG n 
1 118 LEU n 
1 119 SER n 
# 
_entity_src_gen.entity_id                          1 
_entity_src_gen.pdbx_src_id                        1 
_entity_src_gen.pdbx_alt_source_flag               sample 
_entity_src_gen.pdbx_seq_type                      ? 
_entity_src_gen.pdbx_beg_seq_num                   ? 
_entity_src_gen.pdbx_end_seq_num                   ? 
_entity_src_gen.gene_src_common_name               'Mexican leech' 
_entity_src_gen.gene_src_genus                     Haementeria 
_entity_src_gen.pdbx_gene_src_gene                 ? 
_entity_src_gen.gene_src_species                   ? 
_entity_src_gen.gene_src_strain                    ? 
_entity_src_gen.gene_src_tissue                    ? 
_entity_src_gen.gene_src_tissue_fraction           ? 
_entity_src_gen.gene_src_details                   ? 
_entity_src_gen.pdbx_gene_src_fragment             ? 
_entity_src_gen.pdbx_gene_src_scientific_name      'Haementeria officinalis' 
_entity_src_gen.pdbx_gene_src_ncbi_taxonomy_id     6410 
_entity_src_gen.pdbx_gene_src_variant              ? 
_entity_src_gen.pdbx_gene_src_cell_line            ? 
_entity_src_gen.pdbx_gene_src_atcc                 ? 
_entity_src_gen.pdbx_gene_src_organ                BLOOD 
_entity_src_gen.pdbx_gene_src_organelle            ? 
_entity_src_gen.pdbx_gene_src_cell                 ? 
_entity_src_gen.pdbx_gene_src_cellular_location    ? 
_entity_src_gen.host_org_common_name               'Chinese hamster' 
_entity_src_gen.pdbx_host_org_scientific_name      'Cricetulus griseus' 
_entity_src_gen.pdbx_host_org_ncbi_taxonomy_id     10029 
_entity_src_gen.host_org_genus                     Cricetulus 
_entity_src_gen.pdbx_host_org_gene                 ? 
_entity_src_gen.pdbx_host_org_organ                ? 
_entity_src_gen.host_org_species                   ? 
_entity_src_gen.pdbx_host_org_tissue               ? 
_entity_src_gen.pdbx_host_org_tissue_fraction      ? 
_entity_src_gen.pdbx_host_org_strain               ? 
_entity_src_gen.pdbx_host_org_variant              ? 
_entity_src_gen.pdbx_host_org_cell_line            ? 
_entity_src_gen.pdbx_host_org_atcc                 ? 
_entity_src_gen.pdbx_host_org_culture_collection   ? 
_entity_src_gen.pdbx_host_org_cell                 ? 
_entity_src_gen.pdbx_host_org_organelle            ? 
_entity_src_gen.pdbx_host_org_cellular_location    ? 
_entity_src_gen.pdbx_host_org_vector_type          ? 
_entity_src_gen.pdbx_host_org_vector               PKCRE 
_entity_src_gen.host_org_details                   ? 
_entity_src_gen.expression_system_id               ? 
_entity_src_gen.plasmid_name                       ? 
_entity_src_gen.plasmid_details                    ? 
_entity_src_gen.pdbx_description                   ? 
# 
loop_
_chem_comp.id 
_chem_comp.type 
_chem_comp.mon_nstd_flag 
_chem_comp.name 
_chem_comp.pdbx_synonyms 
_chem_comp.formula 
_chem_comp.formula_weight 
ALA 'L-peptide linking' y ALANINE         ? 'C3 H7 N O2'     89.093  
ARG 'L-peptide linking' y ARGININE        ? 'C6 H15 N4 O2 1' 175.209 
ASN 'L-peptide linking' y ASPARAGINE      ? 'C4 H8 N2 O3'    132.118 
ASP 'L-peptide linking' y 'ASPARTIC ACID' ? 'C4 H7 N O4'     133.103 
CL  non-polymer         . 'CHLORIDE ION'  ? 'Cl -1'          35.453  
CYS 'L-peptide linking' y CYSTEINE        ? 'C3 H7 N O2 S'   121.158 
GLN 'L-peptide linking' y GLUTAMINE       ? 'C5 H10 N2 O3'   146.144 
GLU 'L-peptide linking' y 'GLUTAMIC ACID' ? 'C5 H9 N O4'     147.129 
GLY 'peptide linking'   y GLYCINE         ? 'C2 H5 N O2'     75.067  
HIS 'L-peptide linking' y HISTIDINE       ? 'C6 H10 N3 O2 1' 156.162 
HOH non-polymer         . WATER           ? 'H2 O'           18.015  
ILE 'L-peptide linking' y ISOLEUCINE      ? 'C6 H13 N O2'    131.173 
LEU 'L-peptide linking' y LEUCINE         ? 'C6 H13 N O2'    131.173 
LYS 'L-peptide linking' y LYSINE          ? 'C6 H15 N2 O2 1' 147.195 
MET 'L-peptide linking' y METHIONINE      ? 'C5 H11 N O2 S'  149.211 
PHE 'L-peptide linking' y PHENYLALANINE   ? 'C9 H11 N O2'    165.189 
PRO 'L-peptide linking' y PROLINE         ? 'C5 H9 N O2'     115.130 
SER 'L-peptide linking' y SERINE          ? 'C3 H7 N O3'     105.093 
THR 'L-peptide linking' y THREONINE       ? 'C4 H9 N O3'     119.119 
TYR 'L-peptide linking' y TYROSINE        ? 'C9 H11 N O3'    181.189 
VAL 'L-peptide linking' y VALINE          ? 'C5 H11 N O2'    117.146 
# 
loop_
_pdbx_poly_seq_scheme.asym_id 
_pdbx_poly_seq_scheme.entity_id 
_pdbx_poly_seq_scheme.seq_id 
_pdbx_poly_seq_scheme.mon_id 
_pdbx_poly_seq_scheme.ndb_seq_num 
_pdbx_poly_seq_scheme.pdb_seq_num 
_pdbx_poly_seq_scheme.auth_seq_num 
_pdbx_poly_seq_scheme.pdb_mon_id 
_pdbx_poly_seq_scheme.auth_mon_id 
_pdbx_poly_seq_scheme.pdb_strand_id 
_pdbx_poly_seq_scheme.pdb_ins_code 
_pdbx_poly_seq_scheme.hetero 
A 1 1   GLU 1   1   ?   ?   ?   A . n 
A 1 2   ASP 2   2   ?   ?   ?   A . n 
A 1 3   PRO 3   3   ?   ?   ?   A . n 
A 1 4   PHE 4   4   ?   ?   ?   A . n 
A 1 5   GLY 5   5   ?   ?   ?   A . n 
A 1 6   PRO 6   6   ?   ?   ?   A . n 
A 1 7   GLY 7   7   7   GLY GLY A . n 
A 1 8   CYS 8   8   8   CYS CYS A . n 
A 1 9   GLU 9   9   9   GLU GLU A . n 
A 1 10  GLU 10  10  10  GLU GLU A . n 
A 1 11  ALA 11  11  11  ALA ALA A . n 
A 1 12  GLY 12  12  12  GLY GLY A . n 
A 1 13  CYS 13  13  13  CYS CYS A . n 
A 1 14  PRO 14  14  14  PRO PRO A . n 
A 1 15  GLU 15  15  15  GLU GLU A . n 
A 1 16  GLY 16  16  16  GLY GLY A . n 
A 1 17  SER 17  17  17  SER SER A . n 
A 1 18  ALA 18  18  18  ALA ALA A . n 
A 1 19  CYS 19  19  19  CYS CYS A . n 
A 1 20  ASN 20  20  20  ASN ASN A . n 
A 1 21  ILE 21  21  21  ILE ILE A . n 
A 1 22  ILE 22  22  22  ILE ILE A . n 
A 1 23  THR 23  23  23  THR THR A . n 
A 1 24  ASP 24  24  24  ASP ASP A . n 
A 1 25  ARG 25  25  25  ARG ARG A . n 
A 1 26  CYS 26  26  26  CYS CYS A . n 
A 1 27  THR 27  27  27  THR THR A . n 
A 1 28  CYS 28  28  28  CYS CYS A . n 
A 1 29  SER 29  29  29  SER SER A . n 
A 1 30  GLY 30  30  30  GLY GLY A . n 
A 1 31  VAL 31  31  31  VAL VAL A . n 
A 1 32  ARG 32  32  32  ARG ARG A . n 
A 1 33  CYS 33  33  33  CYS CYS A . n 
A 1 34  ARG 34  34  34  ARG ARG A . n 
A 1 35  VAL 35  35  35  VAL VAL A . n 
A 1 36  HIS 36  36  36  HIS HIS A . n 
A 1 37  CYS 37  37  37  CYS CYS A . n 
A 1 38  PRO 38  38  38  PRO PRO A . n 
A 1 39  HIS 39  39  39  HIS HIS A . n 
A 1 40  GLY 40  40  40  GLY GLY A . n 
A 1 41  PHE 41  41  41  PHE PHE A . n 
A 1 42  GLN 42  42  42  GLN GLN A . n 
A 1 43  ARG 43  43  43  ARG ARG A . n 
A 1 44  SER 44  44  44  SER SER A . n 
A 1 45  ARG 45  45  45  ARG ARG A . n 
A 1 46  TYR 46  46  46  TYR TYR A . n 
A 1 47  GLY 47  47  47  GLY GLY A . n 
A 1 48  CYS 48  48  48  CYS CYS A . n 
A 1 49  GLU 49  49  49  GLU GLU A . n 
A 1 50  PHE 50  50  50  PHE PHE A . n 
A 1 51  CYS 51  51  51  CYS CYS A . n 
A 1 52  LYS 52  52  52  LYS LYS A . n 
A 1 53  CYS 53  53  53  CYS CYS A . n 
A 1 54  ARG 54  54  54  ARG ARG A . n 
A 1 55  LEU 55  55  55  LEU LEU A . n 
A 1 56  GLU 56  56  56  GLU GLU A . n 
A 1 57  PRO 57  57  57  PRO PRO A . n 
A 1 58  MET 58  58  58  MET MET A . n 
A 1 59  LYS 59  59  59  LYS LYS A . n 
A 1 60  ALA 60  60  60  ALA ALA A . n 
A 1 61  THR 61  61  61  THR THR A . n 
A 1 62  CYS 62  62  62  CYS CYS A . n 
A 1 63  ASP 63  63  63  ASP ASP A . n 
A 1 64  ILE 64  64  64  ILE ILE A . n 
A 1 65  SER 65  65  65  SER SER A . n 
A 1 66  GLU 66  66  66  GLU GLU A . n 
A 1 67  CYS 67  67  67  CYS CYS A . n 
A 1 68  PRO 68  68  68  PRO PRO A . n 
A 1 69  GLU 69  69  69  GLU GLU A . n 
A 1 70  GLY 70  70  70  GLY GLY A . n 
A 1 71  MET 71  71  71  MET MET A . n 
A 1 72  MET 72  72  72  MET MET A . n 
A 1 73  CYS 73  73  73  CYS CYS A . n 
A 1 74  SER 74  74  74  SER SER A . n 
A 1 75  ARG 75  75  75  ARG ARG A . n 
A 1 76  LEU 76  76  76  LEU LEU A . n 
A 1 77  THR 77  77  77  THR THR A . n 
A 1 78  ASN 78  78  78  ASN ASN A . n 
A 1 79  LYS 79  79  79  LYS LYS A . n 
A 1 80  CYS 80  80  80  CYS CYS A . n 
A 1 81  ASP 81  81  81  ASP ASP A . n 
A 1 82  CYS 82  82  82  CYS CYS A . n 
A 1 83  LYS 83  83  83  LYS LYS A . n 
A 1 84  ILE 84  84  84  ILE ILE A . n 
A 1 85  ASP 85  85  85  ASP ASP A . n 
A 1 86  ILE 86  86  86  ILE ILE A . n 
A 1 87  ASN 87  87  87  ASN ASN A . n 
A 1 88  CYS 88  88  88  CYS CYS A . n 
A 1 89  ARG 89  89  89  ARG ARG A . n 
A 1 90  LYS 90  90  90  LYS LYS A . n 
A 1 91  THR 91  91  91  THR THR A . n 
A 1 92  CYS 92  92  92  CYS CYS A . n 
A 1 93  PRO 93  93  93  PRO PRO A . n 
A 1 94  ASN 94  94  94  ASN ASN A . n 
A 1 95  GLY 95  95  95  GLY GLY A . n 
A 1 96  LEU 96  96  96  LEU LEU A . n 
A 1 97  LYS 97  97  97  LYS LYS A . n 
A 1 98  ARG 98  98  98  ARG ARG A . n 
A 1 99  ASP 99  99  99  ASP ASP A . n 
A 1 100 LYS 100 100 100 LYS LYS A . n 
A 1 101 LEU 101 101 101 LEU LEU A . n 
A 1 102 GLY 102 102 102 GLY GLY A . n 
A 1 103 CYS 103 103 103 CYS CYS A . n 
A 1 104 GLU 104 104 104 GLU GLU A . n 
A 1 105 TYR 105 105 105 TYR TYR A . n 
A 1 106 CYS 106 106 106 CYS CYS A . n 
A 1 107 GLU 107 107 107 GLU GLU A . n 
A 1 108 CYS 108 108 108 CYS CYS A . n 
A 1 109 ARG 109 109 109 ARG ARG A . n 
A 1 110 PRO 110 110 110 PRO PRO A . n 
A 1 111 LYS 111 111 ?   ?   ?   A . n 
A 1 112 ARG 112 112 ?   ?   ?   A . n 
A 1 113 LYS 113 113 ?   ?   ?   A . n 
A 1 114 LEU 114 114 ?   ?   ?   A . n 
A 1 115 ILE 115 115 ?   ?   ?   A . n 
A 1 116 PRO 116 116 ?   ?   ?   A . n 
A 1 117 ARG 117 117 ?   ?   ?   A . n 
A 1 118 LEU 118 118 ?   ?   ?   A . n 
A 1 119 SER 119 119 ?   ?   ?   A . n 
# 
loop_
_pdbx_nonpoly_scheme.asym_id 
_pdbx_nonpoly_scheme.entity_id 
_pdbx_nonpoly_scheme.mon_id 
_pdbx_nonpoly_scheme.ndb_seq_num 
_pdbx_nonpoly_scheme.pdb_seq_num 
_pdbx_nonpoly_scheme.auth_seq_num 
_pdbx_nonpoly_scheme.pdb_mon_id 
_pdbx_nonpoly_scheme.auth_mon_id 
_pdbx_nonpoly_scheme.pdb_strand_id 
_pdbx_nonpoly_scheme.pdb_ins_code 
B 2 CL  1  201 201 CL  CL  A . 
C 3 HOH 1  301 301 HOH HOH A . 
C 3 HOH 2  302 302 HOH HOH A . 
C 3 HOH 3  303 303 HOH HOH A . 
C 3 HOH 4  304 304 HOH HOH A . 
C 3 HOH 5  305 305 HOH HOH A . 
C 3 HOH 6  306 306 HOH HOH A . 
C 3 HOH 7  307 307 HOH HOH A . 
C 3 HOH 8  308 308 HOH HOH A . 
C 3 HOH 9  309 309 HOH HOH A . 
C 3 HOH 10 310 310 HOH HOH A . 
C 3 HOH 11 311 311 HOH HOH A . 
C 3 HOH 12 312 312 HOH HOH A . 
C 3 HOH 13 313 313 HOH HOH A . 
C 3 HOH 14 314 314 HOH HOH A . 
C 3 HOH 15 315 315 HOH HOH A . 
C 3 HOH 16 316 316 HOH HOH A . 
C 3 HOH 17 317 317 HOH HOH A . 
C 3 HOH 18 318 318 HOH HOH A . 
C 3 HOH 19 319 319 HOH HOH A . 
C 3 HOH 20 320 320 HOH HOH A . 
C 3 HOH 21 321 321 HOH HOH A . 
C 3 HOH 22 322 322 HOH HOH A . 
C 3 HOH 23 323 323 HOH HOH A . 
C 3 HOH 24 324 324 HOH HOH A . 
C 3 HOH 25 325 325 HOH HOH A . 
C 3 HOH 26 326 326 HOH HOH A . 
C 3 HOH 27 327 327 HOH HOH A . 
C 3 HOH 28 328 328 HOH HOH A . 
C 3 HOH 29 329 329 HOH HOH A . 
C 3 HOH 30 330 330 HOH HOH A . 
C 3 HOH 31 331 331 HOH HOH A . 
C 3 HOH 32 332 332 HOH HOH A . 
C 3 HOH 33 333 333 HOH HOH A . 
C 3 HOH 34 334 334 HOH HOH A . 
C 3 HOH 35 335 335 HOH HOH A . 
C 3 HOH 36 336 336 HOH HOH A . 
C 3 HOH 37 337 337 HOH HOH A . 
C 3 HOH 38 338 338 HOH HOH A . 
C 3 HOH 39 339 339 HOH HOH A . 
C 3 HOH 40 340 340 HOH HOH A . 
C 3 HOH 41 341 341 HOH HOH A . 
C 3 HOH 42 342 342 HOH HOH A . 
C 3 HOH 43 343 343 HOH HOH A . 
C 3 HOH 44 344 344 HOH HOH A . 
C 3 HOH 45 345 345 HOH HOH A . 
C 3 HOH 46 346 346 HOH HOH A . 
C 3 HOH 47 347 347 HOH HOH A . 
C 3 HOH 48 348 348 HOH HOH A . 
C 3 HOH 49 349 349 HOH HOH A . 
C 3 HOH 50 350 350 HOH HOH A . 
C 3 HOH 51 351 351 HOH HOH A . 
C 3 HOH 52 352 352 HOH HOH A . 
C 3 HOH 53 353 353 HOH HOH A . 
C 3 HOH 54 354 354 HOH HOH A . 
C 3 HOH 55 355 355 HOH HOH A . 
C 3 HOH 56 356 356 HOH HOH A . 
C 3 HOH 57 357 357 HOH HOH A . 
C 3 HOH 58 358 358 HOH HOH A . 
C 3 HOH 59 359 359 HOH HOH A . 
C 3 HOH 60 360 360 HOH HOH A . 
C 3 HOH 61 361 361 HOH HOH A . 
C 3 HOH 62 362 362 HOH HOH A . 
C 3 HOH 63 363 363 HOH HOH A . 
C 3 HOH 64 364 364 HOH HOH A . 
C 3 HOH 65 365 365 HOH HOH A . 
C 3 HOH 66 366 366 HOH HOH A . 
C 3 HOH 67 367 367 HOH HOH A . 
C 3 HOH 68 368 368 HOH HOH A . 
C 3 HOH 69 369 369 HOH HOH A . 
C 3 HOH 70 370 370 HOH HOH A . 
C 3 HOH 71 371 371 HOH HOH A . 
C 3 HOH 72 372 372 HOH HOH A . 
C 3 HOH 73 373 373 HOH HOH A . 
C 3 HOH 74 374 374 HOH HOH A . 
C 3 HOH 75 375 375 HOH HOH A . 
C 3 HOH 76 376 376 HOH HOH A . 
C 3 HOH 77 377 377 HOH HOH A . 
C 3 HOH 78 378 378 HOH HOH A . 
C 3 HOH 79 379 379 HOH HOH A . 
C 3 HOH 80 380 380 HOH HOH A . 
C 3 HOH 81 381 381 HOH HOH A . 
C 3 HOH 82 382 382 HOH HOH A . 
C 3 HOH 83 383 383 HOH HOH A . 
C 3 HOH 84 384 384 HOH HOH A . 
C 3 HOH 85 385 385 HOH HOH A . 
C 3 HOH 86 386 386 HOH HOH A . 
C 3 HOH 87 387 387 HOH HOH A . 
C 3 HOH 88 388 388 HOH HOH A . 
# 
loop_
_software.name 
_software.classification 
_software.version 
_software.citation_id 
_software.pdbx_ordinal 
XDS    'data scaling'   .     ? 1 
XSCALE 'data scaling'   .     ? 2 
X-PLOR 'model building' 3.843 ? 3 
X-PLOR refinement       3.843 ? 4 
XDS    'data reduction' .     ? 5 
X-PLOR phasing          3.843 ? 6 
# 
_cell.entry_id           1SKZ 
_cell.length_a           76.500 
_cell.length_b           76.500 
_cell.length_c           86.600 
_cell.angle_alpha        90.00 
_cell.angle_beta         90.00 
_cell.angle_gamma        90.00 
_cell.Z_PDB              16 
_cell.pdbx_unique_axis   ? 
# 
_symmetry.entry_id                         1SKZ 
_symmetry.space_group_name_H-M             'I 4 2 2' 
_symmetry.pdbx_full_space_group_name_H-M   ? 
_symmetry.cell_setting                     ? 
_symmetry.Int_Tables_number                97 
# 
_exptl.entry_id          1SKZ 
_exptl.method            'X-RAY DIFFRACTION' 
_exptl.crystals_number   2 
# 
_exptl_crystal.id                    1 
_exptl_crystal.density_meas          ? 
_exptl_crystal.density_Matthews      2.1 
_exptl_crystal.density_percent_sol   41.8 
_exptl_crystal.description           
;THE FINAL HIGH RESOLUTION DATA SET WAS OBTAINED BY SCALING 3 PARTIAL DATA SETS, ONE FROM DESY (TO 1.9 A) AND TWO DATA SETS COLLECTED IN HOUSE (BOTH TO 2.5 A).
;
# 
_exptl_crystal_grow.crystal_id      1 
_exptl_crystal_grow.method          'VAPOR DIFFUSION, HANGING DROP' 
_exptl_crystal_grow.temp            ? 
_exptl_crystal_grow.temp_details    ? 
_exptl_crystal_grow.pH              6.0 
_exptl_crystal_grow.pdbx_pH_range   ? 
_exptl_crystal_grow.pdbx_details    
;EQUILIBRATION AGAINST 100 MM NA CITRATE (PH6.0), 1MM PMSF, 10 MM NA AZIDE, 31% (W/V) AMMONIUM SULFATE, 2.75 M NA CHLORIDE IN HANGING DROPS. FOR CRYO EXPERIMENTS TRANSFER TO 100 MM NA CITRATE (PH6.0), 30% (W/V) AMMONIUM SULFATE, 2.2 M NA CHLORIDE, 20% GLYCEROL, AFTER PREEQUILIBRATION AGAINST THIS SOLUTION., vapor diffusion - hanging drop
;
# 
_diffrn.id                     1 
_diffrn.ambient_temp           100 
_diffrn.ambient_temp_details   ? 
_diffrn.crystal_id             1 
# 
_diffrn_detector.diffrn_id              1 
_diffrn_detector.detector               'IMAGE PLATE' 
_diffrn_detector.type                   MARRESEARCH 
_diffrn_detector.pdbx_collection_date   1996-09 
_diffrn_detector.details                ? 
# 
_diffrn_radiation.diffrn_id                        1 
_diffrn_radiation.wavelength_id                    1 
_diffrn_radiation.pdbx_monochromatic_or_laue_m_l   M 
_diffrn_radiation.monochromator                    ? 
_diffrn_radiation.pdbx_diffrn_protocol             ? 
_diffrn_radiation.pdbx_scattering_type             x-ray 
# 
_diffrn_radiation_wavelength.id           1 
_diffrn_radiation_wavelength.wavelength   0.99 
_diffrn_radiation_wavelength.wt           1.0 
# 
_diffrn_source.diffrn_id                   1 
_diffrn_source.source                      SYNCHROTRON 
_diffrn_source.type                        'EMBL/DESY, HAMBURG BEAMLINE BW7A' 
_diffrn_source.pdbx_synchrotron_site       'EMBL/DESY, HAMBURG' 
_diffrn_source.pdbx_synchrotron_beamline   BW7A 
_diffrn_source.pdbx_wavelength             0.99 
_diffrn_source.pdbx_wavelength_list        ? 
# 
_reflns.entry_id                     1SKZ 
_reflns.observed_criterion_sigma_I   0.0 
_reflns.observed_criterion_sigma_F   ? 
_reflns.d_resolution_low             9.9 
_reflns.d_resolution_high            1.9 
_reflns.number_obs                   10300 
_reflns.number_all                   ? 
_reflns.percent_possible_obs         95. 
_reflns.pdbx_Rmerge_I_obs            0.08 
_reflns.pdbx_Rsym_value              0.38 
_reflns.pdbx_netI_over_sigmaI        173. 
_reflns.B_iso_Wilson_estimate        ? 
_reflns.pdbx_redundancy              9.7 
_reflns.pdbx_diffrn_id               1 
_reflns.pdbx_ordinal                 1 
# 
_reflns_shell.d_res_high             1.9 
_reflns_shell.d_res_low              2.0 
_reflns_shell.percent_possible_all   92. 
_reflns_shell.Rmerge_I_obs           0.071 
_reflns_shell.pdbx_Rsym_value        0.071 
_reflns_shell.meanI_over_sigI_obs    110 
_reflns_shell.pdbx_redundancy        8.2 
_reflns_shell.pdbx_diffrn_id         ? 
_reflns_shell.pdbx_ordinal           1 
# 
_refine.entry_id                                 1SKZ 
_refine.ls_number_reflns_obs                     9103 
_refine.ls_number_reflns_all                     ? 
_refine.pdbx_ls_sigma_I                          ? 
_refine.pdbx_ls_sigma_F                          0.0 
_refine.pdbx_data_cutoff_high_absF               ? 
_refine.pdbx_data_cutoff_low_absF                ? 
_refine.pdbx_data_cutoff_high_rms_absF           ? 
_refine.ls_d_res_low                             5.0 
_refine.ls_d_res_high                            1.9 
_refine.ls_percent_reflns_obs                    94. 
_refine.ls_R_factor_obs                          0.217 
_refine.ls_R_factor_all                          ? 
_refine.ls_R_factor_R_work                       0.217 
_refine.ls_R_factor_R_free                       ? 
_refine.ls_R_factor_R_free_error                 ? 
_refine.ls_R_factor_R_free_error_details         ? 
_refine.ls_percent_reflns_R_free                 10. 
_refine.ls_number_reflns_R_free                  ? 
_refine.ls_number_parameters                     ? 
_refine.ls_number_restraints                     ? 
_refine.occupancy_min                            ? 
_refine.occupancy_max                            ? 
_refine.B_iso_mean                               26.0 
_refine.aniso_B[1][1]                            ? 
_refine.aniso_B[2][2]                            ? 
_refine.aniso_B[3][3]                            ? 
_refine.aniso_B[1][2]                            ? 
_refine.aniso_B[1][3]                            ? 
_refine.aniso_B[2][3]                            ? 
_refine.solvent_model_details                    ? 
_refine.solvent_model_param_ksol                 ? 
_refine.solvent_model_param_bsol                 ? 
_refine.pdbx_ls_cross_valid_method               THROUGHOUT 
_refine.details                                  
;DURING THE REFINEMENT, 10% OF THE REFLECTIONS WERE SET ASIDE TO CALCULATE THE FREE R-FACTOR. THE LAST ROUND OF REFINEMENT, WHICH RESULTED IN AN R-FACTOR 0.215 AND A FREE R-FACTOR OF 0.274, WAS THEN REPEATED WITH ALL THE REFLECTIONS FOR THE FINAL RESULTS.
;
_refine.pdbx_starting_model                      ? 
_refine.pdbx_method_to_determine_struct          MIR 
_refine.pdbx_isotropic_thermal_model             ? 
_refine.pdbx_stereochemistry_target_values       ? 
_refine.pdbx_stereochem_target_val_spec_case     ? 
_refine.pdbx_R_Free_selection_details            ? 
_refine.pdbx_overall_ESU_R                       ? 
_refine.pdbx_overall_ESU_R_Free                  ? 
_refine.overall_SU_ML                            ? 
_refine.overall_SU_B                             ? 
_refine.pdbx_refine_id                           'X-RAY DIFFRACTION' 
_refine.pdbx_diffrn_id                           1 
_refine.pdbx_TLS_residual_ADP_flag               ? 
_refine.correlation_coeff_Fo_to_Fc               ? 
_refine.correlation_coeff_Fo_to_Fc_free          ? 
_refine.pdbx_solvent_vdw_probe_radii             ? 
_refine.pdbx_solvent_ion_probe_radii             ? 
_refine.pdbx_solvent_shrinkage_radii             ? 
_refine.pdbx_overall_phase_error                 ? 
_refine.overall_SU_R_Cruickshank_DPI             ? 
_refine.pdbx_overall_SU_R_free_Cruickshank_DPI   ? 
_refine.pdbx_overall_SU_R_Blow_DPI               ? 
_refine.pdbx_overall_SU_R_free_Blow_DPI          ? 
# 
_refine_analyze.entry_id                        1SKZ 
_refine_analyze.Luzzati_coordinate_error_obs    0.28 
_refine_analyze.Luzzati_sigma_a_obs             ? 
_refine_analyze.Luzzati_d_res_low_obs           ? 
_refine_analyze.Luzzati_coordinate_error_free   ? 
_refine_analyze.Luzzati_sigma_a_free            ? 
_refine_analyze.Luzzati_d_res_low_free          ? 
_refine_analyze.number_disordered_residues      ? 
_refine_analyze.occupancy_sum_hydrogen          ? 
_refine_analyze.occupancy_sum_non_hydrogen      ? 
_refine_analyze.pdbx_refine_id                  'X-RAY DIFFRACTION' 
# 
_refine_hist.pdbx_refine_id                   'X-RAY DIFFRACTION' 
_refine_hist.cycle_id                         LAST 
_refine_hist.pdbx_number_atoms_protein        790 
_refine_hist.pdbx_number_atoms_nucleic_acid   0 
_refine_hist.pdbx_number_atoms_ligand         1 
_refine_hist.number_atoms_solvent             88 
_refine_hist.number_atoms_total               879 
_refine_hist.d_res_high                       1.9 
_refine_hist.d_res_low                        5.0 
# 
loop_
_refine_ls_restr.type 
_refine_ls_restr.dev_ideal 
_refine_ls_restr.dev_ideal_target 
_refine_ls_restr.weight 
_refine_ls_restr.number 
_refine_ls_restr.pdbx_refine_id 
_refine_ls_restr.pdbx_restraint_function 
x_bond_d                0.015 ? ? ? 'X-RAY DIFFRACTION' ? 
x_bond_d_na             ?     ? ? ? 'X-RAY DIFFRACTION' ? 
x_bond_d_prot           ?     ? ? ? 'X-RAY DIFFRACTION' ? 
x_angle_d               ?     ? ? ? 'X-RAY DIFFRACTION' ? 
x_angle_d_na            ?     ? ? ? 'X-RAY DIFFRACTION' ? 
x_angle_d_prot          ?     ? ? ? 'X-RAY DIFFRACTION' ? 
x_angle_deg             1.49  ? ? ? 'X-RAY DIFFRACTION' ? 
x_angle_deg_na          ?     ? ? ? 'X-RAY DIFFRACTION' ? 
x_angle_deg_prot        ?     ? ? ? 'X-RAY DIFFRACTION' ? 
x_dihedral_angle_d      26.6  ? ? ? 'X-RAY DIFFRACTION' ? 
x_dihedral_angle_d_na   ?     ? ? ? 'X-RAY DIFFRACTION' ? 
x_dihedral_angle_d_prot ?     ? ? ? 'X-RAY DIFFRACTION' ? 
x_improper_angle_d      2.5   ? ? ? 'X-RAY DIFFRACTION' ? 
x_improper_angle_d_na   ?     ? ? ? 'X-RAY DIFFRACTION' ? 
x_improper_angle_d_prot ?     ? ? ? 'X-RAY DIFFRACTION' ? 
x_mcbond_it             2.0   ? ? ? 'X-RAY DIFFRACTION' ? 
x_mcangle_it            3.3   ? ? ? 'X-RAY DIFFRACTION' ? 
x_scbond_it             2.0   ? ? ? 'X-RAY DIFFRACTION' ? 
x_scangle_it            3.3   ? ? ? 'X-RAY DIFFRACTION' ? 
# 
_refine_ls_shell.pdbx_total_number_of_bins_used   8 
_refine_ls_shell.d_res_high                       1.9 
_refine_ls_shell.d_res_low                        1.98 
_refine_ls_shell.number_reflns_R_work             1083 
_refine_ls_shell.R_factor_R_work                  0.323 
_refine_ls_shell.percent_reflns_obs               92. 
_refine_ls_shell.R_factor_R_free                  ? 
_refine_ls_shell.R_factor_R_free_error            ? 
_refine_ls_shell.percent_reflns_R_free            ? 
_refine_ls_shell.number_reflns_R_free             ? 
_refine_ls_shell.pdbx_refine_id                   'X-RAY DIFFRACTION' 
_refine_ls_shell.number_reflns_all                ? 
_refine_ls_shell.R_factor_all                     ? 
# 
loop_
_pdbx_xplor_file.serial_no 
_pdbx_xplor_file.param_file 
_pdbx_xplor_file.topol_file 
_pdbx_xplor_file.pdbx_refine_id 
1 PARHCSDX.PRO TOPHCSDX.PRO 'X-RAY DIFFRACTION' 
2 PARAM19.WAT  TOPH19.WAT   'X-RAY DIFFRACTION' 
3 PARAM.CL     TOPH.CL      'X-RAY DIFFRACTION' 
# 
_struct.entry_id                  1SKZ 
_struct.title                     'PROTEASE INHIBITOR' 
_struct.pdbx_model_details        ? 
_struct.pdbx_CASP_flag            ? 
_struct.pdbx_model_type_details   ? 
# 
_struct_keywords.entry_id        1SKZ 
_struct_keywords.pdbx_keywords   'SERINE PROTEASE INHIBITOR' 
_struct_keywords.text            'ANTISTASIN, FACTOR XA INHIBITOR, SERINE PROTEASE INHIBITOR, THROMBOSIS' 
# 
loop_
_struct_asym.id 
_struct_asym.pdbx_blank_PDB_chainid_flag 
_struct_asym.pdbx_modified 
_struct_asym.entity_id 
_struct_asym.details 
A N N 1 ? 
B N N 2 ? 
C N N 3 ? 
# 
_struct_ref.id                         1 
_struct_ref.db_name                    UNP 
_struct_ref.db_code                    ANTA_HAEOF 
_struct_ref.entity_id                  1 
_struct_ref.pdbx_db_accession          P15358 
_struct_ref.pdbx_align_begin           1 
_struct_ref.pdbx_seq_one_letter_code   
;EDPFGPGCEEAGCPEGSACNIITDRCTCSGVRCRVHCPHGFQRSRYGCEFCKCRLEPMKATCDISECPEGMMCSRLTNKC
DCKIDINCRKTCPNGLKRDKLGCEYCECRPKRKLIPRLS
;
_struct_ref.pdbx_db_isoform            ? 
# 
_struct_ref_seq.align_id                      1 
_struct_ref_seq.ref_id                        1 
_struct_ref_seq.pdbx_PDB_id_code              1SKZ 
_struct_ref_seq.pdbx_strand_id                A 
_struct_ref_seq.seq_align_beg                 1 
_struct_ref_seq.pdbx_seq_align_beg_ins_code   ? 
_struct_ref_seq.seq_align_end                 119 
_struct_ref_seq.pdbx_seq_align_end_ins_code   ? 
_struct_ref_seq.pdbx_db_accession             P15358 
_struct_ref_seq.db_align_beg                  1 
_struct_ref_seq.pdbx_db_align_beg_ins_code    ? 
_struct_ref_seq.db_align_end                  119 
_struct_ref_seq.pdbx_db_align_end_ins_code    ? 
_struct_ref_seq.pdbx_auth_seq_align_beg       1 
_struct_ref_seq.pdbx_auth_seq_align_end       119 
# 
_pdbx_struct_assembly.id                   1 
_pdbx_struct_assembly.details              author_defined_assembly 
_pdbx_struct_assembly.method_details       ? 
_pdbx_struct_assembly.oligomeric_details   dimeric 
_pdbx_struct_assembly.oligomeric_count     2 
# 
_pdbx_struct_assembly_gen.assembly_id       1 
_pdbx_struct_assembly_gen.oper_expression   1,2 
_pdbx_struct_assembly_gen.asym_id_list      A,B,C 
# 
loop_
_pdbx_struct_oper_list.id 
_pdbx_struct_oper_list.type 
_pdbx_struct_oper_list.name 
_pdbx_struct_oper_list.symmetry_operation 
_pdbx_struct_oper_list.matrix[1][1] 
_pdbx_struct_oper_list.matrix[1][2] 
_pdbx_struct_oper_list.matrix[1][3] 
_pdbx_struct_oper_list.vector[1] 
_pdbx_struct_oper_list.matrix[2][1] 
_pdbx_struct_oper_list.matrix[2][2] 
_pdbx_struct_oper_list.matrix[2][3] 
_pdbx_struct_oper_list.vector[2] 
_pdbx_struct_oper_list.matrix[3][1] 
_pdbx_struct_oper_list.matrix[3][2] 
_pdbx_struct_oper_list.matrix[3][3] 
_pdbx_struct_oper_list.vector[3] 
1 'identity operation'         1_555 x,y,z   1.0000000000  0.0000000000  0.0000000000  0.0000000000 0.0000000000  1.0000000000  0.0000000000 0.0000000000   0.0000000000  0.0000000000 1.0000000000 0.0000000000  
2 'crystal symmetry operation' 6_555 x,-y,-z -0.9992245492 -0.0271918540 -0.0284763632 1.7876390436 -0.0271918540 -0.0464940287 0.9985484006 -18.0427519634 -0.0284763632 0.9985484006 0.0457185780 17.2775610521 
# 
_struct_biol.id   1 
# 
_struct_conf.conf_type_id            HELX_P 
_struct_conf.id                      HELX_P1 
_struct_conf.pdbx_PDB_helix_id       1 
_struct_conf.beg_label_comp_id       CYS 
_struct_conf.beg_label_asym_id       A 
_struct_conf.beg_label_seq_id        8 
_struct_conf.pdbx_beg_PDB_ins_code   ? 
_struct_conf.end_label_comp_id       ALA 
_struct_conf.end_label_asym_id       A 
_struct_conf.end_label_seq_id        11 
_struct_conf.pdbx_end_PDB_ins_code   ? 
_struct_conf.beg_auth_comp_id        CYS 
_struct_conf.beg_auth_asym_id        A 
_struct_conf.beg_auth_seq_id         8 
_struct_conf.end_auth_comp_id        ALA 
_struct_conf.end_auth_asym_id        A 
_struct_conf.end_auth_seq_id         11 
_struct_conf.pdbx_PDB_helix_class    1 
_struct_conf.details                 ? 
_struct_conf.pdbx_PDB_helix_length   4 
# 
_struct_conf_type.id          HELX_P 
_struct_conf_type.criteria    ? 
_struct_conf_type.reference   ? 
# 
loop_
_struct_conn.id 
_struct_conn.conn_type_id 
_struct_conn.pdbx_leaving_atom_flag 
_struct_conn.pdbx_PDB_id 
_struct_conn.ptnr1_label_asym_id 
_struct_conn.ptnr1_label_comp_id 
_struct_conn.ptnr1_label_seq_id 
_struct_conn.ptnr1_label_atom_id 
_struct_conn.pdbx_ptnr1_label_alt_id 
_struct_conn.pdbx_ptnr1_PDB_ins_code 
_struct_conn.pdbx_ptnr1_standard_comp_id 
_struct_conn.ptnr1_symmetry 
_struct_conn.ptnr2_label_asym_id 
_struct_conn.ptnr2_label_comp_id 
_struct_conn.ptnr2_label_seq_id 
_struct_conn.ptnr2_label_atom_id 
_struct_conn.pdbx_ptnr2_label_alt_id 
_struct_conn.pdbx_ptnr2_PDB_ins_code 
_struct_conn.ptnr1_auth_asym_id 
_struct_conn.ptnr1_auth_comp_id 
_struct_conn.ptnr1_auth_seq_id 
_struct_conn.ptnr2_auth_asym_id 
_struct_conn.ptnr2_auth_comp_id 
_struct_conn.ptnr2_auth_seq_id 
_struct_conn.ptnr2_symmetry 
_struct_conn.pdbx_ptnr3_label_atom_id 
_struct_conn.pdbx_ptnr3_label_seq_id 
_struct_conn.pdbx_ptnr3_label_comp_id 
_struct_conn.pdbx_ptnr3_label_asym_id 
_struct_conn.pdbx_ptnr3_label_alt_id 
_struct_conn.pdbx_ptnr3_PDB_ins_code 
_struct_conn.details 
_struct_conn.pdbx_dist_value 
_struct_conn.pdbx_value_order 
_struct_conn.pdbx_role 
disulf1  disulf ? ? A CYS 8  SG ? ? ? 1_555 A CYS 19  SG ? ? A CYS 8  A CYS 19  1_555 ? ? ? ? ? ? ? 2.035 ? ? 
disulf2  disulf ? ? A CYS 13 SG ? ? ? 1_555 A CYS 26  SG ? ? A CYS 13 A CYS 26  1_555 ? ? ? ? ? ? ? 2.015 ? ? 
disulf3  disulf ? ? A CYS 28 SG ? ? ? 1_555 A CYS 48  SG ? ? A CYS 28 A CYS 48  1_555 ? ? ? ? ? ? ? 2.027 ? ? 
disulf4  disulf ? ? A CYS 33 SG ? ? ? 1_555 A CYS 51  SG ? ? A CYS 33 A CYS 51  1_555 ? ? ? ? ? ? ? 2.039 ? ? 
disulf5  disulf ? ? A CYS 37 SG ? ? ? 1_555 A CYS 53  SG ? ? A CYS 37 A CYS 53  1_555 ? ? ? ? ? ? ? 2.040 ? ? 
disulf6  disulf ? ? A CYS 62 SG ? ? ? 1_555 A CYS 73  SG ? ? A CYS 62 A CYS 73  1_555 ? ? ? ? ? ? ? 2.026 ? ? 
disulf7  disulf ? ? A CYS 67 SG ? ? ? 1_555 A CYS 80  SG ? ? A CYS 67 A CYS 80  1_555 ? ? ? ? ? ? ? 2.018 ? ? 
disulf8  disulf ? ? A CYS 82 SG ? ? ? 1_555 A CYS 103 SG ? ? A CYS 82 A CYS 103 1_555 ? ? ? ? ? ? ? 2.052 ? ? 
disulf9  disulf ? ? A CYS 88 SG ? ? ? 1_555 A CYS 106 SG ? ? A CYS 88 A CYS 106 1_555 ? ? ? ? ? ? ? 2.042 ? ? 
disulf10 disulf ? ? A CYS 92 SG ? ? ? 1_555 A CYS 108 SG ? ? A CYS 92 A CYS 108 1_555 ? ? ? ? ? ? ? 2.033 ? ? 
# 
_struct_conn_type.id          disulf 
_struct_conn_type.criteria    ? 
_struct_conn_type.reference   ? 
# 
loop_
_pdbx_modification_feature.ordinal 
_pdbx_modification_feature.label_comp_id 
_pdbx_modification_feature.label_asym_id 
_pdbx_modification_feature.label_seq_id 
_pdbx_modification_feature.label_alt_id 
_pdbx_modification_feature.modified_residue_label_comp_id 
_pdbx_modification_feature.modified_residue_label_asym_id 
_pdbx_modification_feature.modified_residue_label_seq_id 
_pdbx_modification_feature.modified_residue_label_alt_id 
_pdbx_modification_feature.auth_comp_id 
_pdbx_modification_feature.auth_asym_id 
_pdbx_modification_feature.auth_seq_id 
_pdbx_modification_feature.PDB_ins_code 
_pdbx_modification_feature.symmetry 
_pdbx_modification_feature.modified_residue_auth_comp_id 
_pdbx_modification_feature.modified_residue_auth_asym_id 
_pdbx_modification_feature.modified_residue_auth_seq_id 
_pdbx_modification_feature.modified_residue_PDB_ins_code 
_pdbx_modification_feature.modified_residue_symmetry 
_pdbx_modification_feature.comp_id_linking_atom 
_pdbx_modification_feature.modified_residue_id_linking_atom 
_pdbx_modification_feature.modified_residue_id 
_pdbx_modification_feature.ref_pcm_id 
_pdbx_modification_feature.ref_comp_id 
_pdbx_modification_feature.type 
_pdbx_modification_feature.category 
1  CYS A 8  ? CYS A 19  ? CYS A 8  ? 1_555 CYS A 19  ? 1_555 SG SG . . . None 'Disulfide bridge' 
2  CYS A 13 ? CYS A 26  ? CYS A 13 ? 1_555 CYS A 26  ? 1_555 SG SG . . . None 'Disulfide bridge' 
3  CYS A 28 ? CYS A 48  ? CYS A 28 ? 1_555 CYS A 48  ? 1_555 SG SG . . . None 'Disulfide bridge' 
4  CYS A 33 ? CYS A 51  ? CYS A 33 ? 1_555 CYS A 51  ? 1_555 SG SG . . . None 'Disulfide bridge' 
5  CYS A 37 ? CYS A 53  ? CYS A 37 ? 1_555 CYS A 53  ? 1_555 SG SG . . . None 'Disulfide bridge' 
6  CYS A 62 ? CYS A 73  ? CYS A 62 ? 1_555 CYS A 73  ? 1_555 SG SG . . . None 'Disulfide bridge' 
7  CYS A 67 ? CYS A 80  ? CYS A 67 ? 1_555 CYS A 80  ? 1_555 SG SG . . . None 'Disulfide bridge' 
8  CYS A 82 ? CYS A 103 ? CYS A 82 ? 1_555 CYS A 103 ? 1_555 SG SG . . . None 'Disulfide bridge' 
9  CYS A 88 ? CYS A 106 ? CYS A 88 ? 1_555 CYS A 106 ? 1_555 SG SG . . . None 'Disulfide bridge' 
10 CYS A 92 ? CYS A 108 ? CYS A 92 ? 1_555 CYS A 108 ? 1_555 SG SG . . . None 'Disulfide bridge' 
# 
loop_
_struct_sheet.id 
_struct_sheet.type 
_struct_sheet.number_strands 
_struct_sheet.details 
A ? 2 ? 
B ? 2 ? 
C ? 2 ? 
# 
loop_
_struct_sheet_order.sheet_id 
_struct_sheet_order.range_id_1 
_struct_sheet_order.range_id_2 
_struct_sheet_order.offset 
_struct_sheet_order.sense 
A 1 2 ? anti-parallel 
B 1 2 ? anti-parallel 
C 1 2 ? anti-parallel 
# 
loop_
_struct_sheet_range.sheet_id 
_struct_sheet_range.id 
_struct_sheet_range.beg_label_comp_id 
_struct_sheet_range.beg_label_asym_id 
_struct_sheet_range.beg_label_seq_id 
_struct_sheet_range.pdbx_beg_PDB_ins_code 
_struct_sheet_range.end_label_comp_id 
_struct_sheet_range.end_label_asym_id 
_struct_sheet_range.end_label_seq_id 
_struct_sheet_range.pdbx_end_PDB_ins_code 
_struct_sheet_range.beg_auth_comp_id 
_struct_sheet_range.beg_auth_asym_id 
_struct_sheet_range.beg_auth_seq_id 
_struct_sheet_range.end_auth_comp_id 
_struct_sheet_range.end_auth_asym_id 
_struct_sheet_range.end_auth_seq_id 
A 1 PHE A 41  ? ARG A 43  ? PHE A 41  ARG A 43  
A 2 GLU A 49  ? CYS A 53  ? GLU A 49  CYS A 53  
B 1 MET A 71  ? MET A 72  ? MET A 71  MET A 72  
B 2 CYS A 82  ? LYS A 83  ? CYS A 82  LYS A 83  
C 1 LEU A 96  ? ARG A 98  ? LEU A 96  ARG A 98  
C 2 GLU A 104 ? CYS A 108 ? GLU A 104 CYS A 108 
# 
loop_
_pdbx_struct_sheet_hbond.sheet_id 
_pdbx_struct_sheet_hbond.range_id_1 
_pdbx_struct_sheet_hbond.range_id_2 
_pdbx_struct_sheet_hbond.range_1_label_atom_id 
_pdbx_struct_sheet_hbond.range_1_label_comp_id 
_pdbx_struct_sheet_hbond.range_1_label_asym_id 
_pdbx_struct_sheet_hbond.range_1_label_seq_id 
_pdbx_struct_sheet_hbond.range_1_PDB_ins_code 
_pdbx_struct_sheet_hbond.range_1_auth_atom_id 
_pdbx_struct_sheet_hbond.range_1_auth_comp_id 
_pdbx_struct_sheet_hbond.range_1_auth_asym_id 
_pdbx_struct_sheet_hbond.range_1_auth_seq_id 
_pdbx_struct_sheet_hbond.range_2_label_atom_id 
_pdbx_struct_sheet_hbond.range_2_label_comp_id 
_pdbx_struct_sheet_hbond.range_2_label_asym_id 
_pdbx_struct_sheet_hbond.range_2_label_seq_id 
_pdbx_struct_sheet_hbond.range_2_PDB_ins_code 
_pdbx_struct_sheet_hbond.range_2_auth_atom_id 
_pdbx_struct_sheet_hbond.range_2_auth_comp_id 
_pdbx_struct_sheet_hbond.range_2_auth_asym_id 
_pdbx_struct_sheet_hbond.range_2_auth_seq_id 
A 1 2 O GLN A 42 ? O GLN A 42 N PHE A 50  ? N PHE A 50  
B 1 2 N MET A 72 ? N MET A 72 O CYS A 82  ? O CYS A 82  
C 1 2 O LYS A 97 ? O LYS A 97 N TYR A 105 ? N TYR A 105 
# 
_struct_site.id                   AC1 
_struct_site.pdbx_evidence_code   Software 
_struct_site.pdbx_auth_asym_id    A 
_struct_site.pdbx_auth_comp_id    CL 
_struct_site.pdbx_auth_seq_id     201 
_struct_site.pdbx_auth_ins_code   ? 
_struct_site.pdbx_num_residues    4 
_struct_site.details              'BINDING SITE FOR RESIDUE CL A 201' 
# 
loop_
_struct_site_gen.id 
_struct_site_gen.site_id 
_struct_site_gen.pdbx_num_res 
_struct_site_gen.label_comp_id 
_struct_site_gen.label_asym_id 
_struct_site_gen.label_seq_id 
_struct_site_gen.pdbx_auth_ins_code 
_struct_site_gen.auth_comp_id 
_struct_site_gen.auth_asym_id 
_struct_site_gen.auth_seq_id 
_struct_site_gen.label_atom_id 
_struct_site_gen.label_alt_id 
_struct_site_gen.symmetry 
_struct_site_gen.details 
1 AC1 4 ARG A 45  ? ARG A 45  . ? 1_555 ? 
2 AC1 4 LYS A 52  ? LYS A 52  . ? 6_555 ? 
3 AC1 4 CYS A 53  ? CYS A 53  . ? 6_555 ? 
4 AC1 4 LYS A 100 ? LYS A 100 . ? 1_555 ? 
# 
_pdbx_entry_details.entry_id                   1SKZ 
_pdbx_entry_details.compound_details           ? 
_pdbx_entry_details.source_details             ? 
_pdbx_entry_details.nonpolymer_details         ? 
_pdbx_entry_details.sequence_details           ? 
_pdbx_entry_details.has_ligand_of_interest     ? 
_pdbx_entry_details.has_protein_modification   Y 
# 
loop_
_pdbx_validate_torsion.id 
_pdbx_validate_torsion.PDB_model_num 
_pdbx_validate_torsion.auth_comp_id 
_pdbx_validate_torsion.auth_asym_id 
_pdbx_validate_torsion.auth_seq_id 
_pdbx_validate_torsion.PDB_ins_code 
_pdbx_validate_torsion.label_alt_id 
_pdbx_validate_torsion.phi 
_pdbx_validate_torsion.psi 
1 1 GLU A 10 ? ? -107.14 -61.54 
2 1 ARG A 32 ? ? -93.36  39.00  
3 1 ASN A 87 ? ? 33.26   70.00  
# 
loop_
_pdbx_validate_planes.id 
_pdbx_validate_planes.PDB_model_num 
_pdbx_validate_planes.auth_comp_id 
_pdbx_validate_planes.auth_asym_id 
_pdbx_validate_planes.auth_seq_id 
_pdbx_validate_planes.PDB_ins_code 
_pdbx_validate_planes.label_alt_id 
_pdbx_validate_planes.rmsd 
_pdbx_validate_planes.type 
1 1 ARG A 32 ? ? 0.089 'SIDE CHAIN' 
2 1 ARG A 45 ? ? 0.098 'SIDE CHAIN' 
# 
loop_
_pdbx_unobs_or_zero_occ_residues.id 
_pdbx_unobs_or_zero_occ_residues.PDB_model_num 
_pdbx_unobs_or_zero_occ_residues.polymer_flag 
_pdbx_unobs_or_zero_occ_residues.occupancy_flag 
_pdbx_unobs_or_zero_occ_residues.auth_asym_id 
_pdbx_unobs_or_zero_occ_residues.auth_comp_id 
_pdbx_unobs_or_zero_occ_residues.auth_seq_id 
_pdbx_unobs_or_zero_occ_residues.PDB_ins_code 
_pdbx_unobs_or_zero_occ_residues.label_asym_id 
_pdbx_unobs_or_zero_occ_residues.label_comp_id 
_pdbx_unobs_or_zero_occ_residues.label_seq_id 
1  1 Y 1 A GLU 1   ? A GLU 1   
2  1 Y 1 A ASP 2   ? A ASP 2   
3  1 Y 1 A PRO 3   ? A PRO 3   
4  1 Y 1 A PHE 4   ? A PHE 4   
5  1 Y 1 A GLY 5   ? A GLY 5   
6  1 Y 1 A PRO 6   ? A PRO 6   
7  1 Y 1 A LYS 111 ? A LYS 111 
8  1 Y 1 A ARG 112 ? A ARG 112 
9  1 Y 1 A LYS 113 ? A LYS 113 
10 1 Y 1 A LEU 114 ? A LEU 114 
11 1 Y 1 A ILE 115 ? A ILE 115 
12 1 Y 1 A PRO 116 ? A PRO 116 
13 1 Y 1 A ARG 117 ? A ARG 117 
14 1 Y 1 A LEU 118 ? A LEU 118 
15 1 Y 1 A SER 119 ? A SER 119 
# 
loop_
_chem_comp_atom.comp_id 
_chem_comp_atom.atom_id 
_chem_comp_atom.type_symbol 
_chem_comp_atom.pdbx_aromatic_flag 
_chem_comp_atom.pdbx_stereo_config 
_chem_comp_atom.pdbx_ordinal 
ALA N    N  N N 1   
ALA CA   C  N S 2   
ALA C    C  N N 3   
ALA O    O  N N 4   
ALA CB   C  N N 5   
ALA OXT  O  N N 6   
ALA H    H  N N 7   
ALA H2   H  N N 8   
ALA HA   H  N N 9   
ALA HB1  H  N N 10  
ALA HB2  H  N N 11  
ALA HB3  H  N N 12  
ALA HXT  H  N N 13  
ARG N    N  N N 14  
ARG CA   C  N S 15  
ARG C    C  N N 16  
ARG O    O  N N 17  
ARG CB   C  N N 18  
ARG CG   C  N N 19  
ARG CD   C  N N 20  
ARG NE   N  N N 21  
ARG CZ   C  N N 22  
ARG NH1  N  N N 23  
ARG NH2  N  N N 24  
ARG OXT  O  N N 25  
ARG H    H  N N 26  
ARG H2   H  N N 27  
ARG HA   H  N N 28  
ARG HB2  H  N N 29  
ARG HB3  H  N N 30  
ARG HG2  H  N N 31  
ARG HG3  H  N N 32  
ARG HD2  H  N N 33  
ARG HD3  H  N N 34  
ARG HE   H  N N 35  
ARG HH11 H  N N 36  
ARG HH12 H  N N 37  
ARG HH21 H  N N 38  
ARG HH22 H  N N 39  
ARG HXT  H  N N 40  
ASN N    N  N N 41  
ASN CA   C  N S 42  
ASN C    C  N N 43  
ASN O    O  N N 44  
ASN CB   C  N N 45  
ASN CG   C  N N 46  
ASN OD1  O  N N 47  
ASN ND2  N  N N 48  
ASN OXT  O  N N 49  
ASN H    H  N N 50  
ASN H2   H  N N 51  
ASN HA   H  N N 52  
ASN HB2  H  N N 53  
ASN HB3  H  N N 54  
ASN HD21 H  N N 55  
ASN HD22 H  N N 56  
ASN HXT  H  N N 57  
ASP N    N  N N 58  
ASP CA   C  N S 59  
ASP C    C  N N 60  
ASP O    O  N N 61  
ASP CB   C  N N 62  
ASP CG   C  N N 63  
ASP OD1  O  N N 64  
ASP OD2  O  N N 65  
ASP OXT  O  N N 66  
ASP H    H  N N 67  
ASP H2   H  N N 68  
ASP HA   H  N N 69  
ASP HB2  H  N N 70  
ASP HB3  H  N N 71  
ASP HD2  H  N N 72  
ASP HXT  H  N N 73  
CL  CL   CL N N 74  
CYS N    N  N N 75  
CYS CA   C  N R 76  
CYS C    C  N N 77  
CYS O    O  N N 78  
CYS CB   C  N N 79  
CYS SG   S  N N 80  
CYS OXT  O  N N 81  
CYS H    H  N N 82  
CYS H2   H  N N 83  
CYS HA   H  N N 84  
CYS HB2  H  N N 85  
CYS HB3  H  N N 86  
CYS HG   H  N N 87  
CYS HXT  H  N N 88  
GLN N    N  N N 89  
GLN CA   C  N S 90  
GLN C    C  N N 91  
GLN O    O  N N 92  
GLN CB   C  N N 93  
GLN CG   C  N N 94  
GLN CD   C  N N 95  
GLN OE1  O  N N 96  
GLN NE2  N  N N 97  
GLN OXT  O  N N 98  
GLN H    H  N N 99  
GLN H2   H  N N 100 
GLN HA   H  N N 101 
GLN HB2  H  N N 102 
GLN HB3  H  N N 103 
GLN HG2  H  N N 104 
GLN HG3  H  N N 105 
GLN HE21 H  N N 106 
GLN HE22 H  N N 107 
GLN HXT  H  N N 108 
GLU N    N  N N 109 
GLU CA   C  N S 110 
GLU C    C  N N 111 
GLU O    O  N N 112 
GLU CB   C  N N 113 
GLU CG   C  N N 114 
GLU CD   C  N N 115 
GLU OE1  O  N N 116 
GLU OE2  O  N N 117 
GLU OXT  O  N N 118 
GLU H    H  N N 119 
GLU H2   H  N N 120 
GLU HA   H  N N 121 
GLU HB2  H  N N 122 
GLU HB3  H  N N 123 
GLU HG2  H  N N 124 
GLU HG3  H  N N 125 
GLU HE2  H  N N 126 
GLU HXT  H  N N 127 
GLY N    N  N N 128 
GLY CA   C  N N 129 
GLY C    C  N N 130 
GLY O    O  N N 131 
GLY OXT  O  N N 132 
GLY H    H  N N 133 
GLY H2   H  N N 134 
GLY HA2  H  N N 135 
GLY HA3  H  N N 136 
GLY HXT  H  N N 137 
HIS N    N  N N 138 
HIS CA   C  N S 139 
HIS C    C  N N 140 
HIS O    O  N N 141 
HIS CB   C  N N 142 
HIS CG   C  Y N 143 
HIS ND1  N  Y N 144 
HIS CD2  C  Y N 145 
HIS CE1  C  Y N 146 
HIS NE2  N  Y N 147 
HIS OXT  O  N N 148 
HIS H    H  N N 149 
HIS H2   H  N N 150 
HIS HA   H  N N 151 
HIS HB2  H  N N 152 
HIS HB3  H  N N 153 
HIS HD1  H  N N 154 
HIS HD2  H  N N 155 
HIS HE1  H  N N 156 
HIS HE2  H  N N 157 
HIS HXT  H  N N 158 
HOH O    O  N N 159 
HOH H1   H  N N 160 
HOH H2   H  N N 161 
ILE N    N  N N 162 
ILE CA   C  N S 163 
ILE C    C  N N 164 
ILE O    O  N N 165 
ILE CB   C  N S 166 
ILE CG1  C  N N 167 
ILE CG2  C  N N 168 
ILE CD1  C  N N 169 
ILE OXT  O  N N 170 
ILE H    H  N N 171 
ILE H2   H  N N 172 
ILE HA   H  N N 173 
ILE HB   H  N N 174 
ILE HG12 H  N N 175 
ILE HG13 H  N N 176 
ILE HG21 H  N N 177 
ILE HG22 H  N N 178 
ILE HG23 H  N N 179 
ILE HD11 H  N N 180 
ILE HD12 H  N N 181 
ILE HD13 H  N N 182 
ILE HXT  H  N N 183 
LEU N    N  N N 184 
LEU CA   C  N S 185 
LEU C    C  N N 186 
LEU O    O  N N 187 
LEU CB   C  N N 188 
LEU CG   C  N N 189 
LEU CD1  C  N N 190 
LEU CD2  C  N N 191 
LEU OXT  O  N N 192 
LEU H    H  N N 193 
LEU H2   H  N N 194 
LEU HA   H  N N 195 
LEU HB2  H  N N 196 
LEU HB3  H  N N 197 
LEU HG   H  N N 198 
LEU HD11 H  N N 199 
LEU HD12 H  N N 200 
LEU HD13 H  N N 201 
LEU HD21 H  N N 202 
LEU HD22 H  N N 203 
LEU HD23 H  N N 204 
LEU HXT  H  N N 205 
LYS N    N  N N 206 
LYS CA   C  N S 207 
LYS C    C  N N 208 
LYS O    O  N N 209 
LYS CB   C  N N 210 
LYS CG   C  N N 211 
LYS CD   C  N N 212 
LYS CE   C  N N 213 
LYS NZ   N  N N 214 
LYS OXT  O  N N 215 
LYS H    H  N N 216 
LYS H2   H  N N 217 
LYS HA   H  N N 218 
LYS HB2  H  N N 219 
LYS HB3  H  N N 220 
LYS HG2  H  N N 221 
LYS HG3  H  N N 222 
LYS HD2  H  N N 223 
LYS HD3  H  N N 224 
LYS HE2  H  N N 225 
LYS HE3  H  N N 226 
LYS HZ1  H  N N 227 
LYS HZ2  H  N N 228 
LYS HZ3  H  N N 229 
LYS HXT  H  N N 230 
MET N    N  N N 231 
MET CA   C  N S 232 
MET C    C  N N 233 
MET O    O  N N 234 
MET CB   C  N N 235 
MET CG   C  N N 236 
MET SD   S  N N 237 
MET CE   C  N N 238 
MET OXT  O  N N 239 
MET H    H  N N 240 
MET H2   H  N N 241 
MET HA   H  N N 242 
MET HB2  H  N N 243 
MET HB3  H  N N 244 
MET HG2  H  N N 245 
MET HG3  H  N N 246 
MET HE1  H  N N 247 
MET HE2  H  N N 248 
MET HE3  H  N N 249 
MET HXT  H  N N 250 
PHE N    N  N N 251 
PHE CA   C  N S 252 
PHE C    C  N N 253 
PHE O    O  N N 254 
PHE CB   C  N N 255 
PHE CG   C  Y N 256 
PHE CD1  C  Y N 257 
PHE CD2  C  Y N 258 
PHE CE1  C  Y N 259 
PHE CE2  C  Y N 260 
PHE CZ   C  Y N 261 
PHE OXT  O  N N 262 
PHE H    H  N N 263 
PHE H2   H  N N 264 
PHE HA   H  N N 265 
PHE HB2  H  N N 266 
PHE HB3  H  N N 267 
PHE HD1  H  N N 268 
PHE HD2  H  N N 269 
PHE HE1  H  N N 270 
PHE HE2  H  N N 271 
PHE HZ   H  N N 272 
PHE HXT  H  N N 273 
PRO N    N  N N 274 
PRO CA   C  N S 275 
PRO C    C  N N 276 
PRO O    O  N N 277 
PRO CB   C  N N 278 
PRO CG   C  N N 279 
PRO CD   C  N N 280 
PRO OXT  O  N N 281 
PRO H    H  N N 282 
PRO HA   H  N N 283 
PRO HB2  H  N N 284 
PRO HB3  H  N N 285 
PRO HG2  H  N N 286 
PRO HG3  H  N N 287 
PRO HD2  H  N N 288 
PRO HD3  H  N N 289 
PRO HXT  H  N N 290 
SER N    N  N N 291 
SER CA   C  N S 292 
SER C    C  N N 293 
SER O    O  N N 294 
SER CB   C  N N 295 
SER OG   O  N N 296 
SER OXT  O  N N 297 
SER H    H  N N 298 
SER H2   H  N N 299 
SER HA   H  N N 300 
SER HB2  H  N N 301 
SER HB3  H  N N 302 
SER HG   H  N N 303 
SER HXT  H  N N 304 
THR N    N  N N 305 
THR CA   C  N S 306 
THR C    C  N N 307 
THR O    O  N N 308 
THR CB   C  N R 309 
THR OG1  O  N N 310 
THR CG2  C  N N 311 
THR OXT  O  N N 312 
THR H    H  N N 313 
THR H2   H  N N 314 
THR HA   H  N N 315 
THR HB   H  N N 316 
THR HG1  H  N N 317 
THR HG21 H  N N 318 
THR HG22 H  N N 319 
THR HG23 H  N N 320 
THR HXT  H  N N 321 
TYR N    N  N N 322 
TYR CA   C  N S 323 
TYR C    C  N N 324 
TYR O    O  N N 325 
TYR CB   C  N N 326 
TYR CG   C  Y N 327 
TYR CD1  C  Y N 328 
TYR CD2  C  Y N 329 
TYR CE1  C  Y N 330 
TYR CE2  C  Y N 331 
TYR CZ   C  Y N 332 
TYR OH   O  N N 333 
TYR OXT  O  N N 334 
TYR H    H  N N 335 
TYR H2   H  N N 336 
TYR HA   H  N N 337 
TYR HB2  H  N N 338 
TYR HB3  H  N N 339 
TYR HD1  H  N N 340 
TYR HD2  H  N N 341 
TYR HE1  H  N N 342 
TYR HE2  H  N N 343 
TYR HH   H  N N 344 
TYR HXT  H  N N 345 
VAL N    N  N N 346 
VAL CA   C  N S 347 
VAL C    C  N N 348 
VAL O    O  N N 349 
VAL CB   C  N N 350 
VAL CG1  C  N N 351 
VAL CG2  C  N N 352 
VAL OXT  O  N N 353 
VAL H    H  N N 354 
VAL H2   H  N N 355 
VAL HA   H  N N 356 
VAL HB   H  N N 357 
VAL HG11 H  N N 358 
VAL HG12 H  N N 359 
VAL HG13 H  N N 360 
VAL HG21 H  N N 361 
VAL HG22 H  N N 362 
VAL HG23 H  N N 363 
VAL HXT  H  N N 364 
# 
loop_
_chem_comp_bond.comp_id 
_chem_comp_bond.atom_id_1 
_chem_comp_bond.atom_id_2 
_chem_comp_bond.value_order 
_chem_comp_bond.pdbx_aromatic_flag 
_chem_comp_bond.pdbx_stereo_config 
_chem_comp_bond.pdbx_ordinal 
ALA N   CA   sing N N 1   
ALA N   H    sing N N 2   
ALA N   H2   sing N N 3   
ALA CA  C    sing N N 4   
ALA CA  CB   sing N N 5   
ALA CA  HA   sing N N 6   
ALA C   O    doub N N 7   
ALA C   OXT  sing N N 8   
ALA CB  HB1  sing N N 9   
ALA CB  HB2  sing N N 10  
ALA CB  HB3  sing N N 11  
ALA OXT HXT  sing N N 12  
ARG N   CA   sing N N 13  
ARG N   H    sing N N 14  
ARG N   H2   sing N N 15  
ARG CA  C    sing N N 16  
ARG CA  CB   sing N N 17  
ARG CA  HA   sing N N 18  
ARG C   O    doub N N 19  
ARG C   OXT  sing N N 20  
ARG CB  CG   sing N N 21  
ARG CB  HB2  sing N N 22  
ARG CB  HB3  sing N N 23  
ARG CG  CD   sing N N 24  
ARG CG  HG2  sing N N 25  
ARG CG  HG3  sing N N 26  
ARG CD  NE   sing N N 27  
ARG CD  HD2  sing N N 28  
ARG CD  HD3  sing N N 29  
ARG NE  CZ   sing N N 30  
ARG NE  HE   sing N N 31  
ARG CZ  NH1  sing N N 32  
ARG CZ  NH2  doub N N 33  
ARG NH1 HH11 sing N N 34  
ARG NH1 HH12 sing N N 35  
ARG NH2 HH21 sing N N 36  
ARG NH2 HH22 sing N N 37  
ARG OXT HXT  sing N N 38  
ASN N   CA   sing N N 39  
ASN N   H    sing N N 40  
ASN N   H2   sing N N 41  
ASN CA  C    sing N N 42  
ASN CA  CB   sing N N 43  
ASN CA  HA   sing N N 44  
ASN C   O    doub N N 45  
ASN C   OXT  sing N N 46  
ASN CB  CG   sing N N 47  
ASN CB  HB2  sing N N 48  
ASN CB  HB3  sing N N 49  
ASN CG  OD1  doub N N 50  
ASN CG  ND2  sing N N 51  
ASN ND2 HD21 sing N N 52  
ASN ND2 HD22 sing N N 53  
ASN OXT HXT  sing N N 54  
ASP N   CA   sing N N 55  
ASP N   H    sing N N 56  
ASP N   H2   sing N N 57  
ASP CA  C    sing N N 58  
ASP CA  CB   sing N N 59  
ASP CA  HA   sing N N 60  
ASP C   O    doub N N 61  
ASP C   OXT  sing N N 62  
ASP CB  CG   sing N N 63  
ASP CB  HB2  sing N N 64  
ASP CB  HB3  sing N N 65  
ASP CG  OD1  doub N N 66  
ASP CG  OD2  sing N N 67  
ASP OD2 HD2  sing N N 68  
ASP OXT HXT  sing N N 69  
CYS N   CA   sing N N 70  
CYS N   H    sing N N 71  
CYS N   H2   sing N N 72  
CYS CA  C    sing N N 73  
CYS CA  CB   sing N N 74  
CYS CA  HA   sing N N 75  
CYS C   O    doub N N 76  
CYS C   OXT  sing N N 77  
CYS CB  SG   sing N N 78  
CYS CB  HB2  sing N N 79  
CYS CB  HB3  sing N N 80  
CYS SG  HG   sing N N 81  
CYS OXT HXT  sing N N 82  
GLN N   CA   sing N N 83  
GLN N   H    sing N N 84  
GLN N   H2   sing N N 85  
GLN CA  C    sing N N 86  
GLN CA  CB   sing N N 87  
GLN CA  HA   sing N N 88  
GLN C   O    doub N N 89  
GLN C   OXT  sing N N 90  
GLN CB  CG   sing N N 91  
GLN CB  HB2  sing N N 92  
GLN CB  HB3  sing N N 93  
GLN CG  CD   sing N N 94  
GLN CG  HG2  sing N N 95  
GLN CG  HG3  sing N N 96  
GLN CD  OE1  doub N N 97  
GLN CD  NE2  sing N N 98  
GLN NE2 HE21 sing N N 99  
GLN NE2 HE22 sing N N 100 
GLN OXT HXT  sing N N 101 
GLU N   CA   sing N N 102 
GLU N   H    sing N N 103 
GLU N   H2   sing N N 104 
GLU CA  C    sing N N 105 
GLU CA  CB   sing N N 106 
GLU CA  HA   sing N N 107 
GLU C   O    doub N N 108 
GLU C   OXT  sing N N 109 
GLU CB  CG   sing N N 110 
GLU CB  HB2  sing N N 111 
GLU CB  HB3  sing N N 112 
GLU CG  CD   sing N N 113 
GLU CG  HG2  sing N N 114 
GLU CG  HG3  sing N N 115 
GLU CD  OE1  doub N N 116 
GLU CD  OE2  sing N N 117 
GLU OE2 HE2  sing N N 118 
GLU OXT HXT  sing N N 119 
GLY N   CA   sing N N 120 
GLY N   H    sing N N 121 
GLY N   H2   sing N N 122 
GLY CA  C    sing N N 123 
GLY CA  HA2  sing N N 124 
GLY CA  HA3  sing N N 125 
GLY C   O    doub N N 126 
GLY C   OXT  sing N N 127 
GLY OXT HXT  sing N N 128 
HIS N   CA   sing N N 129 
HIS N   H    sing N N 130 
HIS N   H2   sing N N 131 
HIS CA  C    sing N N 132 
HIS CA  CB   sing N N 133 
HIS CA  HA   sing N N 134 
HIS C   O    doub N N 135 
HIS C   OXT  sing N N 136 
HIS CB  CG   sing N N 137 
HIS CB  HB2  sing N N 138 
HIS CB  HB3  sing N N 139 
HIS CG  ND1  sing Y N 140 
HIS CG  CD2  doub Y N 141 
HIS ND1 CE1  doub Y N 142 
HIS ND1 HD1  sing N N 143 
HIS CD2 NE2  sing Y N 144 
HIS CD2 HD2  sing N N 145 
HIS CE1 NE2  sing Y N 146 
HIS CE1 HE1  sing N N 147 
HIS NE2 HE2  sing N N 148 
HIS OXT HXT  sing N N 149 
HOH O   H1   sing N N 150 
HOH O   H2   sing N N 151 
ILE N   CA   sing N N 152 
ILE N   H    sing N N 153 
ILE N   H2   sing N N 154 
ILE CA  C    sing N N 155 
ILE CA  CB   sing N N 156 
ILE CA  HA   sing N N 157 
ILE C   O    doub N N 158 
ILE C   OXT  sing N N 159 
ILE CB  CG1  sing N N 160 
ILE CB  CG2  sing N N 161 
ILE CB  HB   sing N N 162 
ILE CG1 CD1  sing N N 163 
ILE CG1 HG12 sing N N 164 
ILE CG1 HG13 sing N N 165 
ILE CG2 HG21 sing N N 166 
ILE CG2 HG22 sing N N 167 
ILE CG2 HG23 sing N N 168 
ILE CD1 HD11 sing N N 169 
ILE CD1 HD12 sing N N 170 
ILE CD1 HD13 sing N N 171 
ILE OXT HXT  sing N N 172 
LEU N   CA   sing N N 173 
LEU N   H    sing N N 174 
LEU N   H2   sing N N 175 
LEU CA  C    sing N N 176 
LEU CA  CB   sing N N 177 
LEU CA  HA   sing N N 178 
LEU C   O    doub N N 179 
LEU C   OXT  sing N N 180 
LEU CB  CG   sing N N 181 
LEU CB  HB2  sing N N 182 
LEU CB  HB3  sing N N 183 
LEU CG  CD1  sing N N 184 
LEU CG  CD2  sing N N 185 
LEU CG  HG   sing N N 186 
LEU CD1 HD11 sing N N 187 
LEU CD1 HD12 sing N N 188 
LEU CD1 HD13 sing N N 189 
LEU CD2 HD21 sing N N 190 
LEU CD2 HD22 sing N N 191 
LEU CD2 HD23 sing N N 192 
LEU OXT HXT  sing N N 193 
LYS N   CA   sing N N 194 
LYS N   H    sing N N 195 
LYS N   H2   sing N N 196 
LYS CA  C    sing N N 197 
LYS CA  CB   sing N N 198 
LYS CA  HA   sing N N 199 
LYS C   O    doub N N 200 
LYS C   OXT  sing N N 201 
LYS CB  CG   sing N N 202 
LYS CB  HB2  sing N N 203 
LYS CB  HB3  sing N N 204 
LYS CG  CD   sing N N 205 
LYS CG  HG2  sing N N 206 
LYS CG  HG3  sing N N 207 
LYS CD  CE   sing N N 208 
LYS CD  HD2  sing N N 209 
LYS CD  HD3  sing N N 210 
LYS CE  NZ   sing N N 211 
LYS CE  HE2  sing N N 212 
LYS CE  HE3  sing N N 213 
LYS NZ  HZ1  sing N N 214 
LYS NZ  HZ2  sing N N 215 
LYS NZ  HZ3  sing N N 216 
LYS OXT HXT  sing N N 217 
MET N   CA   sing N N 218 
MET N   H    sing N N 219 
MET N   H2   sing N N 220 
MET CA  C    sing N N 221 
MET CA  CB   sing N N 222 
MET CA  HA   sing N N 223 
MET C   O    doub N N 224 
MET C   OXT  sing N N 225 
MET CB  CG   sing N N 226 
MET CB  HB2  sing N N 227 
MET CB  HB3  sing N N 228 
MET CG  SD   sing N N 229 
MET CG  HG2  sing N N 230 
MET CG  HG3  sing N N 231 
MET SD  CE   sing N N 232 
MET CE  HE1  sing N N 233 
MET CE  HE2  sing N N 234 
MET CE  HE3  sing N N 235 
MET OXT HXT  sing N N 236 
PHE N   CA   sing N N 237 
PHE N   H    sing N N 238 
PHE N   H2   sing N N 239 
PHE CA  C    sing N N 240 
PHE CA  CB   sing N N 241 
PHE CA  HA   sing N N 242 
PHE C   O    doub N N 243 
PHE C   OXT  sing N N 244 
PHE CB  CG   sing N N 245 
PHE CB  HB2  sing N N 246 
PHE CB  HB3  sing N N 247 
PHE CG  CD1  doub Y N 248 
PHE CG  CD2  sing Y N 249 
PHE CD1 CE1  sing Y N 250 
PHE CD1 HD1  sing N N 251 
PHE CD2 CE2  doub Y N 252 
PHE CD2 HD2  sing N N 253 
PHE CE1 CZ   doub Y N 254 
PHE CE1 HE1  sing N N 255 
PHE CE2 CZ   sing Y N 256 
PHE CE2 HE2  sing N N 257 
PHE CZ  HZ   sing N N 258 
PHE OXT HXT  sing N N 259 
PRO N   CA   sing N N 260 
PRO N   CD   sing N N 261 
PRO N   H    sing N N 262 
PRO CA  C    sing N N 263 
PRO CA  CB   sing N N 264 
PRO CA  HA   sing N N 265 
PRO C   O    doub N N 266 
PRO C   OXT  sing N N 267 
PRO CB  CG   sing N N 268 
PRO CB  HB2  sing N N 269 
PRO CB  HB3  sing N N 270 
PRO CG  CD   sing N N 271 
PRO CG  HG2  sing N N 272 
PRO CG  HG3  sing N N 273 
PRO CD  HD2  sing N N 274 
PRO CD  HD3  sing N N 275 
PRO OXT HXT  sing N N 276 
SER N   CA   sing N N 277 
SER N   H    sing N N 278 
SER N   H2   sing N N 279 
SER CA  C    sing N N 280 
SER CA  CB   sing N N 281 
SER CA  HA   sing N N 282 
SER C   O    doub N N 283 
SER C   OXT  sing N N 284 
SER CB  OG   sing N N 285 
SER CB  HB2  sing N N 286 
SER CB  HB3  sing N N 287 
SER OG  HG   sing N N 288 
SER OXT HXT  sing N N 289 
THR N   CA   sing N N 290 
THR N   H    sing N N 291 
THR N   H2   sing N N 292 
THR CA  C    sing N N 293 
THR CA  CB   sing N N 294 
THR CA  HA   sing N N 295 
THR C   O    doub N N 296 
THR C   OXT  sing N N 297 
THR CB  OG1  sing N N 298 
THR CB  CG2  sing N N 299 
THR CB  HB   sing N N 300 
THR OG1 HG1  sing N N 301 
THR CG2 HG21 sing N N 302 
THR CG2 HG22 sing N N 303 
THR CG2 HG23 sing N N 304 
THR OXT HXT  sing N N 305 
TYR N   CA   sing N N 306 
TYR N   H    sing N N 307 
TYR N   H2   sing N N 308 
TYR CA  C    sing N N 309 
TYR CA  CB   sing N N 310 
TYR CA  HA   sing N N 311 
TYR C   O    doub N N 312 
TYR C   OXT  sing N N 313 
TYR CB  CG   sing N N 314 
TYR CB  HB2  sing N N 315 
TYR CB  HB3  sing N N 316 
TYR CG  CD1  doub Y N 317 
TYR CG  CD2  sing Y N 318 
TYR CD1 CE1  sing Y N 319 
TYR CD1 HD1  sing N N 320 
TYR CD2 CE2  doub Y N 321 
TYR CD2 HD2  sing N N 322 
TYR CE1 CZ   doub Y N 323 
TYR CE1 HE1  sing N N 324 
TYR CE2 CZ   sing Y N 325 
TYR CE2 HE2  sing N N 326 
TYR CZ  OH   sing N N 327 
TYR OH  HH   sing N N 328 
TYR OXT HXT  sing N N 329 
VAL N   CA   sing N N 330 
VAL N   H    sing N N 331 
VAL N   H2   sing N N 332 
VAL CA  C    sing N N 333 
VAL CA  CB   sing N N 334 
VAL CA  HA   sing N N 335 
VAL C   O    doub N N 336 
VAL C   OXT  sing N N 337 
VAL CB  CG1  sing N N 338 
VAL CB  CG2  sing N N 339 
VAL CB  HB   sing N N 340 
VAL CG1 HG11 sing N N 341 
VAL CG1 HG12 sing N N 342 
VAL CG1 HG13 sing N N 343 
VAL CG2 HG21 sing N N 344 
VAL CG2 HG22 sing N N 345 
VAL CG2 HG23 sing N N 346 
VAL OXT HXT  sing N N 347 
# 
_atom_sites.entry_id                    1SKZ 
_atom_sites.fract_transf_matrix[1][1]   -0.00025740 
_atom_sites.fract_transf_matrix[1][2]   0.00902586 
_atom_sites.fract_transf_matrix[1][3]   0.00945223 
_atom_sites.fract_transf_matrix[2][1]   0.01205968 
_atom_sites.fract_transf_matrix[2][2]   -0.00347986 
_atom_sites.fract_transf_matrix[2][3]   0.00365129 
_atom_sites.fract_transf_matrix[3][1]   0.00444970 
_atom_sites.fract_transf_matrix[3][2]   0.00776643 
_atom_sites.fract_transf_matrix[3][3]   -0.00729493 
_atom_sites.fract_transf_vector[1]      0.289901 
_atom_sites.fract_transf_vector[2]      -0.073715 
_atom_sites.fract_transf_vector[3]      0.129106 
# 
loop_
_atom_type.symbol 
C  
CL 
N  
O  
S  
# 
loop_
_atom_site.group_PDB 
_atom_site.id 
_atom_site.type_symbol 
_atom_site.label_atom_id 
_atom_site.label_alt_id 
_atom_site.label_comp_id 
_atom_site.label_asym_id 
_atom_site.label_entity_id 
_atom_site.label_seq_id 
_atom_site.pdbx_PDB_ins_code 
_atom_site.Cartn_x 
_atom_site.Cartn_y 
_atom_site.Cartn_z 
_atom_site.occupancy 
_atom_site.B_iso_or_equiv 
_atom_site.pdbx_formal_charge 
_atom_site.auth_seq_id 
_atom_site.auth_comp_id 
_atom_site.auth_asym_id 
_atom_site.auth_atom_id 
_atom_site.pdbx_PDB_model_num 
ATOM   1   N  N   . GLY A 1 7   ? 6.502   12.330  1.743   1.00 46.59 ? 7   GLY A N   1 
ATOM   2   C  CA  . GLY A 1 7   ? 7.138   11.014  1.468   1.00 46.98 ? 7   GLY A CA  1 
ATOM   3   C  C   . GLY A 1 7   ? 8.075   10.445  2.525   1.00 47.29 ? 7   GLY A C   1 
ATOM   4   O  O   . GLY A 1 7   ? 9.197   10.947  2.684   1.00 48.68 ? 7   GLY A O   1 
ATOM   5   N  N   . CYS A 1 8   ? 7.691   9.308   3.119   1.00 44.89 ? 8   CYS A N   1 
ATOM   6   C  CA  . CYS A 1 8   ? 8.590   8.551   3.990   1.00 42.58 ? 8   CYS A CA  1 
ATOM   7   C  C   . CYS A 1 8   ? 9.305   7.399   3.297   1.00 44.57 ? 8   CYS A C   1 
ATOM   8   O  O   . CYS A 1 8   ? 10.159  6.755   3.908   1.00 42.24 ? 8   CYS A O   1 
ATOM   9   C  CB  . CYS A 1 8   ? 7.836   7.997   5.196   1.00 38.55 ? 8   CYS A CB  1 
ATOM   10  S  SG  . CYS A 1 8   ? 6.303   7.097   4.797   1.00 34.51 ? 8   CYS A SG  1 
ATOM   11  N  N   . GLU A 1 9   ? 8.951   7.123   2.037   1.00 48.82 ? 9   GLU A N   1 
ATOM   12  C  CA  . GLU A 1 9   ? 9.586   6.027   1.293   1.00 53.00 ? 9   GLU A CA  1 
ATOM   13  C  C   . GLU A 1 9   ? 11.102  6.237   1.216   1.00 53.28 ? 9   GLU A C   1 
ATOM   14  O  O   . GLU A 1 9   ? 11.874  5.285   1.349   1.00 52.90 ? 9   GLU A O   1 
ATOM   15  C  CB  . GLU A 1 9   ? 8.960   5.855   -0.117  1.00 55.80 ? 9   GLU A CB  1 
ATOM   16  C  CG  . GLU A 1 9   ? 8.988   7.096   -1.057  1.00 58.95 ? 9   GLU A CG  1 
ATOM   17  C  CD  . GLU A 1 9   ? 8.306   6.848   -2.429  1.00 59.71 ? 9   GLU A CD  1 
ATOM   18  O  OE1 . GLU A 1 9   ? 8.942   6.256   -3.336  1.00 60.26 ? 9   GLU A OE1 1 
ATOM   19  O  OE2 . GLU A 1 9   ? 7.142   7.279   -2.612  1.00 59.37 ? 9   GLU A OE2 1 
ATOM   20  N  N   . GLU A 1 10  ? 11.492  7.504   1.287   1.00 54.90 ? 10  GLU A N   1 
ATOM   21  C  CA  . GLU A 1 10  ? 12.891  7.910   1.364   1.00 56.18 ? 10  GLU A CA  1 
ATOM   22  C  C   . GLU A 1 10  ? 13.264  8.415   2.773   1.00 54.79 ? 10  GLU A C   1 
ATOM   23  O  O   . GLU A 1 10  ? 14.162  7.862   3.429   1.00 54.64 ? 10  GLU A O   1 
ATOM   24  C  CB  . GLU A 1 10  ? 13.156  9.019   0.339   1.00 57.88 ? 10  GLU A CB  1 
ATOM   25  C  CG  . GLU A 1 10  ? 12.060  9.177   -0.715  1.00 60.39 ? 10  GLU A CG  1 
ATOM   26  C  CD  . GLU A 1 10  ? 12.142  8.146   -1.847  1.00 61.32 ? 10  GLU A CD  1 
ATOM   27  O  OE1 . GLU A 1 10  ? 13.068  7.299   -1.825  1.00 61.26 ? 10  GLU A OE1 1 
ATOM   28  O  OE2 . GLU A 1 10  ? 11.293  8.211   -2.774  1.00 60.83 ? 10  GLU A OE2 1 
ATOM   29  N  N   . ALA A 1 11  ? 12.600  9.492   3.204   1.00 51.87 ? 11  ALA A N   1 
ATOM   30  C  CA  . ALA A 1 11  ? 12.912  10.153  4.474   1.00 49.60 ? 11  ALA A CA  1 
ATOM   31  C  C   . ALA A 1 11  ? 13.088  9.159   5.613   1.00 48.00 ? 11  ALA A C   1 
ATOM   32  O  O   . ALA A 1 11  ? 14.042  9.263   6.389   1.00 49.27 ? 11  ALA A O   1 
ATOM   33  C  CB  . ALA A 1 11  ? 11.809  11.175  4.846   1.00 48.51 ? 11  ALA A CB  1 
ATOM   34  N  N   . GLY A 1 12  ? 12.209  8.154   5.657   1.00 44.98 ? 12  GLY A N   1 
ATOM   35  C  CA  . GLY A 1 12  ? 12.069  7.334   6.849   1.00 39.94 ? 12  GLY A CA  1 
ATOM   36  C  C   . GLY A 1 12  ? 11.176  8.002   7.876   1.00 35.87 ? 12  GLY A C   1 
ATOM   37  O  O   . GLY A 1 12  ? 10.589  9.054   7.630   1.00 35.52 ? 12  GLY A O   1 
ATOM   38  N  N   . CYS A 1 13  ? 11.066  7.388   9.040   1.00 34.30 ? 13  CYS A N   1 
ATOM   39  C  CA  . CYS A 1 13  ? 10.071  7.823   10.016  1.00 32.49 ? 13  CYS A CA  1 
ATOM   40  C  C   . CYS A 1 13  ? 10.636  8.051   11.412  1.00 31.89 ? 13  CYS A C   1 
ATOM   41  O  O   . CYS A 1 13  ? 11.486  7.280   11.893  1.00 31.20 ? 13  CYS A O   1 
ATOM   42  C  CB  . CYS A 1 13  ? 8.912   6.816   10.090  1.00 29.54 ? 13  CYS A CB  1 
ATOM   43  S  SG  . CYS A 1 13  ? 7.930   6.774   8.560   1.00 27.87 ? 13  CYS A SG  1 
ATOM   44  N  N   . PRO A 1 14  ? 10.042  9.012   12.135  1.00 30.88 ? 14  PRO A N   1 
ATOM   45  C  CA  . PRO A 1 14  ? 10.328  9.223   13.559  1.00 32.40 ? 14  PRO A CA  1 
ATOM   46  C  C   . PRO A 1 14  ? 10.183  7.907   14.275  1.00 33.38 ? 14  PRO A C   1 
ATOM   47  O  O   . PRO A 1 14  ? 9.357   7.092   13.863  1.00 34.19 ? 14  PRO A O   1 
ATOM   48  C  CB  . PRO A 1 14  ? 9.242   10.197  14.004  1.00 32.22 ? 14  PRO A CB  1 
ATOM   49  C  CG  . PRO A 1 14  ? 8.786   10.881  12.724  1.00 32.46 ? 14  PRO A CG  1 
ATOM   50  C  CD  . PRO A 1 14  ? 8.968   9.888   11.631  1.00 30.26 ? 14  PRO A CD  1 
ATOM   51  N  N   . GLU A 1 15  ? 10.907  7.734   15.380  1.00 34.51 ? 15  GLU A N   1 
ATOM   52  C  CA  . GLU A 1 15  ? 10.691  6.589   16.280  1.00 37.46 ? 15  GLU A CA  1 
ATOM   53  C  C   . GLU A 1 15  ? 9.230   6.400   16.694  1.00 35.77 ? 15  GLU A C   1 
ATOM   54  O  O   . GLU A 1 15  ? 8.534   7.351   17.085  1.00 34.58 ? 15  GLU A O   1 
ATOM   55  C  CB  . GLU A 1 15  ? 11.518  6.723   17.556  1.00 41.22 ? 15  GLU A CB  1 
ATOM   56  C  CG  . GLU A 1 15  ? 12.946  6.290   17.420  1.00 46.91 ? 15  GLU A CG  1 
ATOM   57  C  CD  . GLU A 1 15  ? 13.879  7.121   18.299  1.00 50.47 ? 15  GLU A CD  1 
ATOM   58  O  OE1 . GLU A 1 15  ? 13.628  7.190   19.534  1.00 53.11 ? 15  GLU A OE1 1 
ATOM   59  O  OE2 . GLU A 1 15  ? 14.844  7.716   17.750  1.00 51.21 ? 15  GLU A OE2 1 
ATOM   60  N  N   . GLY A 1 16  ? 8.801   5.145   16.666  1.00 34.72 ? 16  GLY A N   1 
ATOM   61  C  CA  . GLY A 1 16  ? 7.453   4.816   17.060  1.00 31.52 ? 16  GLY A CA  1 
ATOM   62  C  C   . GLY A 1 16  ? 6.541   4.828   15.859  1.00 31.46 ? 16  GLY A C   1 
ATOM   63  O  O   . GLY A 1 16  ? 5.326   4.645   16.003  1.00 31.79 ? 16  GLY A O   1 
ATOM   64  N  N   . SER A 1 17  ? 7.073   5.163   14.687  1.00 28.53 ? 17  SER A N   1 
ATOM   65  C  CA  . SER A 1 17  ? 6.244   5.075   13.493  1.00 28.29 ? 17  SER A CA  1 
ATOM   66  C  C   . SER A 1 17  ? 7.032   4.594   12.296  1.00 25.92 ? 17  SER A C   1 
ATOM   67  O  O   . SER A 1 17  ? 8.255   4.576   12.319  1.00 26.69 ? 17  SER A O   1 
ATOM   68  C  CB  . SER A 1 17  ? 5.547   6.417   13.183  1.00 27.78 ? 17  SER A CB  1 
ATOM   69  O  OG  . SER A 1 17  ? 6.456   7.365   12.678  1.00 27.74 ? 17  SER A OG  1 
ATOM   70  N  N   . ALA A 1 18  ? 6.316   4.010   11.346  1.00 24.24 ? 18  ALA A N   1 
ATOM   71  C  CA  . ALA A 1 18  ? 6.934   3.456   10.154  1.00 23.20 ? 18  ALA A CA  1 
ATOM   72  C  C   . ALA A 1 18  ? 6.178   3.901   8.913   1.00 22.04 ? 18  ALA A C   1 
ATOM   73  O  O   . ALA A 1 18  ? 5.040   4.416   8.989   1.00 21.10 ? 18  ALA A O   1 
ATOM   74  C  CB  . ALA A 1 18  ? 6.990   1.927   10.235  1.00 21.76 ? 18  ALA A CB  1 
ATOM   75  N  N   . CYS A 1 19  ? 6.838   3.751   7.775   1.00 20.36 ? 19  CYS A N   1 
ATOM   76  C  CA  . CYS A 1 19  ? 6.301   4.236   6.518   1.00 20.75 ? 19  CYS A CA  1 
ATOM   77  C  C   . CYS A 1 19  ? 5.155   3.402   5.932   1.00 18.98 ? 19  CYS A C   1 
ATOM   78  O  O   . CYS A 1 19  ? 5.250   2.165   5.839   1.00 18.15 ? 19  CYS A O   1 
ATOM   79  C  CB  . CYS A 1 19  ? 7.434   4.336   5.522   1.00 22.96 ? 19  CYS A CB  1 
ATOM   80  S  SG  . CYS A 1 19  ? 6.946   5.303   4.083   1.00 29.50 ? 19  CYS A SG  1 
ATOM   81  N  N   . ASN A 1 20  ? 4.048   4.078   5.636   1.00 16.79 ? 20  ASN A N   1 
ATOM   82  C  CA  . ASN A 1 20  ? 2.940   3.491   4.905   1.00 17.64 ? 20  ASN A CA  1 
ATOM   83  C  C   . ASN A 1 20  ? 3.161   3.659   3.403   1.00 19.60 ? 20  ASN A C   1 
ATOM   84  O  O   . ASN A 1 20  ? 3.365   4.758   2.917   1.00 17.89 ? 20  ASN A O   1 
ATOM   85  C  CB  . ASN A 1 20  ? 1.613   4.135   5.333   1.00 18.09 ? 20  ASN A CB  1 
ATOM   86  C  CG  . ASN A 1 20  ? 0.392   3.465   4.699   1.00 18.55 ? 20  ASN A CG  1 
ATOM   87  O  OD1 . ASN A 1 20  ? 0.285   3.366   3.470   1.00 19.36 ? 20  ASN A OD1 1 
ATOM   88  N  ND2 . ASN A 1 20  ? -0.555  3.041   5.540   1.00 18.48 ? 20  ASN A ND2 1 
ATOM   89  N  N   . ILE A 1 21  ? 3.246   2.533   2.699   1.00 19.01 ? 21  ILE A N   1 
ATOM   90  C  CA  . ILE A 1 21  ? 3.760   2.513   1.357   1.00 19.43 ? 21  ILE A CA  1 
ATOM   91  C  C   . ILE A 1 21  ? 2.666   2.981   0.420   1.00 20.81 ? 21  ILE A C   1 
ATOM   92  O  O   . ILE A 1 21  ? 2.939   3.487   -0.662  1.00 21.09 ? 21  ILE A O   1 
ATOM   93  C  CB  . ILE A 1 21  ? 4.239   1.091   0.974   1.00 20.70 ? 21  ILE A CB  1 
ATOM   94  C  CG1 . ILE A 1 21  ? 5.232   1.195   -0.183  1.00 21.70 ? 21  ILE A CG1 1 
ATOM   95  C  CG2 . ILE A 1 21  ? 3.002   0.156   0.677   1.00 18.35 ? 21  ILE A CG2 1 
ATOM   96  C  CD1 . ILE A 1 21  ? 5.644   -0.117  -0.755  1.00 24.33 ? 21  ILE A CD1 1 
ATOM   97  N  N   . ILE A 1 22  ? 1.433   2.930   0.893   1.00 20.80 ? 22  ILE A N   1 
ATOM   98  C  CA  . ILE A 1 22  ? 0.332   3.448   0.110   1.00 24.45 ? 22  ILE A CA  1 
ATOM   99  C  C   . ILE A 1 22  ? 0.254   4.984   0.176   1.00 26.12 ? 22  ILE A C   1 
ATOM   100 O  O   . ILE A 1 22  ? 0.282   5.655   -0.869  1.00 26.12 ? 22  ILE A O   1 
ATOM   101 C  CB  . ILE A 1 22  ? -1.019  2.808   0.540   1.00 24.28 ? 22  ILE A CB  1 
ATOM   102 C  CG1 . ILE A 1 22  ? -1.002  1.307   0.220   1.00 21.76 ? 22  ILE A CG1 1 
ATOM   103 C  CG2 . ILE A 1 22  ? -2.180  3.435   -0.235  1.00 23.43 ? 22  ILE A CG2 1 
ATOM   104 C  CD1 . ILE A 1 22  ? -2.337  0.607   0.512   1.00 21.89 ? 22  ILE A CD1 1 
ATOM   105 N  N   . THR A 1 23  ? 0.256   5.535   1.382   1.00 26.78 ? 23  THR A N   1 
ATOM   106 C  CA  . THR A 1 23  ? -0.004  6.960   1.545   1.00 29.18 ? 23  THR A CA  1 
ATOM   107 C  C   . THR A 1 23  ? 1.283   7.755   1.597   1.00 30.73 ? 23  THR A C   1 
ATOM   108 O  O   . THR A 1 23  ? 1.271   8.964   1.417   1.00 31.21 ? 23  THR A O   1 
ATOM   109 C  CB  . THR A 1 23  ? -0.833  7.259   2.818   1.00 28.60 ? 23  THR A CB  1 
ATOM   110 O  OG1 . THR A 1 23  ? -0.121  6.814   3.988   1.00 28.89 ? 23  THR A OG1 1 
ATOM   111 C  CG2 . THR A 1 23  ? -2.179  6.568   2.745   1.00 27.22 ? 23  THR A CG2 1 
ATOM   112 N  N   . ASP A 1 24  ? 2.389   7.039   1.730   1.00 31.75 ? 24  ASP A N   1 
ATOM   113 C  CA  . ASP A 1 24  ? 3.717   7.600   1.941   1.00 33.92 ? 24  ASP A CA  1 
ATOM   114 C  C   . ASP A 1 24  ? 3.832   8.545   3.137   1.00 34.88 ? 24  ASP A C   1 
ATOM   115 O  O   . ASP A 1 24  ? 4.783   9.353   3.229   1.00 34.74 ? 24  ASP A O   1 
ATOM   116 C  CB  . ASP A 1 24  ? 4.236   8.266   0.672   1.00 34.84 ? 24  ASP A CB  1 
ATOM   117 C  CG  . ASP A 1 24  ? 5.725   8.103   0.521   1.00 36.75 ? 24  ASP A CG  1 
ATOM   118 O  OD1 . ASP A 1 24  ? 6.348   7.321   1.293   1.00 36.48 ? 24  ASP A OD1 1 
ATOM   119 O  OD2 . ASP A 1 24  ? 6.295   8.791   -0.353  1.00 38.48 ? 24  ASP A OD2 1 
ATOM   120 N  N   . ARG A 1 25  ? 2.984   8.276   4.130   1.00 33.91 ? 25  ARG A N   1 
ATOM   121 C  CA  . ARG A 1 25  ? 2.981   8.982   5.411   1.00 35.00 ? 25  ARG A CA  1 
ATOM   122 C  C   . ARG A 1 25  ? 3.306   7.980   6.561   1.00 32.68 ? 25  ARG A C   1 
ATOM   123 O  O   . ARG A 1 25  ? 3.091   6.775   6.425   1.00 29.39 ? 25  ARG A O   1 
ATOM   124 C  CB  . ARG A 1 25  ? 1.604   9.642   5.566   1.00 37.06 ? 25  ARG A CB  1 
ATOM   125 C  CG  . ARG A 1 25  ? 1.309   10.457  6.817   1.00 41.40 ? 25  ARG A CG  1 
ATOM   126 C  CD  . ARG A 1 25  ? -0.064  11.205  6.610   1.00 43.84 ? 25  ARG A CD  1 
ATOM   127 N  NE  . ARG A 1 25  ? -0.778  11.598  7.842   1.00 42.91 ? 25  ARG A NE  1 
ATOM   128 C  CZ  . ARG A 1 25  ? -2.021  11.220  8.164   1.00 42.98 ? 25  ARG A CZ  1 
ATOM   129 N  NH1 . ARG A 1 25  ? -2.641  10.218  7.534   1.00 43.70 ? 25  ARG A NH1 1 
ATOM   130 N  NH2 . ARG A 1 25  ? -2.627  11.819  9.177   1.00 43.68 ? 25  ARG A NH2 1 
ATOM   131 N  N   . CYS A 1 26  ? 4.004   8.465   7.586   1.00 30.27 ? 26  CYS A N   1 
ATOM   132 C  CA  . CYS A 1 26  ? 4.452   7.653   8.715   1.00 27.95 ? 26  CYS A CA  1 
ATOM   133 C  C   . CYS A 1 26  ? 3.330   7.382   9.686   1.00 28.29 ? 26  CYS A C   1 
ATOM   134 O  O   . CYS A 1 26  ? 3.334   7.917   10.799  1.00 27.68 ? 26  CYS A O   1 
ATOM   135 C  CB  . CYS A 1 26  ? 5.556   8.376   9.465   1.00 26.38 ? 26  CYS A CB  1 
ATOM   136 S  SG  . CYS A 1 26  ? 7.023   8.570   8.439   1.00 26.82 ? 26  CYS A SG  1 
ATOM   137 N  N   . THR A 1 27  ? 2.345   6.594   9.266   1.00 27.44 ? 27  THR A N   1 
ATOM   138 C  CA  . THR A 1 27  ? 1.186   6.363   10.098  1.00 25.74 ? 27  THR A CA  1 
ATOM   139 C  C   . THR A 1 27  ? 1.182   4.936   10.622  1.00 25.05 ? 27  THR A C   1 
ATOM   140 O  O   . THR A 1 27  ? 0.271   4.535   11.350  1.00 25.99 ? 27  THR A O   1 
ATOM   141 C  CB  . THR A 1 27  ? -0.068  6.625   9.321   1.00 26.44 ? 27  THR A CB  1 
ATOM   142 O  OG1 . THR A 1 27  ? 0.011   5.916   8.083   1.00 28.78 ? 27  THR A OG1 1 
ATOM   143 C  CG2 . THR A 1 27  ? -0.203  8.133   9.011   1.00 29.08 ? 27  THR A CG2 1 
ATOM   144 N  N   . CYS A 1 28  ? 2.247   4.200   10.339  1.00 23.25 ? 28  CYS A N   1 
ATOM   145 C  CA  . CYS A 1 28  ? 2.294   2.782   10.674  1.00 21.72 ? 28  CYS A CA  1 
ATOM   146 C  C   . CYS A 1 28  ? 3.018   2.646   11.969  1.00 23.56 ? 28  CYS A C   1 
ATOM   147 O  O   . CYS A 1 28  ? 3.860   3.481   12.278  1.00 24.54 ? 28  CYS A O   1 
ATOM   148 C  CB  . CYS A 1 28  ? 3.064   2.003   9.596   1.00 19.72 ? 28  CYS A CB  1 
ATOM   149 S  SG  . CYS A 1 28  ? 2.169   1.874   8.027   1.00 16.04 ? 28  CYS A SG  1 
ATOM   150 N  N   . SER A 1 29  ? 2.812   1.526   12.650  1.00 23.79 ? 29  SER A N   1 
ATOM   151 C  CA  . SER A 1 29  ? 3.467   1.297   13.934  1.00 27.47 ? 29  SER A CA  1 
ATOM   152 C  C   . SER A 1 29  ? 4.905   0.826   13.770  1.00 29.05 ? 29  SER A C   1 
ATOM   153 O  O   . SER A 1 29  ? 5.738   0.971   14.686  1.00 30.66 ? 29  SER A O   1 
ATOM   154 C  CB  . SER A 1 29  ? 2.691   0.268   14.745  1.00 28.03 ? 29  SER A CB  1 
ATOM   155 O  OG  . SER A 1 29  ? 1.375   0.718   14.937  1.00 31.71 ? 29  SER A OG  1 
ATOM   156 N  N   . GLY A 1 30  ? 5.186   0.202   12.631  1.00 27.87 ? 30  GLY A N   1 
ATOM   157 C  CA  . GLY A 1 30  ? 6.467   -0.463  12.489  1.00 30.66 ? 30  GLY A CA  1 
ATOM   158 C  C   . GLY A 1 30  ? 6.463   -1.933  12.914  1.00 31.06 ? 30  GLY A C   1 
ATOM   159 O  O   . GLY A 1 30  ? 5.565   -2.416  13.634  1.00 28.70 ? 30  GLY A O   1 
ATOM   160 N  N   . VAL A 1 31  ? 7.467   -2.646  12.414  1.00 31.26 ? 31  VAL A N   1 
ATOM   161 C  CA  . VAL A 1 31  ? 7.639   -4.072  12.645  1.00 32.72 ? 31  VAL A CA  1 
ATOM   162 C  C   . VAL A 1 31  ? 8.182   -4.268  14.075  1.00 32.18 ? 31  VAL A C   1 
ATOM   163 O  O   . VAL A 1 31  ? 9.103   -3.572  14.494  1.00 31.22 ? 31  VAL A O   1 
ATOM   164 C  CB  . VAL A 1 31  ? 8.626   -4.640  11.585  1.00 33.34 ? 31  VAL A CB  1 
ATOM   165 C  CG1 . VAL A 1 31  ? 8.921   -6.108  11.835  1.00 34.49 ? 31  VAL A CG1 1 
ATOM   166 C  CG2 . VAL A 1 31  ? 8.053   -4.419  10.196  1.00 34.54 ? 31  VAL A CG2 1 
ATOM   167 N  N   . ARG A 1 32  ? 7.555   -5.138  14.860  1.00 32.68 ? 32  ARG A N   1 
ATOM   168 C  CA  . ARG A 1 32  ? 7.970   -5.247  16.259  1.00 33.18 ? 32  ARG A CA  1 
ATOM   169 C  C   . ARG A 1 32  ? 8.997   -6.354  16.361  1.00 30.12 ? 32  ARG A C   1 
ATOM   170 O  O   . ARG A 1 32  ? 8.935   -7.160  17.268  1.00 34.66 ? 32  ARG A O   1 
ATOM   171 C  CB  . ARG A 1 32  ? 6.796   -5.577  17.207  1.00 35.55 ? 32  ARG A CB  1 
ATOM   172 C  CG  . ARG A 1 32  ? 5.687   -4.547  17.314  1.00 38.77 ? 32  ARG A CG  1 
ATOM   173 C  CD  . ARG A 1 32  ? 4.828   -4.659  16.074  1.00 43.84 ? 32  ARG A CD  1 
ATOM   174 N  NE  . ARG A 1 32  ? 3.418   -4.278  16.210  1.00 48.04 ? 32  ARG A NE  1 
ATOM   175 C  CZ  . ARG A 1 32  ? 2.971   -3.036  16.410  1.00 50.05 ? 32  ARG A CZ  1 
ATOM   176 N  NH1 . ARG A 1 32  ? 3.747   -2.119  17.010  1.00 52.02 ? 32  ARG A NH1 1 
ATOM   177 N  NH2 . ARG A 1 32  ? 1.685   -2.777  16.209  1.00 48.27 ? 32  ARG A NH2 1 
ATOM   178 N  N   . CYS A 1 33  ? 9.885   -6.457  15.377  1.00 26.67 ? 33  CYS A N   1 
ATOM   179 C  CA  . CYS A 1 33  ? 10.919  -7.474  15.386  1.00 20.61 ? 33  CYS A CA  1 
ATOM   180 C  C   . CYS A 1 33  ? 12.094  -7.031  14.525  1.00 21.51 ? 33  CYS A C   1 
ATOM   181 O  O   . CYS A 1 33  ? 12.008  -6.038  13.769  1.00 20.96 ? 33  CYS A O   1 
ATOM   182 C  CB  . CYS A 1 33  ? 10.373  -8.784  14.840  1.00 19.34 ? 33  CYS A CB  1 
ATOM   183 S  SG  . CYS A 1 33  ? 10.200  -8.793  13.017  1.00 17.06 ? 33  CYS A SG  1 
ATOM   184 N  N   . ARG A 1 34  ? 13.108  -7.893  14.515  1.00 21.82 ? 34  ARG A N   1 
ATOM   185 C  CA  . ARG A 1 34  ? 14.332  -7.710  13.751  1.00 24.67 ? 34  ARG A CA  1 
ATOM   186 C  C   . ARG A 1 34  ? 14.640  -8.963  12.930  1.00 21.05 ? 34  ARG A C   1 
ATOM   187 O  O   . ARG A 1 34  ? 15.801  -9.238  12.624  1.00 22.55 ? 34  ARG A O   1 
ATOM   188 C  CB  . ARG A 1 34  ? 15.513  -7.434  14.701  1.00 28.95 ? 34  ARG A CB  1 
ATOM   189 C  CG  . ARG A 1 34  ? 15.416  -6.126  15.477  1.00 33.72 ? 34  ARG A CG  1 
ATOM   190 C  CD  . ARG A 1 34  ? 16.629  -5.977  16.372  1.00 39.65 ? 34  ARG A CD  1 
ATOM   191 N  NE  . ARG A 1 34  ? 16.382  -5.117  17.532  1.00 45.62 ? 34  ARG A NE  1 
ATOM   192 C  CZ  . ARG A 1 34  ? 17.326  -4.724  18.389  1.00 47.38 ? 34  ARG A CZ  1 
ATOM   193 N  NH1 . ARG A 1 34  ? 18.604  -5.029  18.168  1.00 48.89 ? 34  ARG A NH1 1 
ATOM   194 N  NH2 . ARG A 1 34  ? 16.998  -3.976  19.433  1.00 49.06 ? 34  ARG A NH2 1 
ATOM   195 N  N   . VAL A 1 35  ? 13.602  -9.691  12.548  1.00 17.26 ? 35  VAL A N   1 
ATOM   196 C  CA  . VAL A 1 35  ? 13.741  -10.809 11.621  1.00 15.06 ? 35  VAL A CA  1 
ATOM   197 C  C   . VAL A 1 35  ? 14.343  -10.343 10.277  1.00 14.39 ? 35  VAL A C   1 
ATOM   198 O  O   . VAL A 1 35  ? 13.958  -9.287  9.753   1.00 12.43 ? 35  VAL A O   1 
ATOM   199 C  CB  . VAL A 1 35  ? 12.346  -11.487 11.389  1.00 13.70 ? 35  VAL A CB  1 
ATOM   200 C  CG1 . VAL A 1 35  ? 12.395  -12.522 10.270  1.00 12.97 ? 35  VAL A CG1 1 
ATOM   201 C  CG2 . VAL A 1 35  ? 11.897  -12.154 12.690  1.00 14.49 ? 35  VAL A CG2 1 
ATOM   202 N  N   . HIS A 1 36  ? 15.355  -11.082 9.799   1.00 14.60 ? 36  HIS A N   1 
ATOM   203 C  CA  . HIS A 1 36  ? 15.735  -11.090 8.374   1.00 15.00 ? 36  HIS A CA  1 
ATOM   204 C  C   . HIS A 1 36  ? 14.748  -11.791 7.412   1.00 14.81 ? 36  HIS A C   1 
ATOM   205 O  O   . HIS A 1 36  ? 14.589  -13.010 7.410   1.00 14.88 ? 36  HIS A O   1 
ATOM   206 C  CB  . HIS A 1 36  ? 17.121  -11.728 8.197   1.00 16.63 ? 36  HIS A CB  1 
ATOM   207 C  CG  . HIS A 1 36  ? 17.665  -11.594 6.807   1.00 15.97 ? 36  HIS A CG  1 
ATOM   208 N  ND1 . HIS A 1 36  ? 18.019  -10.373 6.265   1.00 15.64 ? 36  HIS A ND1 1 
ATOM   209 C  CD2 . HIS A 1 36  ? 17.740  -12.486 5.790   1.00 15.44 ? 36  HIS A CD2 1 
ATOM   210 C  CE1 . HIS A 1 36  ? 18.281  -10.521 4.978   1.00 15.25 ? 36  HIS A CE1 1 
ATOM   211 N  NE2 . HIS A 1 36  ? 18.112  -11.787 4.662   1.00 15.29 ? 36  HIS A NE2 1 
ATOM   212 N  N   . CYS A 1 37  ? 14.111  -11.010 6.557   1.00 14.58 ? 37  CYS A N   1 
ATOM   213 C  CA  . CYS A 1 37  ? 13.235  -11.540 5.520   1.00 14.50 ? 37  CYS A CA  1 
ATOM   214 C  C   . CYS A 1 37  ? 13.851  -11.281 4.139   1.00 17.03 ? 37  CYS A C   1 
ATOM   215 O  O   . CYS A 1 37  ? 13.958  -10.124 3.701   1.00 15.74 ? 37  CYS A O   1 
ATOM   216 C  CB  . CYS A 1 37  ? 11.888  -10.865 5.597   1.00 12.51 ? 37  CYS A CB  1 
ATOM   217 S  SG  . CYS A 1 37  ? 10.939  -11.255 7.111   1.00 13.99 ? 37  CYS A SG  1 
ATOM   218 N  N   . PRO A 1 38  ? 14.321  -12.350 3.470   1.00 18.23 ? 38  PRO A N   1 
ATOM   219 C  CA  . PRO A 1 38  ? 14.939  -12.278 2.138   1.00 17.76 ? 38  PRO A CA  1 
ATOM   220 C  C   . PRO A 1 38  ? 14.145  -11.502 1.109   1.00 18.19 ? 38  PRO A C   1 
ATOM   221 O  O   . PRO A 1 38  ? 14.733  -10.835 0.275   1.00 22.51 ? 38  PRO A O   1 
ATOM   222 C  CB  . PRO A 1 38  ? 15.088  -13.741 1.720   1.00 19.43 ? 38  PRO A CB  1 
ATOM   223 C  CG  . PRO A 1 38  ? 14.989  -14.536 2.955   1.00 19.00 ? 38  PRO A CG  1 
ATOM   224 C  CD  . PRO A 1 38  ? 14.226  -13.739 3.968   1.00 18.52 ? 38  PRO A CD  1 
ATOM   225 N  N   . HIS A 1 39  ? 12.822  -11.582 1.150   1.00 14.67 ? 39  HIS A N   1 
ATOM   226 C  CA  . HIS A 1 39  ? 12.000  -10.749 0.283   1.00 15.36 ? 39  HIS A CA  1 
ATOM   227 C  C   . HIS A 1 39  ? 11.290  -9.604  0.972   1.00 13.78 ? 39  HIS A C   1 
ATOM   228 O  O   . HIS A 1 39  ? 10.321  -9.082  0.442   1.00 16.69 ? 39  HIS A O   1 
ATOM   229 C  CB  . HIS A 1 39  ? 10.951  -11.579 -0.461  1.00 16.45 ? 39  HIS A CB  1 
ATOM   230 C  CG  . HIS A 1 39  ? 11.529  -12.715 -1.237  1.00 19.22 ? 39  HIS A CG  1 
ATOM   231 N  ND1 . HIS A 1 39  ? 12.420  -12.526 -2.271  1.00 21.84 ? 39  HIS A ND1 1 
ATOM   232 C  CD2 . HIS A 1 39  ? 11.371  -14.052 -1.110  1.00 20.45 ? 39  HIS A CD2 1 
ATOM   233 C  CE1 . HIS A 1 39  ? 12.780  -13.701 -2.754  1.00 21.97 ? 39  HIS A CE1 1 
ATOM   234 N  NE2 . HIS A 1 39  ? 12.160  -14.640 -2.068  1.00 23.72 ? 39  HIS A NE2 1 
ATOM   235 N  N   . GLY A 1 40  ? 11.734  -9.218  2.154   1.00 12.86 ? 40  GLY A N   1 
ATOM   236 C  CA  . GLY A 1 40  ? 11.012  -8.197  2.899   1.00 13.30 ? 40  GLY A CA  1 
ATOM   237 C  C   . GLY A 1 40  ? 9.796   -8.673  3.703   1.00 10.59 ? 40  GLY A C   1 
ATOM   238 O  O   . GLY A 1 40  ? 9.374   -9.808  3.628   1.00 10.63 ? 40  GLY A O   1 
ATOM   239 N  N   . PHE A 1 41  ? 9.202   -7.744  4.427   1.00 11.84 ? 41  PHE A N   1 
ATOM   240 C  CA  . PHE A 1 41  ? 8.028   -7.968  5.262   1.00 13.31 ? 41  PHE A CA  1 
ATOM   241 C  C   . PHE A 1 41  ? 6.746   -7.840  4.477   1.00 12.95 ? 41  PHE A C   1 
ATOM   242 O  O   . PHE A 1 41  ? 6.653   -7.055  3.554   1.00 12.96 ? 41  PHE A O   1 
ATOM   243 C  CB  . PHE A 1 41  ? 7.999   -6.941  6.403   1.00 12.68 ? 41  PHE A CB  1 
ATOM   244 C  CG  . PHE A 1 41  ? 9.100   -7.120  7.413   1.00 14.39 ? 41  PHE A CG  1 
ATOM   245 C  CD1 . PHE A 1 41  ? 9.186   -8.290  8.182   1.00 12.93 ? 41  PHE A CD1 1 
ATOM   246 C  CD2 . PHE A 1 41  ? 10.062  -6.125  7.601   1.00 15.95 ? 41  PHE A CD2 1 
ATOM   247 C  CE1 . PHE A 1 41  ? 10.192  -8.481  9.105   1.00 11.03 ? 41  PHE A CE1 1 
ATOM   248 C  CE2 . PHE A 1 41  ? 11.095  -6.316  8.546   1.00 15.99 ? 41  PHE A CE2 1 
ATOM   249 C  CZ  . PHE A 1 41  ? 11.145  -7.524  9.303   1.00 13.57 ? 41  PHE A CZ  1 
ATOM   250 N  N   . GLN A 1 42  ? 5.769   -8.663  4.824   1.00 13.09 ? 42  GLN A N   1 
ATOM   251 C  CA  . GLN A 1 42  ? 4.408   -8.531  4.331   1.00 13.59 ? 42  GLN A CA  1 
ATOM   252 C  C   . GLN A 1 42  ? 3.794   -7.241  4.806   1.00 12.22 ? 42  GLN A C   1 
ATOM   253 O  O   . GLN A 1 42  ? 4.247   -6.650  5.781   1.00 12.94 ? 42  GLN A O   1 
ATOM   254 C  CB  . GLN A 1 42  ? 3.555   -9.723  4.791   1.00 14.79 ? 42  GLN A CB  1 
ATOM   255 C  CG  . GLN A 1 42  ? 4.119   -10.998 4.215   1.00 19.00 ? 42  GLN A CG  1 
ATOM   256 C  CD  . GLN A 1 42  ? 3.153   -12.154 4.241   1.00 24.63 ? 42  GLN A CD  1 
ATOM   257 O  OE1 . GLN A 1 42  ? 1.930   -11.977 4.126   1.00 26.84 ? 42  GLN A OE1 1 
ATOM   258 N  NE2 . GLN A 1 42  ? 3.697   -13.363 4.423   1.00 23.98 ? 42  GLN A NE2 1 
ATOM   259 N  N   . ARG A 1 43  ? 2.812   -6.758  4.073   1.00 11.62 ? 43  ARG A N   1 
ATOM   260 C  CA  . ARG A 1 43  ? 2.109   -5.570  4.511   1.00 14.48 ? 43  ARG A CA  1 
ATOM   261 C  C   . ARG A 1 43  ? 0.634   -5.890  4.647   1.00 14.34 ? 43  ARG A C   1 
ATOM   262 O  O   . ARG A 1 43  ? 0.103   -6.736  3.922   1.00 15.27 ? 43  ARG A O   1 
ATOM   263 C  CB  . ARG A 1 43  ? 2.322   -4.410  3.513   1.00 16.49 ? 43  ARG A CB  1 
ATOM   264 C  CG  . ARG A 1 43  ? 3.774   -3.894  3.495   1.00 20.69 ? 43  ARG A CG  1 
ATOM   265 C  CD  . ARG A 1 43  ? 3.876   -2.560  2.810   1.00 23.79 ? 43  ARG A CD  1 
ATOM   266 N  NE  . ARG A 1 43  ? 5.250   -2.071  2.699   1.00 24.13 ? 43  ARG A NE  1 
ATOM   267 C  CZ  . ARG A 1 43  ? 5.716   -1.018  3.356   1.00 24.42 ? 43  ARG A CZ  1 
ATOM   268 N  NH1 . ARG A 1 43  ? 4.919   -0.296  4.141   1.00 23.83 ? 43  ARG A NH1 1 
ATOM   269 N  NH2 . ARG A 1 43  ? 6.989   -0.703  3.228   1.00 25.86 ? 43  ARG A NH2 1 
ATOM   270 N  N   . SER A 1 44  ? -0.044  -5.186  5.549   1.00 13.41 ? 44  SER A N   1 
ATOM   271 C  CA  . SER A 1 44  ? -1.500  -5.108  5.489   1.00 12.34 ? 44  SER A CA  1 
ATOM   272 C  C   . SER A 1 44  ? -1.946  -4.446  4.184   1.00 12.66 ? 44  SER A C   1 
ATOM   273 O  O   . SER A 1 44  ? -1.163  -3.762  3.499   1.00 10.20 ? 44  SER A O   1 
ATOM   274 C  CB  . SER A 1 44  ? -2.048  -4.321  6.689   1.00 13.43 ? 44  SER A CB  1 
ATOM   275 O  OG  . SER A 1 44  ? -1.567  -2.993  6.670   1.00 13.37 ? 44  SER A OG  1 
ATOM   276 N  N   . ARG A 1 45  ? -3.184  -4.726  3.795   1.00 12.72 ? 45  ARG A N   1 
ATOM   277 C  CA  . ARG A 1 45  ? -3.724  -4.174  2.543   1.00 13.56 ? 45  ARG A CA  1 
ATOM   278 C  C   . ARG A 1 45  ? -3.836  -2.639  2.628   1.00 14.06 ? 45  ARG A C   1 
ATOM   279 O  O   . ARG A 1 45  ? -4.033  -1.981  1.596   1.00 13.84 ? 45  ARG A O   1 
ATOM   280 C  CB  . ARG A 1 45  ? -5.096  -4.758  2.230   1.00 10.94 ? 45  ARG A CB  1 
ATOM   281 C  CG  . ARG A 1 45  ? -6.158  -4.510  3.298   1.00 9.53  ? 45  ARG A CG  1 
ATOM   282 C  CD  . ARG A 1 45  ? -7.511  -4.697  2.682   1.00 10.70 ? 45  ARG A CD  1 
ATOM   283 N  NE  . ARG A 1 45  ? -7.897  -6.104  2.572   1.00 10.86 ? 45  ARG A NE  1 
ATOM   284 C  CZ  . ARG A 1 45  ? -8.845  -6.560  1.764   1.00 10.09 ? 45  ARG A CZ  1 
ATOM   285 N  NH1 . ARG A 1 45  ? -9.913  -5.800  1.569   1.00 12.36 ? 45  ARG A NH1 1 
ATOM   286 N  NH2 . ARG A 1 45  ? -9.016  -7.878  1.635   1.00 9.78  ? 45  ARG A NH2 1 
ATOM   287 N  N   . TYR A 1 46  ? -3.794  -2.091  3.854   1.00 13.90 ? 46  TYR A N   1 
ATOM   288 C  CA  . TYR A 1 46  ? -3.773  -0.631  4.015   1.00 15.77 ? 46  TYR A CA  1 
ATOM   289 C  C   . TYR A 1 46  ? -2.378  -0.041  4.079   1.00 15.57 ? 46  TYR A C   1 
ATOM   290 O  O   . TYR A 1 46  ? -2.249  1.149   4.277   1.00 19.97 ? 46  TYR A O   1 
ATOM   291 C  CB  . TYR A 1 46  ? -4.594  -0.200  5.230   1.00 15.37 ? 46  TYR A CB  1 
ATOM   292 C  CG  . TYR A 1 46  ? -6.107  -0.287  4.966   1.00 15.80 ? 46  TYR A CG  1 
ATOM   293 C  CD1 . TYR A 1 46  ? -6.742  0.647   4.127   1.00 13.24 ? 46  TYR A CD1 1 
ATOM   294 C  CD2 . TYR A 1 46  ? -6.872  -1.357  5.470   1.00 13.53 ? 46  TYR A CD2 1 
ATOM   295 C  CE1 . TYR A 1 46  ? -8.079  0.516   3.781   1.00 13.30 ? 46  TYR A CE1 1 
ATOM   296 C  CE2 . TYR A 1 46  ? -8.228  -1.494  5.129   1.00 15.47 ? 46  TYR A CE2 1 
ATOM   297 C  CZ  . TYR A 1 46  ? -8.822  -0.550  4.271   1.00 13.59 ? 46  TYR A CZ  1 
ATOM   298 O  OH  . TYR A 1 46  ? -10.147 -0.684  3.884   1.00 13.15 ? 46  TYR A OH  1 
ATOM   299 N  N   . GLY A 1 47  ? -1.341  -0.873  3.949   1.00 14.75 ? 47  GLY A N   1 
ATOM   300 C  CA  . GLY A 1 47  ? -0.003  -0.387  3.652   1.00 12.65 ? 47  GLY A CA  1 
ATOM   301 C  C   . GLY A 1 47  ? 1.075   -0.402  4.724   1.00 12.35 ? 47  GLY A C   1 
ATOM   302 O  O   . GLY A 1 47  ? 2.165   0.148   4.513   1.00 12.08 ? 47  GLY A O   1 
ATOM   303 N  N   . CYS A 1 48  ? 0.815   -1.071  5.848   1.00 12.77 ? 48  CYS A N   1 
ATOM   304 C  CA  . CYS A 1 48  ? 1.812   -1.228  6.916   1.00 12.94 ? 48  CYS A CA  1 
ATOM   305 C  C   . CYS A 1 48  ? 2.496   -2.613  6.992   1.00 12.69 ? 48  CYS A C   1 
ATOM   306 O  O   . CYS A 1 48  ? 1.835   -3.656  6.969   1.00 11.46 ? 48  CYS A O   1 
ATOM   307 C  CB  . CYS A 1 48  ? 1.170   -0.909  8.283   1.00 13.73 ? 48  CYS A CB  1 
ATOM   308 S  SG  . CYS A 1 48  ? 0.505   0.779   8.404   1.00 18.06 ? 48  CYS A SG  1 
ATOM   309 N  N   . GLU A 1 49  ? 3.825   -2.594  7.091   1.00 13.79 ? 49  GLU A N   1 
ATOM   310 C  CA  . GLU A 1 49  ? 4.638   -3.799  7.348   1.00 15.10 ? 49  GLU A CA  1 
ATOM   311 C  C   . GLU A 1 49  ? 4.353   -4.447  8.709   1.00 14.92 ? 49  GLU A C   1 
ATOM   312 O  O   . GLU A 1 49  ? 4.078   -3.759  9.711   1.00 14.53 ? 49  GLU A O   1 
ATOM   313 C  CB  . GLU A 1 49  ? 6.144   -3.474  7.249   1.00 14.67 ? 49  GLU A CB  1 
ATOM   314 C  CG  . GLU A 1 49  ? 6.623   -3.357  5.817   1.00 16.08 ? 49  GLU A CG  1 
ATOM   315 C  CD  . GLU A 1 49  ? 8.110   -3.102  5.680   1.00 17.92 ? 49  GLU A CD  1 
ATOM   316 O  OE1 . GLU A 1 49  ? 8.691   -2.566  6.624   1.00 19.63 ? 49  GLU A OE1 1 
ATOM   317 O  OE2 . GLU A 1 49  ? 8.693   -3.427  4.612   1.00 19.12 ? 49  GLU A OE2 1 
ATOM   318 N  N   . PHE A 1 50  ? 4.421   -5.768  8.734   1.00 12.54 ? 50  PHE A N   1 
ATOM   319 C  CA  . PHE A 1 50  ? 4.346   -6.487  9.978   1.00 14.35 ? 50  PHE A CA  1 
ATOM   320 C  C   . PHE A 1 50  ? 5.345   -7.607  9.879   1.00 15.18 ? 50  PHE A C   1 
ATOM   321 O  O   . PHE A 1 50  ? 5.803   -7.928  8.767   1.00 11.72 ? 50  PHE A O   1 
ATOM   322 C  CB  . PHE A 1 50  ? 2.928   -7.008  10.205  1.00 17.76 ? 50  PHE A CB  1 
ATOM   323 C  CG  . PHE A 1 50  ? 1.950   -5.920  10.429  1.00 22.78 ? 50  PHE A CG  1 
ATOM   324 C  CD1 . PHE A 1 50  ? 2.055   -5.112  11.570  1.00 26.21 ? 50  PHE A CD1 1 
ATOM   325 C  CD2 . PHE A 1 50  ? 1.063   -5.544  9.407   1.00 23.63 ? 50  PHE A CD2 1 
ATOM   326 C  CE1 . PHE A 1 50  ? 1.306   -3.925  11.685  1.00 27.41 ? 50  PHE A CE1 1 
ATOM   327 C  CE2 . PHE A 1 50  ? 0.302   -4.380  9.502   1.00 24.61 ? 50  PHE A CE2 1 
ATOM   328 C  CZ  . PHE A 1 50  ? 0.418   -3.561  10.640  1.00 28.09 ? 50  PHE A CZ  1 
ATOM   329 N  N   . CYS A 1 51  ? 5.640   -8.228  11.033  1.00 13.40 ? 51  CYS A N   1 
ATOM   330 C  CA  . CYS A 1 51  ? 6.742   -9.189  11.130  1.00 13.34 ? 51  CYS A CA  1 
ATOM   331 C  C   . CYS A 1 51  ? 6.369   -10.587 10.633  1.00 14.42 ? 51  CYS A C   1 
ATOM   332 O  O   . CYS A 1 51  ? 6.335   -11.562 11.404  1.00 13.79 ? 51  CYS A O   1 
ATOM   333 C  CB  . CYS A 1 51  ? 7.262   -9.279  12.578  1.00 14.21 ? 51  CYS A CB  1 
ATOM   334 S  SG  . CYS A 1 51  ? 8.799   -10.234 12.673  1.00 16.40 ? 51  CYS A SG  1 
ATOM   335 N  N   . LYS A 1 52  ? 6.160   -10.699 9.330   1.00 13.71 ? 52  LYS A N   1 
ATOM   336 C  CA  . LYS A 1 52  ? 6.018   -11.987 8.658   1.00 12.84 ? 52  LYS A CA  1 
ATOM   337 C  C   . LYS A 1 52  ? 6.735   -11.777 7.317   1.00 13.87 ? 52  LYS A C   1 
ATOM   338 O  O   . LYS A 1 52  ? 6.446   -10.787 6.625   1.00 13.96 ? 52  LYS A O   1 
ATOM   339 C  CB  . LYS A 1 52  ? 4.519   -12.285 8.402   1.00 12.94 ? 52  LYS A CB  1 
ATOM   340 C  CG  . LYS A 1 52  ? 4.245   -13.663 7.735   1.00 15.06 ? 52  LYS A CG  1 
ATOM   341 C  CD  . LYS A 1 52  ? 2.744   -14.011 7.646   1.00 16.91 ? 52  LYS A CD  1 
ATOM   342 C  CE  . LYS A 1 52  ? 2.536   -15.528 7.695   1.00 19.43 ? 52  LYS A CE  1 
ATOM   343 N  NZ  . LYS A 1 52  ? 2.610   -15.995 9.185   1.00 21.14 ? 52  LYS A NZ  1 
ATOM   344 N  N   . CYS A 1 53  ? 7.560   -12.734 6.894   1.00 11.83 ? 53  CYS A N   1 
ATOM   345 C  CA  . CYS A 1 53  ? 8.254   -12.627 5.603   1.00 12.55 ? 53  CYS A CA  1 
ATOM   346 C  C   . CYS A 1 53  ? 7.374   -12.925 4.380   1.00 13.25 ? 53  CYS A C   1 
ATOM   347 O  O   . CYS A 1 53  ? 6.481   -13.776 4.432   1.00 12.41 ? 53  CYS A O   1 
ATOM   348 C  CB  . CYS A 1 53  ? 9.465   -13.542 5.591   1.00 10.64 ? 53  CYS A CB  1 
ATOM   349 S  SG  . CYS A 1 53  ? 10.619  -13.265 6.967   1.00 13.32 ? 53  CYS A SG  1 
ATOM   350 N  N   . ARG A 1 54  ? 7.515   -12.085 3.352   1.00 13.79 ? 54  ARG A N   1 
ATOM   351 C  CA  . ARG A 1 54  ? 6.933   -12.321 2.032   1.00 15.23 ? 54  ARG A CA  1 
ATOM   352 C  C   . ARG A 1 54  ? 7.439   -13.633 1.474   1.00 16.78 ? 54  ARG A C   1 
ATOM   353 O  O   . ARG A 1 54  ? 8.634   -13.935 1.563   1.00 14.95 ? 54  ARG A O   1 
ATOM   354 C  CB  . ARG A 1 54  ? 7.382   -11.225 1.055   1.00 18.10 ? 54  ARG A CB  1 
ATOM   355 C  CG  . ARG A 1 54  ? 6.626   -9.935  1.137   1.00 21.74 ? 54  ARG A CG  1 
ATOM   356 C  CD  . ARG A 1 54  ? 7.027   -9.055  -0.020  1.00 25.39 ? 54  ARG A CD  1 
ATOM   357 N  NE  . ARG A 1 54  ? 6.791   -7.682  0.376   1.00 31.28 ? 54  ARG A NE  1 
ATOM   358 C  CZ  . ARG A 1 54  ? 5.658   -7.033  0.118   1.00 33.18 ? 54  ARG A CZ  1 
ATOM   359 N  NH1 . ARG A 1 54  ? 4.847   -7.514  -0.828  1.00 32.71 ? 54  ARG A NH1 1 
ATOM   360 N  NH2 . ARG A 1 54  ? 5.430   -5.833  0.665   1.00 31.86 ? 54  ARG A NH2 1 
ATOM   361 N  N   . LEU A 1 55  ? 6.589   -14.314 0.724   1.00 19.19 ? 55  LEU A N   1 
ATOM   362 C  CA  . LEU A 1 55  ? 7.022   -15.543 0.087   1.00 24.11 ? 55  LEU A CA  1 
ATOM   363 C  C   . LEU A 1 55  ? 7.717   -15.291 -1.266  1.00 25.48 ? 55  LEU A C   1 
ATOM   364 O  O   . LEU A 1 55  ? 8.655   -15.988 -1.601  1.00 27.88 ? 55  LEU A O   1 
ATOM   365 C  CB  . LEU A 1 55  ? 5.829   -16.519 -0.038  1.00 27.25 ? 55  LEU A CB  1 
ATOM   366 C  CG  . LEU A 1 55  ? 5.089   -17.056 1.225   1.00 28.69 ? 55  LEU A CG  1 
ATOM   367 C  CD1 . LEU A 1 55  ? 6.053   -17.508 2.292   1.00 29.56 ? 55  LEU A CD1 1 
ATOM   368 C  CD2 . LEU A 1 55  ? 4.199   -15.963 1.812   1.00 32.51 ? 55  LEU A CD2 1 
ATOM   369 N  N   . GLU A 1 56  ? 7.430   -14.166 -1.912  1.00 27.69 ? 56  GLU A N   1 
ATOM   370 C  CA  . GLU A 1 56  ? 8.066   -13.808 -3.185  1.00 30.56 ? 56  GLU A CA  1 
ATOM   371 C  C   . GLU A 1 56  ? 8.354   -12.301 -3.199  1.00 30.85 ? 56  GLU A C   1 
ATOM   372 O  O   . GLU A 1 56  ? 7.874   -11.577 -2.329  1.00 32.23 ? 56  GLU A O   1 
ATOM   373 C  CB  . GLU A 1 56  ? 7.150   -14.160 -4.357  1.00 34.21 ? 56  GLU A CB  1 
ATOM   374 C  CG  . GLU A 1 56  ? 6.561   -15.582 -4.328  1.00 38.71 ? 56  GLU A CG  1 
ATOM   375 C  CD  . GLU A 1 56  ? 7.538   -16.665 -4.790  1.00 41.70 ? 56  GLU A CD  1 
ATOM   376 O  OE1 . GLU A 1 56  ? 8.051   -16.559 -5.923  1.00 43.90 ? 56  GLU A OE1 1 
ATOM   377 O  OE2 . GLU A 1 56  ? 7.726   -17.674 -4.062  1.00 44.28 ? 56  GLU A OE2 1 
ATOM   378 N  N   . PRO A 1 57  ? 9.238   -11.821 -4.103  1.00 31.25 ? 57  PRO A N   1 
ATOM   379 C  CA  . PRO A 1 57  ? 9.526   -10.370 -4.066  1.00 30.96 ? 57  PRO A CA  1 
ATOM   380 C  C   . PRO A 1 57  ? 8.361   -9.463  -4.546  1.00 29.88 ? 57  PRO A C   1 
ATOM   381 O  O   . PRO A 1 57  ? 7.436   -9.931  -5.220  1.00 30.95 ? 57  PRO A O   1 
ATOM   382 C  CB  . PRO A 1 57  ? 10.791  -10.226 -4.944  1.00 30.10 ? 57  PRO A CB  1 
ATOM   383 C  CG  . PRO A 1 57  ? 10.839  -11.465 -5.808  1.00 28.70 ? 57  PRO A CG  1 
ATOM   384 C  CD  . PRO A 1 57  ? 10.171  -12.557 -4.985  1.00 30.69 ? 57  PRO A CD  1 
ATOM   385 N  N   . MET A 1 58  ? 8.296   -8.253  -4.003  1.00 29.13 ? 58  MET A N   1 
ATOM   386 C  CA  . MET A 1 58  ? 7.403   -7.226  -4.524  1.00 29.89 ? 58  MET A CA  1 
ATOM   387 C  C   . MET A 1 58  ? 8.053   -6.687  -5.788  1.00 30.10 ? 58  MET A C   1 
ATOM   388 O  O   . MET A 1 58  ? 9.288   -6.634  -5.864  1.00 31.11 ? 58  MET A O   1 
ATOM   389 C  CB  . MET A 1 58  ? 7.234   -6.074  -3.521  1.00 31.32 ? 58  MET A CB  1 
ATOM   390 C  CG  . MET A 1 58  ? 6.109   -5.103  -3.848  1.00 32.04 ? 58  MET A CG  1 
ATOM   391 S  SD  . MET A 1 58  ? 6.222   -3.689  -2.765  1.00 36.67 ? 58  MET A SD  1 
ATOM   392 C  CE  . MET A 1 58  ? 5.224   -2.338  -3.675  1.00 34.70 ? 58  MET A CE  1 
ATOM   393 N  N   . LYS A 1 59  ? 7.246   -6.466  -6.829  1.00 30.02 ? 59  LYS A N   1 
ATOM   394 C  CA  . LYS A 1 59  ? 7.742   -5.867  -8.062  1.00 29.18 ? 59  LYS A CA  1 
ATOM   395 C  C   . LYS A 1 59  ? 8.320   -4.518  -7.674  1.00 28.44 ? 59  LYS A C   1 
ATOM   396 O  O   . LYS A 1 59  ? 7.745   -3.821  -6.829  1.00 26.25 ? 59  LYS A O   1 
ATOM   397 C  CB  . LYS A 1 59  ? 6.598   -5.696  -9.070  1.00 31.01 ? 59  LYS A CB  1 
ATOM   398 C  CG  . LYS A 1 59  ? 7.004   -4.990  -10.398 1.00 31.83 ? 59  LYS A CG  1 
ATOM   399 C  CD  . LYS A 1 59  ? 6.065   -5.408  -11.540 1.00 33.87 ? 59  LYS A CD  1 
ATOM   400 C  CE  . LYS A 1 59  ? 6.229   -4.556  -12.788 1.00 34.55 ? 59  LYS A CE  1 
ATOM   401 N  NZ  . LYS A 1 59  ? 5.593   -3.184  -12.670 1.00 37.49 ? 59  LYS A NZ  1 
ATOM   402 N  N   . ALA A 1 60  ? 9.520   -4.217  -8.166  1.00 27.63 ? 60  ALA A N   1 
ATOM   403 C  CA  . ALA A 1 60  ? 10.324  -3.145  -7.579  1.00 27.86 ? 60  ALA A CA  1 
ATOM   404 C  C   . ALA A 1 60  ? 9.737   -1.786  -7.851  1.00 28.39 ? 60  ALA A C   1 
ATOM   405 O  O   . ALA A 1 60  ? 9.897   -0.862  -7.061  1.00 29.23 ? 60  ALA A O   1 
ATOM   406 C  CB  . ALA A 1 60  ? 11.744  -3.200  -8.118  1.00 27.31 ? 60  ALA A CB  1 
ATOM   407 N  N   . THR A 1 61  ? 9.220   -1.627  -9.067  1.00 29.10 ? 61  THR A N   1 
ATOM   408 C  CA  . THR A 1 61  ? 8.796   -0.325  -9.560  1.00 27.00 ? 61  THR A CA  1 
ATOM   409 C  C   . THR A 1 61  ? 7.561   -0.466  -10.444 1.00 25.01 ? 61  THR A C   1 
ATOM   410 O  O   . THR A 1 61  ? 7.280   -1.556  -10.999 1.00 24.85 ? 61  THR A O   1 
ATOM   411 C  CB  . THR A 1 61  ? 9.944   0.327   -10.365 1.00 28.58 ? 61  THR A CB  1 
ATOM   412 O  OG1 . THR A 1 61  ? 9.817   1.752   -10.286 1.00 31.66 ? 61  THR A OG1 1 
ATOM   413 C  CG2 . THR A 1 61  ? 9.939   -0.156  -11.831 1.00 25.00 ? 61  THR A CG2 1 
ATOM   414 N  N   . CYS A 1 62  ? 6.758   0.588   -10.473 1.00 24.15 ? 62  CYS A N   1 
ATOM   415 C  CA  . CYS A 1 62  ? 5.627   0.618   -11.387 1.00 24.55 ? 62  CYS A CA  1 
ATOM   416 C  C   . CYS A 1 62  ? 5.489   2.023   -11.952 1.00 24.87 ? 62  CYS A C   1 
ATOM   417 O  O   . CYS A 1 62  ? 5.584   2.997   -11.203 1.00 23.82 ? 62  CYS A O   1 
ATOM   418 C  CB  . CYS A 1 62  ? 4.337   0.192   -10.652 1.00 21.90 ? 62  CYS A CB  1 
ATOM   419 S  SG  . CYS A 1 62  ? 2.878   -0.066  -11.719 1.00 22.54 ? 62  CYS A SG  1 
ATOM   420 N  N   . ASP A 1 63  ? 5.136   2.093   -13.234 1.00 24.91 ? 63  ASP A N   1 
ATOM   421 C  CA  . ASP A 1 63  ? 4.796   3.345   -13.906 1.00 27.72 ? 63  ASP A CA  1 
ATOM   422 C  C   . ASP A 1 63  ? 3.513   3.205   -14.739 1.00 25.34 ? 63  ASP A C   1 
ATOM   423 O  O   . ASP A 1 63  ? 3.320   2.175   -15.407 1.00 24.67 ? 63  ASP A O   1 
ATOM   424 C  CB  . ASP A 1 63  ? 5.950   3.772   -14.832 1.00 31.30 ? 63  ASP A CB  1 
ATOM   425 C  CG  . ASP A 1 63  ? 5.785   5.196   -15.333 1.00 35.50 ? 63  ASP A CG  1 
ATOM   426 O  OD1 . ASP A 1 63  ? 6.001   6.103   -14.494 1.00 38.67 ? 63  ASP A OD1 1 
ATOM   427 O  OD2 . ASP A 1 63  ? 5.323   5.417   -16.489 1.00 34.19 ? 63  ASP A OD2 1 
ATOM   428 N  N   . ILE A 1 64  ? 2.713   4.279   -14.774 1.00 26.19 ? 64  ILE A N   1 
ATOM   429 C  CA  . ILE A 1 64  ? 1.472   4.361   -15.584 1.00 28.97 ? 64  ILE A CA  1 
ATOM   430 C  C   . ILE A 1 64  ? 1.638   3.992   -17.074 1.00 30.80 ? 64  ILE A C   1 
ATOM   431 O  O   . ILE A 1 64  ? 0.723   3.420   -17.692 1.00 31.62 ? 64  ILE A O   1 
ATOM   432 C  CB  . ILE A 1 64  ? 0.831   5.784   -15.504 1.00 28.86 ? 64  ILE A CB  1 
ATOM   433 C  CG1 . ILE A 1 64  ? -0.553  5.808   -16.161 1.00 29.56 ? 64  ILE A CG1 1 
ATOM   434 C  CG2 . ILE A 1 64  ? 1.692   6.807   -16.247 1.00 29.20 ? 64  ILE A CG2 1 
ATOM   435 C  CD1 . ILE A 1 64  ? -1.663  5.162   -15.348 1.00 27.61 ? 64  ILE A CD1 1 
ATOM   436 N  N   . SER A 1 65  ? 2.818   4.266   -17.627 1.00 31.12 ? 65  SER A N   1 
ATOM   437 C  CA  . SER A 1 65  ? 3.104   3.976   -19.023 1.00 31.06 ? 65  SER A CA  1 
ATOM   438 C  C   . SER A 1 65  ? 3.032   2.476   -19.266 1.00 31.76 ? 65  SER A C   1 
ATOM   439 O  O   . SER A 1 65  ? 2.567   2.056   -20.337 1.00 30.62 ? 65  SER A O   1 
ATOM   440 C  CB  . SER A 1 65  ? 4.491   4.536   -19.423 1.00 30.90 ? 65  SER A CB  1 
ATOM   441 O  OG  . SER A 1 65  ? 5.562   3.725   -18.954 1.00 31.37 ? 65  SER A OG  1 
ATOM   442 N  N   . GLU A 1 66  ? 3.330   1.673   -18.227 1.00 30.53 ? 66  GLU A N   1 
ATOM   443 C  CA  . GLU A 1 66  ? 3.241   0.209   -18.349 1.00 31.13 ? 66  GLU A CA  1 
ATOM   444 C  C   . GLU A 1 66  ? 1.795   -0.259  -18.381 1.00 27.59 ? 66  GLU A C   1 
ATOM   445 O  O   . GLU A 1 66  ? 1.529   -1.407  -18.675 1.00 27.41 ? 66  GLU A O   1 
ATOM   446 C  CB  . GLU A 1 66  ? 3.909   -0.529  -17.174 1.00 34.47 ? 66  GLU A CB  1 
ATOM   447 C  CG  . GLU A 1 66  ? 5.377   -0.223  -16.827 1.00 36.81 ? 66  GLU A CG  1 
ATOM   448 C  CD  . GLU A 1 66  ? 5.709   -0.629  -15.384 1.00 36.23 ? 66  GLU A CD  1 
ATOM   449 O  OE1 . GLU A 1 66  ? 4.778   -0.848  -14.594 1.00 37.05 ? 66  GLU A OE1 1 
ATOM   450 O  OE2 . GLU A 1 66  ? 6.893   -0.672  -15.008 1.00 38.28 ? 66  GLU A OE2 1 
ATOM   451 N  N   . CYS A 1 67  ? 0.889   0.581   -17.909 1.00 26.04 ? 67  CYS A N   1 
ATOM   452 C  CA  . CYS A 1 67  ? -0.427  0.120   -17.560 1.00 23.55 ? 67  CYS A CA  1 
ATOM   453 C  C   . CYS A 1 67  ? -1.390  -0.014  -18.722 1.00 26.04 ? 67  CYS A C   1 
ATOM   454 O  O   . CYS A 1 67  ? -1.414  0.820   -19.617 1.00 29.52 ? 67  CYS A O   1 
ATOM   455 C  CB  . CYS A 1 67  ? -1.001  1.038   -16.511 1.00 22.20 ? 67  CYS A CB  1 
ATOM   456 S  SG  . CYS A 1 67  ? -0.306  0.801   -14.845 1.00 21.48 ? 67  CYS A SG  1 
ATOM   457 N  N   . PRO A 1 68  ? -2.268  -1.029  -18.682 1.00 25.95 ? 68  PRO A N   1 
ATOM   458 C  CA  . PRO A 1 68  ? -3.476  -1.047  -19.517 1.00 25.41 ? 68  PRO A CA  1 
ATOM   459 C  C   . PRO A 1 68  ? -4.323  0.224   -19.436 1.00 25.42 ? 68  PRO A C   1 
ATOM   460 O  O   . PRO A 1 68  ? -4.362  0.909   -18.423 1.00 24.40 ? 68  PRO A O   1 
ATOM   461 C  CB  . PRO A 1 68  ? -4.268  -2.248  -18.986 1.00 25.37 ? 68  PRO A CB  1 
ATOM   462 C  CG  . PRO A 1 68  ? -3.254  -3.111  -18.337 1.00 24.86 ? 68  PRO A CG  1 
ATOM   463 C  CD  . PRO A 1 68  ? -2.130  -2.253  -17.870 1.00 25.76 ? 68  PRO A CD  1 
ATOM   464 N  N   . GLU A 1 69  ? -5.147  0.409   -20.452 1.00 26.53 ? 69  GLU A N   1 
ATOM   465 C  CA  . GLU A 1 69  ? -6.190  1.407   -20.429 1.00 28.06 ? 69  GLU A CA  1 
ATOM   466 C  C   . GLU A 1 69  ? -7.049  1.283   -19.161 1.00 26.20 ? 69  GLU A C   1 
ATOM   467 O  O   . GLU A 1 69  ? -7.438  0.179   -18.784 1.00 25.32 ? 69  GLU A O   1 
ATOM   468 C  CB  . GLU A 1 69  ? -7.057  1.235   -21.680 1.00 32.45 ? 69  GLU A CB  1 
ATOM   469 C  CG  . GLU A 1 69  ? -8.102  2.302   -21.884 1.00 38.52 ? 69  GLU A CG  1 
ATOM   470 C  CD  . GLU A 1 69  ? -8.843  2.128   -23.197 1.00 42.44 ? 69  GLU A CD  1 
ATOM   471 O  OE1 . GLU A 1 69  ? -8.763  1.026   -23.811 1.00 45.41 ? 69  GLU A OE1 1 
ATOM   472 O  OE2 . GLU A 1 69  ? -9.518  3.097   -23.618 1.00 44.60 ? 69  GLU A OE2 1 
ATOM   473 N  N   . GLY A 1 70  ? -7.286  2.419   -18.496 1.00 23.42 ? 70  GLY A N   1 
ATOM   474 C  CA  . GLY A 1 70  ? -8.241  2.504   -17.395 1.00 21.51 ? 70  GLY A CA  1 
ATOM   475 C  C   . GLY A 1 70  ? -7.689  2.019   -16.067 1.00 21.03 ? 70  GLY A C   1 
ATOM   476 O  O   . GLY A 1 70  ? -8.422  2.011   -15.067 1.00 19.95 ? 70  GLY A O   1 
ATOM   477 N  N   . MET A 1 71  ? -6.411  1.603   -16.078 1.00 20.99 ? 71  MET A N   1 
ATOM   478 C  CA  . MET A 1 71  ? -5.741  1.005   -14.914 1.00 20.89 ? 71  MET A CA  1 
ATOM   479 C  C   . MET A 1 71  ? -4.539  1.852   -14.532 1.00 20.85 ? 71  MET A C   1 
ATOM   480 O  O   . MET A 1 71  ? -3.838  2.397   -15.399 1.00 22.03 ? 71  MET A O   1 
ATOM   481 C  CB  . MET A 1 71  ? -5.245  -0.434  -15.221 1.00 19.41 ? 71  MET A CB  1 
ATOM   482 C  CG  . MET A 1 71  ? -6.348  -1.440  -15.588 1.00 20.96 ? 71  MET A CG  1 
ATOM   483 S  SD  . MET A 1 71  ? -7.599  -1.592  -14.268 1.00 24.39 ? 71  MET A SD  1 
ATOM   484 C  CE  . MET A 1 71  ? -9.037  -1.848  -15.115 1.00 21.03 ? 71  MET A CE  1 
ATOM   485 N  N   . MET A 1 72  ? -4.217  1.827   -13.246 1.00 19.04 ? 72  MET A N   1 
ATOM   486 C  CA  . MET A 1 72  ? -3.004  2.448   -12.745 1.00 19.78 ? 72  MET A CA  1 
ATOM   487 C  C   . MET A 1 72  ? -2.348  1.555   -11.700 1.00 19.95 ? 72  MET A C   1 
ATOM   488 O  O   . MET A 1 72  ? -2.990  0.650   -11.131 1.00 16.55 ? 72  MET A O   1 
ATOM   489 C  CB  . MET A 1 72  ? -3.317  3.812   -12.121 1.00 20.33 ? 72  MET A CB  1 
ATOM   490 C  CG  . MET A 1 72  ? -4.248  3.732   -10.932 1.00 21.43 ? 72  MET A CG  1 
ATOM   491 S  SD  . MET A 1 72  ? -4.765  5.335   -10.404 1.00 24.89 ? 72  MET A SD  1 
ATOM   492 C  CE  . MET A 1 72  ? -3.353  5.845   -9.545  1.00 24.84 ? 72  MET A CE  1 
ATOM   493 N  N   . CYS A 1 73  ? -1.115  1.922   -11.365 1.00 18.55 ? 73  CYS A N   1 
ATOM   494 C  CA  . CYS A 1 73  ? -0.300  1.172   -10.430 1.00 18.70 ? 73  CYS A CA  1 
ATOM   495 C  C   . CYS A 1 73  ? -0.947  1.104   -9.055  1.00 19.86 ? 73  CYS A C   1 
ATOM   496 O  O   . CYS A 1 73  ? -1.500  2.094   -8.555  1.00 19.56 ? 73  CYS A O   1 
ATOM   497 C  CB  . CYS A 1 73  ? 1.066   1.842   -10.294 1.00 18.94 ? 73  CYS A CB  1 
ATOM   498 S  SG  . CYS A 1 73  ? 2.032   1.772   -11.826 1.00 20.08 ? 73  CYS A SG  1 
ATOM   499 N  N   . SER A 1 74  ? -0.757  -0.026  -8.398  1.00 17.77 ? 74  SER A N   1 
ATOM   500 C  CA  . SER A 1 74  ? -0.981  -0.106  -6.956  1.00 17.90 ? 74  SER A CA  1 
ATOM   501 C  C   . SER A 1 74  ? 0.362   0.073   -6.303  1.00 17.16 ? 74  SER A C   1 
ATOM   502 O  O   . SER A 1 74  ? 1.297   -0.667  -6.621  1.00 20.57 ? 74  SER A O   1 
ATOM   503 C  CB  . SER A 1 74  ? -1.553  -1.481  -6.568  1.00 16.97 ? 74  SER A CB  1 
ATOM   504 O  OG  . SER A 1 74  ? -1.554  -1.602  -5.158  1.00 17.64 ? 74  SER A OG  1 
ATOM   505 N  N   . ARG A 1 75  ? 0.437   0.988   -5.345  1.00 18.71 ? 75  ARG A N   1 
ATOM   506 C  CA  . ARG A 1 75  ? 1.626   1.170   -4.535  1.00 20.83 ? 75  ARG A CA  1 
ATOM   507 C  C   . ARG A 1 75  ? 1.848   -0.019  -3.612  1.00 21.87 ? 75  ARG A C   1 
ATOM   508 O  O   . ARG A 1 75  ? 2.910   -0.116  -2.980  1.00 22.52 ? 75  ARG A O   1 
ATOM   509 C  CB  . ARG A 1 75  ? 1.512   2.433   -3.668  1.00 25.82 ? 75  ARG A CB  1 
ATOM   510 C  CG  . ARG A 1 75  ? 1.706   3.797   -4.394  1.00 32.71 ? 75  ARG A CG  1 
ATOM   511 C  CD  . ARG A 1 75  ? 0.934   4.883   -3.631  1.00 39.42 ? 75  ARG A CD  1 
ATOM   512 N  NE  . ARG A 1 75  ? 0.567   6.055   -4.438  1.00 45.96 ? 75  ARG A NE  1 
ATOM   513 C  CZ  . ARG A 1 75  ? -0.341  6.073   -5.426  1.00 48.02 ? 75  ARG A CZ  1 
ATOM   514 N  NH1 . ARG A 1 75  ? -1.013  4.968   -5.776  1.00 50.03 ? 75  ARG A NH1 1 
ATOM   515 N  NH2 . ARG A 1 75  ? -0.516  7.194   -6.123  1.00 48.56 ? 75  ARG A NH2 1 
ATOM   516 N  N   . LEU A 1 76  ? 0.800   -0.814  -3.379  1.00 19.18 ? 76  LEU A N   1 
ATOM   517 C  CA  . LEU A 1 76  ? 0.955   -2.022  -2.597  1.00 15.77 ? 76  LEU A CA  1 
ATOM   518 C  C   . LEU A 1 76  ? 1.688   -3.101  -3.391  1.00 15.87 ? 76  LEU A C   1 
ATOM   519 O  O   . LEU A 1 76  ? 2.570   -3.796  -2.872  1.00 16.15 ? 76  LEU A O   1 
ATOM   520 C  CB  . LEU A 1 76  ? -0.411  -2.543  -2.136  1.00 14.31 ? 76  LEU A CB  1 
ATOM   521 C  CG  . LEU A 1 76  ? -0.353  -3.660  -1.069  1.00 11.80 ? 76  LEU A CG  1 
ATOM   522 C  CD1 . LEU A 1 76  ? 0.348   -3.155  0.200   1.00 10.20 ? 76  LEU A CD1 1 
ATOM   523 C  CD2 . LEU A 1 76  ? -1.792  -4.140  -0.755  1.00 13.06 ? 76  LEU A CD2 1 
ATOM   524 N  N   . THR A 1 77  ? 1.268   -3.313  -4.630  1.00 16.76 ? 77  THR A N   1 
ATOM   525 C  CA  . THR A 1 77  ? 1.778   -4.436  -5.411  1.00 15.45 ? 77  THR A CA  1 
ATOM   526 C  C   . THR A 1 77  ? 2.789   -4.030  -6.505  1.00 16.10 ? 77  THR A C   1 
ATOM   527 O  O   . THR A 1 77  ? 3.311   -4.899  -7.191  1.00 16.91 ? 77  THR A O   1 
ATOM   528 C  CB  . THR A 1 77  ? 0.639   -5.185  -6.105  1.00 16.06 ? 77  THR A CB  1 
ATOM   529 O  OG1 . THR A 1 77  ? 0.020   -4.312  -7.063  1.00 15.88 ? 77  THR A OG1 1 
ATOM   530 C  CG2 . THR A 1 77  ? -0.430  -5.669  -5.069  1.00 15.12 ? 77  THR A CG2 1 
ATOM   531 N  N   . ASN A 1 78  ? 2.847   -2.728  -6.804  1.00 17.85 ? 78  ASN A N   1 
ATOM   532 C  CA  . ASN A 1 78  ? 3.572   -2.188  -7.972  1.00 19.51 ? 78  ASN A CA  1 
ATOM   533 C  C   . ASN A 1 78  ? 3.175   -2.876  -9.274  1.00 20.94 ? 78  ASN A C   1 
ATOM   534 O  O   . ASN A 1 78  ? 3.992   -3.020  -10.191 1.00 20.68 ? 78  ASN A O   1 
ATOM   535 C  CB  . ASN A 1 78  ? 5.094   -2.291  -7.777  1.00 19.02 ? 78  ASN A CB  1 
ATOM   536 C  CG  . ASN A 1 78  ? 5.650   -1.145  -6.969  1.00 20.57 ? 78  ASN A CG  1 
ATOM   537 O  OD1 . ASN A 1 78  ? 4.971   -0.158  -6.708  1.00 22.47 ? 78  ASN A OD1 1 
ATOM   538 N  ND2 . ASN A 1 78  ? 6.895   -1.266  -6.562  1.00 24.72 ? 78  ASN A ND2 1 
ATOM   539 N  N   . LYS A 1 79  ? 1.908   -3.269  -9.367  1.00 20.34 ? 79  LYS A N   1 
ATOM   540 C  CA  . LYS A 1 79  ? 1.344   -3.767  -10.623 1.00 19.81 ? 79  LYS A CA  1 
ATOM   541 C  C   . LYS A 1 79  ? 0.157   -2.887  -10.946 1.00 16.56 ? 79  LYS A C   1 
ATOM   542 O  O   . LYS A 1 79  ? -0.299  -2.125  -10.091 1.00 15.41 ? 79  LYS A O   1 
ATOM   543 C  CB  . LYS A 1 79  ? 0.883   -5.232  -10.494 1.00 21.60 ? 79  LYS A CB  1 
ATOM   544 C  CG  . LYS A 1 79  ? 2.006   -6.170  -10.195 1.00 25.35 ? 79  LYS A CG  1 
ATOM   545 C  CD  . LYS A 1 79  ? 1.516   -7.605  -10.037 1.00 30.60 ? 79  LYS A CD  1 
ATOM   546 C  CE  . LYS A 1 79  ? 2.687   -8.584  -10.276 1.00 33.70 ? 79  LYS A CE  1 
ATOM   547 N  NZ  . LYS A 1 79  ? 2.357   -10.029 -9.956  1.00 37.85 ? 79  LYS A NZ  1 
ATOM   548 N  N   . CYS A 1 80  ? -0.340  -3.001  -12.173 1.00 15.11 ? 80  CYS A N   1 
ATOM   549 C  CA  . CYS A 1 80  ? -1.375  -2.119  -12.670 1.00 15.01 ? 80  CYS A CA  1 
ATOM   550 C  C   . CYS A 1 80  ? -2.726  -2.634  -12.248 1.00 13.47 ? 80  CYS A C   1 
ATOM   551 O  O   . CYS A 1 80  ? -3.573  -2.969  -13.073 1.00 15.31 ? 80  CYS A O   1 
ATOM   552 C  CB  . CYS A 1 80  ? -1.255  -1.978  -14.208 1.00 17.57 ? 80  CYS A CB  1 
ATOM   553 S  SG  . CYS A 1 80  ? 0.280   -1.128  -14.733 1.00 19.70 ? 80  CYS A SG  1 
ATOM   554 N  N   . ASP A 1 81  ? -2.939  -2.666  -10.937 1.00 15.46 ? 81  ASP A N   1 
ATOM   555 C  CA  . ASP A 1 81  ? -4.073  -3.376  -10.342 1.00 14.87 ? 81  ASP A CA  1 
ATOM   556 C  C   . ASP A 1 81  ? -5.323  -2.522  -10.155 1.00 14.49 ? 81  ASP A C   1 
ATOM   557 O  O   . ASP A 1 81  ? -6.418  -3.051  -10.001 1.00 16.44 ? 81  ASP A O   1 
ATOM   558 C  CB  . ASP A 1 81  ? -3.651  -3.972  -8.990  1.00 15.74 ? 81  ASP A CB  1 
ATOM   559 C  CG  . ASP A 1 81  ? -2.859  -5.276  -9.134  1.00 17.42 ? 81  ASP A CG  1 
ATOM   560 O  OD1 . ASP A 1 81  ? -3.076  -6.048  -10.094 1.00 19.53 ? 81  ASP A OD1 1 
ATOM   561 O  OD2 . ASP A 1 81  ? -1.987  -5.529  -8.279  1.00 18.40 ? 81  ASP A OD2 1 
ATOM   562 N  N   . CYS A 1 82  ? -5.151  -1.208  -10.044 1.00 14.91 ? 82  CYS A N   1 
ATOM   563 C  CA  . CYS A 1 82  ? -6.245  -0.325  -9.668  1.00 15.36 ? 82  CYS A CA  1 
ATOM   564 C  C   . CYS A 1 82  ? -6.920  0.355   -10.842 1.00 18.38 ? 82  CYS A C   1 
ATOM   565 O  O   . CYS A 1 82  ? -6.266  0.790   -11.786 1.00 18.82 ? 82  CYS A O   1 
ATOM   566 C  CB  . CYS A 1 82  ? -5.768  0.743   -8.693  1.00 13.93 ? 82  CYS A CB  1 
ATOM   567 S  SG  . CYS A 1 82  ? -4.867  0.098   -7.257  1.00 15.00 ? 82  CYS A SG  1 
ATOM   568 N  N   . LYS A 1 83  ? -8.245  0.393   -10.800 1.00 19.57 ? 83  LYS A N   1 
ATOM   569 C  CA  . LYS A 1 83  ? -9.009  1.240   -11.697 1.00 19.87 ? 83  LYS A CA  1 
ATOM   570 C  C   . LYS A 1 83  ? -8.587  2.691   -11.457 1.00 20.72 ? 83  LYS A C   1 
ATOM   571 O  O   . LYS A 1 83  ? -8.637  3.171   -10.304 1.00 18.98 ? 83  LYS A O   1 
ATOM   572 C  CB  . LYS A 1 83  ? -10.482 1.117   -11.379 1.00 21.64 ? 83  LYS A CB  1 
ATOM   573 C  CG  . LYS A 1 83  ? -11.165 -0.078  -11.974 1.00 25.18 ? 83  LYS A CG  1 
ATOM   574 C  CD  . LYS A 1 83  ? -12.645 0.230   -12.069 1.00 27.23 ? 83  LYS A CD  1 
ATOM   575 C  CE  . LYS A 1 83  ? -13.468 -1.009  -11.950 1.00 30.53 ? 83  LYS A CE  1 
ATOM   576 N  NZ  . LYS A 1 83  ? -13.442 -1.663  -13.258 1.00 34.46 ? 83  LYS A NZ  1 
ATOM   577 N  N   . ILE A 1 84  ? -8.346  3.420   -12.549 1.00 18.72 ? 84  ILE A N   1 
ATOM   578 C  CA  . ILE A 1 84  ? -8.108  4.869   -12.473 1.00 18.56 ? 84  ILE A CA  1 
ATOM   579 C  C   . ILE A 1 84  ? -9.344  5.635   -12.003 1.00 18.06 ? 84  ILE A C   1 
ATOM   580 O  O   . ILE A 1 84  ? -9.254  6.504   -11.125 1.00 18.60 ? 84  ILE A O   1 
ATOM   581 C  CB  . ILE A 1 84  ? -7.661  5.431   -13.831 1.00 18.26 ? 84  ILE A CB  1 
ATOM   582 C  CG1 . ILE A 1 84  ? -6.322  4.809   -14.221 1.00 17.57 ? 84  ILE A CG1 1 
ATOM   583 C  CG2 . ILE A 1 84  ? -7.546  6.975   -13.743 1.00 19.69 ? 84  ILE A CG2 1 
ATOM   584 C  CD1 . ILE A 1 84  ? -5.811  5.247   -15.624 1.00 20.01 ? 84  ILE A CD1 1 
ATOM   585 N  N   . ASP A 1 85  ? -10.503 5.262   -12.552 1.00 18.66 ? 85  ASP A N   1 
ATOM   586 C  CA  . ASP A 1 85  ? -11.772 5.868   -12.191 1.00 20.09 ? 85  ASP A CA  1 
ATOM   587 C  C   . ASP A 1 85  ? -12.699 4.795   -11.595 1.00 22.55 ? 85  ASP A C   1 
ATOM   588 O  O   . ASP A 1 85  ? -13.267 3.981   -12.314 1.00 23.33 ? 85  ASP A O   1 
ATOM   589 C  CB  . ASP A 1 85  ? -12.434 6.485   -13.431 1.00 21.77 ? 85  ASP A CB  1 
ATOM   590 C  CG  . ASP A 1 85  ? -13.561 7.479   -13.080 1.00 22.90 ? 85  ASP A CG  1 
ATOM   591 O  OD1 . ASP A 1 85  ? -14.012 7.536   -11.905 1.00 22.21 ? 85  ASP A OD1 1 
ATOM   592 O  OD2 . ASP A 1 85  ? -13.989 8.230   -13.989 1.00 23.12 ? 85  ASP A OD2 1 
ATOM   593 N  N   . ILE A 1 86  ? -12.930 4.877   -10.294 1.00 21.80 ? 86  ILE A N   1 
ATOM   594 C  CA  . ILE A 1 86  ? -13.906 4.022   -9.636  1.00 23.44 ? 86  ILE A CA  1 
ATOM   595 C  C   . ILE A 1 86  ? -15.296 4.664   -9.587  1.00 25.37 ? 86  ILE A C   1 
ATOM   596 O  O   . ILE A 1 86  ? -16.214 4.083   -9.011  1.00 27.20 ? 86  ILE A O   1 
ATOM   597 C  CB  . ILE A 1 86  ? -13.418 3.653   -8.190  1.00 23.32 ? 86  ILE A CB  1 
ATOM   598 C  CG1 . ILE A 1 86  ? -13.329 4.900   -7.311  1.00 21.40 ? 86  ILE A CG1 1 
ATOM   599 C  CG2 . ILE A 1 86  ? -12.027 2.992   -8.268  1.00 22.62 ? 86  ILE A CG2 1 
ATOM   600 C  CD1 . ILE A 1 86  ? -13.289 4.595   -5.799  1.00 22.76 ? 86  ILE A CD1 1 
ATOM   601 N  N   . ASN A 1 87  ? -15.457 5.819   -10.249 1.00 26.36 ? 87  ASN A N   1 
ATOM   602 C  CA  . ASN A 1 87  ? -16.709 6.608   -10.269 1.00 25.78 ? 87  ASN A CA  1 
ATOM   603 C  C   . ASN A 1 87  ? -17.476 6.518   -8.986  1.00 25.48 ? 87  ASN A C   1 
ATOM   604 O  O   . ASN A 1 87  ? -18.562 5.961   -8.954  1.00 26.83 ? 87  ASN A O   1 
ATOM   605 C  CB  . ASN A 1 87  ? -17.632 6.185   -11.410 1.00 27.70 ? 87  ASN A CB  1 
ATOM   606 C  CG  . ASN A 1 87  ? -18.793 7.187   -11.654 1.00 30.06 ? 87  ASN A CG  1 
ATOM   607 O  OD1 . ASN A 1 87  ? -18.700 8.409   -11.396 1.00 27.32 ? 87  ASN A OD1 1 
ATOM   608 N  ND2 . ASN A 1 87  ? -19.888 6.655   -12.177 1.00 31.08 ? 87  ASN A ND2 1 
ATOM   609 N  N   . CYS A 1 88  ? -16.932 7.125   -7.944  1.00 23.77 ? 88  CYS A N   1 
ATOM   610 C  CA  . CYS A 1 88  ? -17.475 6.990   -6.619  1.00 23.39 ? 88  CYS A CA  1 
ATOM   611 C  C   . CYS A 1 88  ? -17.733 8.397   -6.111  1.00 24.68 ? 88  CYS A C   1 
ATOM   612 O  O   . CYS A 1 88  ? -16.812 9.219   -6.060  1.00 24.89 ? 88  CYS A O   1 
ATOM   613 C  CB  . CYS A 1 88  ? -16.454 6.294   -5.709  1.00 23.65 ? 88  CYS A CB  1 
ATOM   614 S  SG  . CYS A 1 88  ? -17.145 5.896   -4.085  1.00 23.92 ? 88  CYS A SG  1 
ATOM   615 N  N   . ARG A 1 89  ? -18.970 8.665   -5.703  1.00 25.91 ? 89  ARG A N   1 
ATOM   616 C  CA  . ARG A 1 89  ? -19.324 9.964   -5.160  1.00 26.48 ? 89  ARG A CA  1 
ATOM   617 C  C   . ARG A 1 89  ? -19.814 9.881   -3.717  1.00 27.86 ? 89  ARG A C   1 
ATOM   618 O  O   . ARG A 1 89  ? -20.404 10.846  -3.186  1.00 27.70 ? 89  ARG A O   1 
ATOM   619 C  CB  . ARG A 1 89  ? -20.357 10.634  -6.071  1.00 26.69 ? 89  ARG A CB  1 
ATOM   620 C  CG  . ARG A 1 89  ? -19.788 10.998  -7.458  1.00 26.93 ? 89  ARG A CG  1 
ATOM   621 C  CD  . ARG A 1 89  ? -18.483 11.808  -7.359  1.00 27.01 ? 89  ARG A CD  1 
ATOM   622 N  NE  . ARG A 1 89  ? -17.917 12.133  -8.676  1.00 27.90 ? 89  ARG A NE  1 
ATOM   623 C  CZ  . ARG A 1 89  ? -16.873 11.517  -9.228  1.00 29.28 ? 89  ARG A CZ  1 
ATOM   624 N  NH1 . ARG A 1 89  ? -16.252 10.551  -8.553  1.00 26.10 ? 89  ARG A NH1 1 
ATOM   625 N  NH2 . ARG A 1 89  ? -16.412 11.909  -10.428 1.00 28.70 ? 89  ARG A NH2 1 
ATOM   626 N  N   . LYS A 1 90  ? -19.351 8.845   -3.015  1.00 27.34 ? 90  LYS A N   1 
ATOM   627 C  CA  . LYS A 1 90  ? -19.627 8.729   -1.575  1.00 27.92 ? 90  LYS A CA  1 
ATOM   628 C  C   . LYS A 1 90  ? -18.781 9.623   -0.712  1.00 28.28 ? 90  LYS A C   1 
ATOM   629 O  O   . LYS A 1 90  ? -17.568 9.746   -0.893  1.00 28.23 ? 90  LYS A O   1 
ATOM   630 C  CB  . LYS A 1 90  ? -19.450 7.294   -1.067  1.00 27.99 ? 90  LYS A CB  1 
ATOM   631 C  CG  . LYS A 1 90  ? -20.395 6.305   -1.731  1.00 28.49 ? 90  LYS A CG  1 
ATOM   632 C  CD  . LYS A 1 90  ? -20.198 4.900   -1.249  1.00 29.09 ? 90  LYS A CD  1 
ATOM   633 C  CE  . LYS A 1 90  ? -21.257 4.082   -1.909  1.00 31.39 ? 90  LYS A CE  1 
ATOM   634 N  NZ  . LYS A 1 90  ? -21.183 2.689   -1.495  1.00 35.71 ? 90  LYS A NZ  1 
ATOM   635 N  N   . THR A 1 91  ? -19.414 10.083  0.356   1.00 30.03 ? 91  THR A N   1 
ATOM   636 C  CA  . THR A 1 91  ? -18.724 10.751  1.434   1.00 31.81 ? 91  THR A CA  1 
ATOM   637 C  C   . THR A 1 91  ? -18.654 9.760   2.604   1.00 33.24 ? 91  THR A C   1 
ATOM   638 O  O   . THR A 1 91  ? -19.616 9.045   2.929   1.00 32.64 ? 91  THR A O   1 
ATOM   639 C  CB  . THR A 1 91  ? -19.491 12.060  1.830   1.00 33.33 ? 91  THR A CB  1 
ATOM   640 O  OG1 . THR A 1 91  ? -19.587 12.917  0.672   1.00 34.68 ? 91  THR A OG1 1 
ATOM   641 C  CG2 . THR A 1 91  ? -18.773 12.804  2.975   1.00 32.61 ? 91  THR A CG2 1 
ATOM   642 N  N   . CYS A 1 92  ? -17.457 9.628   3.141   1.00 35.96 ? 92  CYS A N   1 
ATOM   643 C  CA  . CYS A 1 92  ? -17.184 8.666   4.186   1.00 37.51 ? 92  CYS A CA  1 
ATOM   644 C  C   . CYS A 1 92  ? -16.335 9.446   5.196   1.00 40.78 ? 92  CYS A C   1 
ATOM   645 O  O   . CYS A 1 92  ? -15.529 10.277  4.790   1.00 40.92 ? 92  CYS A O   1 
ATOM   646 C  CB  . CYS A 1 92  ? -16.394 7.483   3.593   1.00 34.47 ? 92  CYS A CB  1 
ATOM   647 S  SG  . CYS A 1 92  ? -17.109 6.684   2.098   1.00 29.23 ? 92  CYS A SG  1 
ATOM   648 N  N   . PRO A 1 93  ? -16.590 9.276   6.520   1.00 44.32 ? 93  PRO A N   1 
ATOM   649 C  CA  . PRO A 1 93  ? -15.659 9.695   7.586   1.00 45.20 ? 93  PRO A CA  1 
ATOM   650 C  C   . PRO A 1 93  ? -14.340 8.917   7.593   1.00 47.18 ? 93  PRO A C   1 
ATOM   651 O  O   . PRO A 1 93  ? -13.257 9.508   7.687   1.00 48.43 ? 93  PRO A O   1 
ATOM   652 C  CB  . PRO A 1 93  ? -16.448 9.424   8.855   1.00 45.30 ? 93  PRO A CB  1 
ATOM   653 C  CG  . PRO A 1 93  ? -17.314 8.224   8.491   1.00 45.41 ? 93  PRO A CG  1 
ATOM   654 C  CD  . PRO A 1 93  ? -17.760 8.569   7.079   1.00 45.07 ? 93  PRO A CD  1 
ATOM   655 N  N   . ASN A 1 94  ? -14.439 7.587   7.555   1.00 47.99 ? 94  ASN A N   1 
ATOM   656 C  CA  . ASN A 1 94  ? -13.252 6.732   7.571   1.00 47.78 ? 94  ASN A CA  1 
ATOM   657 C  C   . ASN A 1 94  ? -12.548 6.706   6.221   1.00 44.50 ? 94  ASN A C   1 
ATOM   658 O  O   . ASN A 1 94  ? -11.535 6.025   6.072   1.00 46.11 ? 94  ASN A O   1 
ATOM   659 C  CB  . ASN A 1 94  ? -13.618 5.288   7.922   1.00 50.14 ? 94  ASN A CB  1 
ATOM   660 C  CG  . ASN A 1 94  ? -13.851 5.074   9.401   1.00 52.15 ? 94  ASN A CG  1 
ATOM   661 O  OD1 . ASN A 1 94  ? -13.733 6.003   10.211  1.00 53.37 ? 94  ASN A OD1 1 
ATOM   662 N  ND2 . ASN A 1 94  ? -14.182 3.833   9.766   1.00 50.78 ? 94  ASN A ND2 1 
ATOM   663 N  N   . GLY A 1 95  ? -13.179 7.281   5.205   1.00 40.31 ? 95  GLY A N   1 
ATOM   664 C  CA  . GLY A 1 95  ? -12.659 7.126   3.856   1.00 34.85 ? 95  GLY A CA  1 
ATOM   665 C  C   . GLY A 1 95  ? -13.011 5.775   3.256   1.00 30.97 ? 95  GLY A C   1 
ATOM   666 O  O   . GLY A 1 95  ? -13.607 4.903   3.929   1.00 31.48 ? 95  GLY A O   1 
ATOM   667 N  N   . LEU A 1 96  ? -12.588 5.571   2.015   1.00 24.60 ? 96  LEU A N   1 
ATOM   668 C  CA  . LEU A 1 96  ? -13.015 4.417   1.233   1.00 23.17 ? 96  LEU A CA  1 
ATOM   669 C  C   . LEU A 1 96  ? -12.246 3.112   1.587   1.00 21.96 ? 96  LEU A C   1 
ATOM   670 O  O   . LEU A 1 96  ? -11.039 3.118   1.902   1.00 21.97 ? 96  LEU A O   1 
ATOM   671 C  CB  . LEU A 1 96  ? -12.853 4.714   -0.277  1.00 23.97 ? 96  LEU A CB  1 
ATOM   672 C  CG  . LEU A 1 96  ? -13.728 5.758   -1.017  1.00 23.71 ? 96  LEU A CG  1 
ATOM   673 C  CD1 . LEU A 1 96  ? -13.202 5.946   -2.417  1.00 21.83 ? 96  LEU A CD1 1 
ATOM   674 C  CD2 . LEU A 1 96  ? -15.205 5.350   -1.043  1.00 21.85 ? 96  LEU A CD2 1 
ATOM   675 N  N   . LYS A 1 97  ? -12.915 1.986   1.399   1.00 20.65 ? 97  LYS A N   1 
ATOM   676 C  CA  . LYS A 1 97  ? -12.266 0.691   1.604   1.00 19.97 ? 97  LYS A CA  1 
ATOM   677 C  C   . LYS A 1 97  ? -11.184 0.498   0.545   1.00 17.29 ? 97  LYS A C   1 
ATOM   678 O  O   . LYS A 1 97  ? -11.354 0.911   -0.601  1.00 17.42 ? 97  LYS A O   1 
ATOM   679 C  CB  . LYS A 1 97  ? -13.288 -0.459  1.494   1.00 19.31 ? 97  LYS A CB  1 
ATOM   680 C  CG  . LYS A 1 97  ? -14.312 -0.527  2.626   1.00 21.30 ? 97  LYS A CG  1 
ATOM   681 C  CD  . LYS A 1 97  ? -15.240 -1.752  2.434   1.00 23.16 ? 97  LYS A CD  1 
ATOM   682 C  CE  . LYS A 1 97  ? -16.317 -1.860  3.538   1.00 24.72 ? 97  LYS A CE  1 
ATOM   683 N  NZ  . LYS A 1 97  ? -17.362 -2.891  3.161   1.00 24.65 ? 97  LYS A NZ  1 
ATOM   684 N  N   . ARG A 1 98  ? -10.134 -0.236  0.907   1.00 15.50 ? 98  ARG A N   1 
ATOM   685 C  CA  . ARG A 1 98  ? -9.211  -0.811  -0.067  1.00 15.26 ? 98  ARG A CA  1 
ATOM   686 C  C   . ARG A 1 98  ? -9.387  -2.327  -0.125  1.00 14.20 ? 98  ARG A C   1 
ATOM   687 O  O   . ARG A 1 98  ? -9.770  -2.970  0.865   1.00 13.08 ? 98  ARG A O   1 
ATOM   688 C  CB  . ARG A 1 98  ? -7.753  -0.478  0.295   1.00 15.46 ? 98  ARG A CB  1 
ATOM   689 C  CG  . ARG A 1 98  ? -7.500  0.992   0.224   1.00 17.72 ? 98  ARG A CG  1 
ATOM   690 C  CD  . ARG A 1 98  ? -6.063  1.290   0.365   1.00 21.71 ? 98  ARG A CD  1 
ATOM   691 N  NE  . ARG A 1 98  ? -5.800  2.731   0.338   1.00 22.07 ? 98  ARG A NE  1 
ATOM   692 C  CZ  . ARG A 1 98  ? -5.637  3.448   -0.770  1.00 21.83 ? 98  ARG A CZ  1 
ATOM   693 N  NH1 . ARG A 1 98  ? -5.510  2.873   -1.958  1.00 19.26 ? 98  ARG A NH1 1 
ATOM   694 N  NH2 . ARG A 1 98  ? -5.520  4.759   -0.654  1.00 25.39 ? 98  ARG A NH2 1 
ATOM   695 N  N   . ASP A 1 99  ? -9.131  -2.880  -1.305  1.00 12.13 ? 99  ASP A N   1 
ATOM   696 C  CA  . ASP A 1 99  ? -9.155  -4.321  -1.499  1.00 11.32 ? 99  ASP A CA  1 
ATOM   697 C  C   . ASP A 1 99  ? -7.783  -4.957  -1.197  1.00 9.49  ? 99  ASP A C   1 
ATOM   698 O  O   . ASP A 1 99  ? -6.836  -4.292  -0.762  1.00 9.00  ? 99  ASP A O   1 
ATOM   699 C  CB  . ASP A 1 99  ? -9.674  -4.655  -2.923  1.00 8.80  ? 99  ASP A CB  1 
ATOM   700 C  CG  . ASP A 1 99  ? -8.741  -4.175  -4.068  1.00 11.33 ? 99  ASP A CG  1 
ATOM   701 O  OD1 . ASP A 1 99  ? -7.535  -3.940  -3.882  1.00 10.91 ? 99  ASP A OD1 1 
ATOM   702 O  OD2 . ASP A 1 99  ? -9.216  -4.167  -5.223  1.00 11.69 ? 99  ASP A OD2 1 
ATOM   703 N  N   . LYS A 1 100 ? -7.677  -6.257  -1.410  1.00 9.80  ? 100 LYS A N   1 
ATOM   704 C  CA  . LYS A 1 100 ? -6.451  -6.958  -1.090  1.00 10.99 ? 100 LYS A CA  1 
ATOM   705 C  C   . LYS A 1 100 ? -5.211  -6.533  -1.941  1.00 11.47 ? 100 LYS A C   1 
ATOM   706 O  O   . LYS A 1 100 ? -4.060  -6.892  -1.627  1.00 9.28  ? 100 LYS A O   1 
ATOM   707 C  CB  . LYS A 1 100 ? -6.705  -8.450  -1.241  1.00 12.55 ? 100 LYS A CB  1 
ATOM   708 C  CG  . LYS A 1 100 ? -6.869  -8.935  -2.669  1.00 16.71 ? 100 LYS A CG  1 
ATOM   709 C  CD  . LYS A 1 100 ? -6.707  -10.459 -2.706  1.00 21.19 ? 100 LYS A CD  1 
ATOM   710 C  CE  . LYS A 1 100 ? -6.741  -11.009 -4.134  1.00 24.63 ? 100 LYS A CE  1 
ATOM   711 N  NZ  . LYS A 1 100 ? -6.213  -12.412 -4.167  1.00 27.65 ? 100 LYS A NZ  1 
ATOM   712 N  N   . LEU A 1 101 ? -5.442  -5.786  -3.022  1.00 13.25 ? 101 LEU A N   1 
ATOM   713 C  CA  . LEU A 1 101 ? -4.340  -5.287  -3.853  1.00 12.04 ? 101 LEU A CA  1 
ATOM   714 C  C   . LEU A 1 101 ? -4.021  -3.845  -3.468  1.00 13.26 ? 101 LEU A C   1 
ATOM   715 O  O   . LEU A 1 101 ? -3.189  -3.197  -4.147  1.00 11.30 ? 101 LEU A O   1 
ATOM   716 C  CB  . LEU A 1 101 ? -4.704  -5.371  -5.341  1.00 11.66 ? 101 LEU A CB  1 
ATOM   717 C  CG  . LEU A 1 101 ? -5.165  -6.765  -5.822  1.00 11.99 ? 101 LEU A CG  1 
ATOM   718 C  CD1 . LEU A 1 101 ? -5.614  -6.758  -7.286  1.00 12.13 ? 101 LEU A CD1 1 
ATOM   719 C  CD2 . LEU A 1 101 ? -4.039  -7.739  -5.604  1.00 10.44 ? 101 LEU A CD2 1 
ATOM   720 N  N   . GLY A 1 102 ? -4.692  -3.359  -2.408  1.00 11.39 ? 102 GLY A N   1 
ATOM   721 C  CA  . GLY A 1 102 ? -4.508  -1.997  -1.914  1.00 13.30 ? 102 GLY A CA  1 
ATOM   722 C  C   . GLY A 1 102 ? -5.201  -0.903  -2.735  1.00 14.77 ? 102 GLY A C   1 
ATOM   723 O  O   . GLY A 1 102 ? -4.786  0.259   -2.713  1.00 14.44 ? 102 GLY A O   1 
ATOM   724 N  N   . CYS A 1 103 ? -6.249  -1.278  -3.460  1.00 15.24 ? 103 CYS A N   1 
ATOM   725 C  CA  . CYS A 1 103 ? -6.938  -0.350  -4.342  1.00 14.64 ? 103 CYS A CA  1 
ATOM   726 C  C   . CYS A 1 103 ? -8.214  0.108   -3.685  1.00 14.74 ? 103 CYS A C   1 
ATOM   727 O  O   . CYS A 1 103 ? -9.015  -0.710  -3.235  1.00 15.52 ? 103 CYS A O   1 
ATOM   728 C  CB  . CYS A 1 103 ? -7.264  -1.037  -5.673  1.00 13.79 ? 103 CYS A CB  1 
ATOM   729 S  SG  . CYS A 1 103 ? -5.849  -1.609  -6.678  1.00 14.50 ? 103 CYS A SG  1 
ATOM   730 N  N   . GLU A 1 104 ? -8.466  1.407   -3.711  1.00 14.78 ? 104 GLU A N   1 
ATOM   731 C  CA  . GLU A 1 104 ? -9.760  1.921   -3.243  1.00 16.16 ? 104 GLU A CA  1 
ATOM   732 C  C   . GLU A 1 104 ? -10.893 1.504   -4.134  1.00 15.51 ? 104 GLU A C   1 
ATOM   733 O  O   . GLU A 1 104 ? -10.736 1.398   -5.370  1.00 14.38 ? 104 GLU A O   1 
ATOM   734 C  CB  . GLU A 1 104 ? -9.754  3.451   -3.132  1.00 16.33 ? 104 GLU A CB  1 
ATOM   735 C  CG  . GLU A 1 104 ? -8.796  3.937   -2.075  1.00 18.93 ? 104 GLU A CG  1 
ATOM   736 C  CD  . GLU A 1 104 ? -8.929  5.416   -1.814  1.00 23.01 ? 104 GLU A CD  1 
ATOM   737 O  OE1 . GLU A 1 104 ? -9.048  6.169   -2.806  1.00 20.90 ? 104 GLU A OE1 1 
ATOM   738 O  OE2 . GLU A 1 104 ? -8.908  5.809   -0.622  1.00 24.00 ? 104 GLU A OE2 1 
ATOM   739 N  N   . TYR A 1 105 ? -12.030 1.220   -3.505  1.00 15.56 ? 105 TYR A N   1 
ATOM   740 C  CA  . TYR A 1 105 ? -13.259 1.030   -4.250  1.00 14.93 ? 105 TYR A CA  1 
ATOM   741 C  C   . TYR A 1 105 ? -14.405 1.653   -3.489  1.00 13.77 ? 105 TYR A C   1 
ATOM   742 O  O   . TYR A 1 105 ? -14.203 2.233   -2.428  1.00 12.32 ? 105 TYR A O   1 
ATOM   743 C  CB  . TYR A 1 105 ? -13.508 -0.462  -4.550  1.00 15.81 ? 105 TYR A CB  1 
ATOM   744 C  CG  . TYR A 1 105 ? -13.676 -1.369  -3.321  1.00 15.86 ? 105 TYR A CG  1 
ATOM   745 C  CD1 . TYR A 1 105 ? -12.565 -1.814  -2.609  1.00 15.14 ? 105 TYR A CD1 1 
ATOM   746 C  CD2 . TYR A 1 105 ? -14.945 -1.813  -2.921  1.00 15.12 ? 105 TYR A CD2 1 
ATOM   747 C  CE1 . TYR A 1 105 ? -12.706 -2.679  -1.526  1.00 15.97 ? 105 TYR A CE1 1 
ATOM   748 C  CE2 . TYR A 1 105 ? -15.085 -2.660  -1.855  1.00 15.93 ? 105 TYR A CE2 1 
ATOM   749 C  CZ  . TYR A 1 105 ? -13.967 -3.093  -1.166  1.00 16.53 ? 105 TYR A CZ  1 
ATOM   750 O  OH  . TYR A 1 105 ? -14.123 -3.966  -0.116  1.00 17.71 ? 105 TYR A OH  1 
ATOM   751 N  N   . CYS A 1 106 ? -15.546 1.734   -4.164  1.00 16.21 ? 106 CYS A N   1 
ATOM   752 C  CA  . CYS A 1 106 ? -16.638 2.598   -3.725  1.00 18.39 ? 106 CYS A CA  1 
ATOM   753 C  C   . CYS A 1 106 ? -17.511 2.015   -2.610  1.00 20.93 ? 106 CYS A C   1 
ATOM   754 O  O   . CYS A 1 106 ? -18.706 1.744   -2.806  1.00 21.10 ? 106 CYS A O   1 
ATOM   755 C  CB  . CYS A 1 106 ? -17.477 2.977   -4.935  1.00 18.98 ? 106 CYS A CB  1 
ATOM   756 S  SG  . CYS A 1 106 ? -18.469 4.453   -4.663  1.00 21.21 ? 106 CYS A SG  1 
ATOM   757 N  N   . GLU A 1 107 ? -16.898 1.884   -1.432  1.00 21.73 ? 107 GLU A N   1 
ATOM   758 C  CA  . GLU A 1 107 ? -17.554 1.485   -0.183  1.00 24.52 ? 107 GLU A CA  1 
ATOM   759 C  C   . GLU A 1 107 ? -16.827 2.162   0.980   1.00 24.36 ? 107 GLU A C   1 
ATOM   760 O  O   . GLU A 1 107 ? -15.611 2.340   0.951   1.00 23.62 ? 107 GLU A O   1 
ATOM   761 C  CB  . GLU A 1 107 ? -17.537 -0.038  0.016   1.00 22.49 ? 107 GLU A CB  1 
ATOM   762 C  CG  . GLU A 1 107 ? -18.606 -0.751  -0.765  1.00 24.89 ? 107 GLU A CG  1 
ATOM   763 C  CD  . GLU A 1 107 ? -18.483 -2.268  -0.692  1.00 27.88 ? 107 GLU A CD  1 
ATOM   764 O  OE1 . GLU A 1 107 ? -18.266 -2.777  0.437   1.00 29.38 ? 107 GLU A OE1 1 
ATOM   765 O  OE2 . GLU A 1 107 ? -18.652 -2.969  -1.739  1.00 28.69 ? 107 GLU A OE2 1 
ATOM   766 N  N   . CYS A 1 108 ? -17.603 2.722   1.905   1.00 27.54 ? 108 CYS A N   1 
ATOM   767 C  CA  . CYS A 1 108 ? -17.015 3.417   3.039   1.00 29.94 ? 108 CYS A CA  1 
ATOM   768 C  C   . CYS A 1 108 ? -16.436 2.404   3.994   1.00 31.26 ? 108 CYS A C   1 
ATOM   769 O  O   . CYS A 1 108 ? -17.057 1.357   4.247   1.00 32.69 ? 108 CYS A O   1 
ATOM   770 C  CB  . CYS A 1 108 ? -18.059 4.260   3.768   1.00 29.02 ? 108 CYS A CB  1 
ATOM   771 S  SG  . CYS A 1 108 ? -18.712 5.625   2.763   1.00 30.49 ? 108 CYS A SG  1 
ATOM   772 N  N   . ARG A 1 109 ? -15.281 2.749   4.557   1.00 32.30 ? 109 ARG A N   1 
ATOM   773 C  CA  . ARG A 1 109 ? -14.683 1.939   5.605   1.00 35.00 ? 109 ARG A CA  1 
ATOM   774 C  C   . ARG A 1 109 ? -15.624 1.951   6.779   1.00 38.01 ? 109 ARG A C   1 
ATOM   775 O  O   . ARG A 1 109 ? -16.032 3.025   7.244   1.00 38.44 ? 109 ARG A O   1 
ATOM   776 C  CB  . ARG A 1 109 ? -13.330 2.515   6.046   1.00 34.11 ? 109 ARG A CB  1 
ATOM   777 C  CG  . ARG A 1 109 ? -12.167 2.136   5.170   1.00 32.47 ? 109 ARG A CG  1 
ATOM   778 C  CD  . ARG A 1 109 ? -10.880 2.687   5.706   1.00 31.24 ? 109 ARG A CD  1 
ATOM   779 N  NE  . ARG A 1 109 ? -10.227 1.777   6.637   1.00 31.15 ? 109 ARG A NE  1 
ATOM   780 C  CZ  . ARG A 1 109 ? -8.971  1.924   7.062   1.00 32.79 ? 109 ARG A CZ  1 
ATOM   781 N  NH1 . ARG A 1 109 ? -8.227  2.930   6.601   1.00 33.27 ? 109 ARG A NH1 1 
ATOM   782 N  NH2 . ARG A 1 109 ? -8.434  1.035   7.905   1.00 32.57 ? 109 ARG A NH2 1 
ATOM   783 N  N   . PRO A 1 110 ? -15.947 0.763   7.307   1.00 41.66 ? 110 PRO A N   1 
ATOM   784 C  CA  . PRO A 1 110 ? -16.750 0.636   8.533   1.00 44.24 ? 110 PRO A CA  1 
ATOM   785 C  C   . PRO A 1 110 ? -16.002 1.226   9.728   1.00 44.42 ? 110 PRO A C   1 
ATOM   786 O  O   . PRO A 1 110 ? -16.579 2.057   10.456  1.00 44.58 ? 110 PRO A O   1 
ATOM   787 C  CB  . PRO A 1 110 ? -16.948 -0.881  8.678   1.00 43.95 ? 110 PRO A CB  1 
ATOM   788 C  CG  . PRO A 1 110 ? -16.645 -1.441  7.283   1.00 44.17 ? 110 PRO A CG  1 
ATOM   789 C  CD  . PRO A 1 110 ? -15.551 -0.550  6.780   1.00 42.88 ? 110 PRO A CD  1 
HETATM 790 CL CL  . CL  B 2 .   ? -5.755  -8.736  2.252   1.00 11.71 ? 201 CL  A CL  1 
HETATM 791 O  O   . HOH C 3 .   ? 5.254   -0.117  7.392   1.00 14.22 ? 301 HOH A O   1 
HETATM 792 O  O   . HOH C 3 .   ? -6.837  3.203   -5.569  1.00 20.62 ? 302 HOH A O   1 
HETATM 793 O  O   . HOH C 3 .   ? 13.176  -10.204 16.654  1.00 14.56 ? 303 HOH A O   1 
HETATM 794 O  O   . HOH C 3 .   ? 0.152   4.898   -11.774 1.00 10.68 ? 304 HOH A O   1 
HETATM 795 O  O   . HOH C 3 .   ? 16.012  -13.919 11.293  1.00 11.79 ? 305 HOH A O   1 
HETATM 796 O  O   . HOH C 3 .   ? -3.196  -7.765  0.759   1.00 14.49 ? 306 HOH A O   1 
HETATM 797 O  O   . HOH C 3 .   ? -9.604  -1.177  -8.750  1.00 17.69 ? 307 HOH A O   1 
HETATM 798 O  O   . HOH C 3 .   ? 11.124  -13.249 2.771   1.00 12.22 ? 308 HOH A O   1 
HETATM 799 O  O   . HOH C 3 .   ? 0.827   -0.464  11.984  1.00 22.93 ? 309 HOH A O   1 
HETATM 800 O  O   . HOH C 3 .   ? -6.233  4.891   -19.199 1.00 23.07 ? 310 HOH A O   1 
HETATM 801 O  O   . HOH C 3 .   ? -4.785  -1.372  -23.012 1.00 25.81 ? 311 HOH A O   1 
HETATM 802 O  O   . HOH C 3 .   ? 9.012   -1.158  10.646  1.00 42.53 ? 312 HOH A O   1 
HETATM 803 O  O   . HOH C 3 .   ? -14.490 8.442   -9.329  1.00 30.83 ? 313 HOH A O   1 
HETATM 804 O  O   . HOH C 3 .   ? -2.669  -1.599  8.789   1.00 19.92 ? 314 HOH A O   1 
HETATM 805 O  O   . HOH C 3 .   ? 16.456  -16.981 4.684   1.00 7.88  ? 315 HOH A O   1 
HETATM 806 O  O   . HOH C 3 .   ? 4.824   -6.761  13.696  1.00 10.84 ? 316 HOH A O   1 
HETATM 807 O  O   . HOH C 3 .   ? 2.605   -8.223  1.366   1.00 10.94 ? 317 HOH A O   1 
HETATM 808 O  O   . HOH C 3 .   ? -20.616 2.340   1.479   1.00 16.03 ? 318 HOH A O   1 
HETATM 809 O  O   . HOH C 3 .   ? -21.171 6.749   -5.741  1.00 22.40 ? 319 HOH A O   1 
HETATM 810 O  O   . HOH C 3 .   ? -11.585 -0.227  -7.313  1.00 33.15 ? 320 HOH A O   1 
HETATM 811 O  O   . HOH C 3 .   ? 5.074   1.265   -4.124  1.00 33.27 ? 321 HOH A O   1 
HETATM 812 O  O   . HOH C 3 .   ? 14.241  -10.025 -2.640  1.00 41.69 ? 322 HOH A O   1 
HETATM 813 O  O   . HOH C 3 .   ? 4.138   -7.411  -6.809  1.00 26.84 ? 323 HOH A O   1 
HETATM 814 O  O   . HOH C 3 .   ? -15.950 0.539   -6.799  1.00 18.53 ? 324 HOH A O   1 
HETATM 815 O  O   . HOH C 3 .   ? 10.339  -5.151  4.020   1.00 18.40 ? 325 HOH A O   1 
HETATM 816 O  O   . HOH C 3 .   ? 10.100  -7.574  -1.853  1.00 38.23 ? 326 HOH A O   1 
HETATM 817 O  O   . HOH C 3 .   ? 6.865   -16.171 5.763   1.00 18.42 ? 327 HOH A O   1 
HETATM 818 O  O   . HOH C 3 .   ? 11.572  -16.228 3.480   1.00 20.39 ? 328 HOH A O   1 
HETATM 819 O  O   . HOH C 3 .   ? -2.333  -8.599  -2.447  1.00 37.47 ? 329 HOH A O   1 
HETATM 820 O  O   . HOH C 3 .   ? 9.867   3.452   8.049   1.00 22.76 ? 330 HOH A O   1 
HETATM 821 O  O   . HOH C 3 .   ? 3.232   2.443   -7.442  1.00 38.32 ? 331 HOH A O   1 
HETATM 822 O  O   . HOH C 3 .   ? -3.610  8.696   -15.519 1.00 23.60 ? 332 HOH A O   1 
HETATM 823 O  O   . HOH C 3 .   ? -12.427 -4.302  2.047   1.00 27.92 ? 333 HOH A O   1 
HETATM 824 O  O   . HOH C 3 .   ? -15.571 -4.840  4.600   1.00 33.33 ? 334 HOH A O   1 
HETATM 825 O  O   . HOH C 3 .   ? 7.444   -4.828  2.577   1.00 25.03 ? 335 HOH A O   1 
HETATM 826 O  O   . HOH C 3 .   ? -20.569 10.386  -11.169 1.00 54.65 ? 336 HOH A O   1 
HETATM 827 O  O   . HOH C 3 .   ? -1.453  3.583   8.302   1.00 18.45 ? 337 HOH A O   1 
HETATM 828 O  O   . HOH C 3 .   ? -2.107  1.554   -3.881  1.00 30.81 ? 338 HOH A O   1 
HETATM 829 O  O   . HOH C 3 .   ? 1.664   -4.342  -14.165 1.00 24.31 ? 339 HOH A O   1 
HETATM 830 O  O   . HOH C 3 .   ? -8.435  -3.831  -7.854  1.00 22.75 ? 340 HOH A O   1 
HETATM 831 O  O   . HOH C 3 .   ? 14.437  -8.210  6.840   1.00 23.86 ? 341 HOH A O   1 
HETATM 832 O  O   . HOH C 3 .   ? -3.852  3.533   -5.874  1.00 48.98 ? 342 HOH A O   1 
HETATM 833 O  O   . HOH C 3 .   ? -4.828  5.821   -2.854  1.00 26.94 ? 343 HOH A O   1 
HETATM 834 O  O   . HOH C 3 .   ? -16.425 -4.996  0.094   1.00 19.69 ? 344 HOH A O   1 
HETATM 835 O  O   . HOH C 3 .   ? -12.341 8.477   -5.262  1.00 25.99 ? 345 HOH A O   1 
HETATM 836 O  O   . HOH C 3 .   ? 11.376  -2.646  7.367   1.00 29.08 ? 346 HOH A O   1 
HETATM 837 O  O   . HOH C 3 .   ? 4.973   -18.128 6.054   1.00 25.13 ? 347 HOH A O   1 
HETATM 838 O  O   . HOH C 3 .   ? -12.931 8.370   -16.292 1.00 29.22 ? 348 HOH A O   1 
HETATM 839 O  O   . HOH C 3 .   ? 17.074  -7.073  5.501   1.00 37.55 ? 349 HOH A O   1 
HETATM 840 O  O   . HOH C 3 .   ? -10.983 6.557   -9.035  1.00 35.01 ? 350 HOH A O   1 
HETATM 841 O  O   . HOH C 3 .   ? 7.451   3.055   -8.317  1.00 45.24 ? 351 HOH A O   1 
HETATM 842 O  O   . HOH C 3 .   ? -10.637 3.312   -14.757 1.00 20.79 ? 352 HOH A O   1 
HETATM 843 O  O   . HOH C 3 .   ? -7.124  7.817   -10.191 1.00 31.57 ? 353 HOH A O   1 
HETATM 844 O  O   . HOH C 3 .   ? 4.614   11.499  7.439   1.00 22.64 ? 354 HOH A O   1 
HETATM 845 O  O   . HOH C 3 .   ? 12.075  -2.512  10.205  1.00 34.48 ? 355 HOH A O   1 
HETATM 846 O  O   . HOH C 3 .   ? -13.978 -0.565  -8.300  1.00 31.65 ? 356 HOH A O   1 
HETATM 847 O  O   . HOH C 3 .   ? 18.304  -8.497  8.167   1.00 28.14 ? 357 HOH A O   1 
HETATM 848 O  O   . HOH C 3 .   ? 3.339   -4.546  -0.242  1.00 27.36 ? 358 HOH A O   1 
HETATM 849 O  O   . HOH C 3 .   ? 13.761  -15.412 7.850   1.00 30.82 ? 359 HOH A O   1 
HETATM 850 O  O   . HOH C 3 .   ? 10.895  -1.824  13.672  1.00 51.03 ? 360 HOH A O   1 
HETATM 851 O  O   . HOH C 3 .   ? -18.698 -2.877  -4.493  1.00 48.01 ? 361 HOH A O   1 
HETATM 852 O  O   . HOH C 3 .   ? -3.319  7.528   -12.788 1.00 40.11 ? 362 HOH A O   1 
HETATM 853 O  O   . HOH C 3 .   ? -14.824 9.003   -3.782  1.00 36.50 ? 363 HOH A O   1 
HETATM 854 O  O   . HOH C 3 .   ? 16.448  -8.383  0.246   1.00 47.77 ? 364 HOH A O   1 
HETATM 855 O  O   . HOH C 3 .   ? -8.473  4.512   1.897   1.00 38.73 ? 365 HOH A O   1 
HETATM 856 O  O   . HOH C 3 .   ? 1.609   7.941   13.181  1.00 43.11 ? 366 HOH A O   1 
HETATM 857 O  O   . HOH C 3 .   ? -3.972  5.002   5.737   1.00 31.04 ? 367 HOH A O   1 
HETATM 858 O  O   . HOH C 3 .   ? 2.211   -18.193 5.726   1.00 33.88 ? 368 HOH A O   1 
HETATM 859 O  O   . HOH C 3 .   ? -1.506  -8.330  -8.135  1.00 29.52 ? 369 HOH A O   1 
HETATM 860 O  O   . HOH C 3 .   ? 4.101   -13.772 -1.993  1.00 44.09 ? 370 HOH A O   1 
HETATM 861 O  O   . HOH C 3 .   ? 9.325   -17.007 5.044   1.00 41.27 ? 371 HOH A O   1 
HETATM 862 O  O   . HOH C 3 .   ? 0.801   0.446   -21.759 1.00 38.33 ? 372 HOH A O   1 
HETATM 863 O  O   . HOH C 3 .   ? -8.723  2.155   -7.522  1.00 28.80 ? 373 HOH A O   1 
HETATM 864 O  O   . HOH C 3 .   ? 17.471  -16.107 7.240   1.00 40.11 ? 374 HOH A O   1 
HETATM 865 O  O   . HOH C 3 .   ? 10.662  -6.299  -9.988  1.00 38.93 ? 375 HOH A O   1 
HETATM 866 O  O   . HOH C 3 .   ? 13.185  -4.985  11.190  1.00 32.34 ? 376 HOH A O   1 
HETATM 867 O  O   . HOH C 3 .   ? -1.486  7.092   6.021   1.00 36.06 ? 377 HOH A O   1 
HETATM 868 O  O   . HOH C 3 .   ? 15.758  -16.076 9.242   1.00 53.55 ? 378 HOH A O   1 
HETATM 869 O  O   . HOH C 3 .   ? 5.438   -9.440  -2.607  1.00 40.76 ? 379 HOH A O   1 
HETATM 870 O  O   . HOH C 3 .   ? 8.648   7.024   20.048  1.00 40.36 ? 380 HOH A O   1 
HETATM 871 O  O   . HOH C 3 .   ? 3.979   -13.125 0.481   1.00 22.92 ? 381 HOH A O   1 
HETATM 872 O  O   . HOH C 3 .   ? 4.642   -0.963  10.157  1.00 33.97 ? 382 HOH A O   1 
HETATM 873 O  O   . HOH C 3 .   ? -11.899 -2.687  4.426   1.00 39.93 ? 383 HOH A O   1 
HETATM 874 O  O   . HOH C 3 .   ? 3.579   -4.106  13.603  1.00 37.92 ? 384 HOH A O   1 
HETATM 875 O  O   . HOH C 3 .   ? 9.717   2.744   16.993  1.00 48.74 ? 385 HOH A O   1 
HETATM 876 O  O   . HOH C 3 .   ? -6.566  -14.138 -2.187  1.00 29.64 ? 386 HOH A O   1 
HETATM 877 O  O   . HOH C 3 .   ? -3.624  -4.059  -15.543 1.00 37.88 ? 387 HOH A O   1 
HETATM 878 O  O   . HOH C 3 .   ? -20.763 7.709   5.232   1.00 49.79 ? 388 HOH A O   1 
# 
